data_1MB3
# 
_entry.id   1MB3 
# 
_audit_conform.dict_name       mmcif_pdbx.dic 
_audit_conform.dict_version    5.389 
_audit_conform.dict_location   http://mmcif.pdb.org/dictionaries/ascii/mmcif_pdbx.dic 
# 
loop_
_database_2.database_id 
_database_2.database_code 
_database_2.pdbx_database_accession 
_database_2.pdbx_DOI 
PDB   1MB3         pdb_00001mb3 10.2210/pdb1mb3/pdb 
RCSB  RCSB016797   ?            ?                   
WWPDB D_1000016797 ?            ?                   
# 
loop_
_pdbx_audit_revision_history.ordinal 
_pdbx_audit_revision_history.data_content_type 
_pdbx_audit_revision_history.major_revision 
_pdbx_audit_revision_history.minor_revision 
_pdbx_audit_revision_history.revision_date 
1 'Structure model' 1 0 2002-12-04 
2 'Structure model' 1 1 2008-04-28 
3 'Structure model' 1 2 2011-07-13 
4 'Structure model' 1 3 2017-02-01 
5 'Structure model' 1 4 2024-02-14 
6 'Structure model' 1 5 2024-04-03 
# 
_pdbx_audit_revision_details.ordinal             1 
_pdbx_audit_revision_details.revision_ordinal    1 
_pdbx_audit_revision_details.data_content_type   'Structure model' 
_pdbx_audit_revision_details.provider            repository 
_pdbx_audit_revision_details.type                'Initial release' 
_pdbx_audit_revision_details.description         ? 
_pdbx_audit_revision_details.details             ? 
# 
loop_
_pdbx_audit_revision_group.ordinal 
_pdbx_audit_revision_group.revision_ordinal 
_pdbx_audit_revision_group.data_content_type 
_pdbx_audit_revision_group.group 
1 2 'Structure model' 'Version format compliance' 
2 3 'Structure model' 'Version format compliance' 
3 4 'Structure model' 'Database references'       
4 4 'Structure model' 'Structure summary'         
5 5 'Structure model' 'Data collection'           
6 5 'Structure model' 'Database references'       
7 5 'Structure model' 'Derived calculations'      
8 6 'Structure model' 'Refinement description'    
# 
loop_
_pdbx_audit_revision_category.ordinal 
_pdbx_audit_revision_category.revision_ordinal 
_pdbx_audit_revision_category.data_content_type 
_pdbx_audit_revision_category.category 
1 5 'Structure model' chem_comp_atom                
2 5 'Structure model' chem_comp_bond                
3 5 'Structure model' database_2                    
4 5 'Structure model' pdbx_struct_conn_angle        
5 5 'Structure model' struct_conn                   
6 5 'Structure model' struct_site                   
7 6 'Structure model' pdbx_initial_refinement_model 
# 
loop_
_pdbx_audit_revision_item.ordinal 
_pdbx_audit_revision_item.revision_ordinal 
_pdbx_audit_revision_item.data_content_type 
_pdbx_audit_revision_item.item 
1  5 'Structure model' '_database_2.pdbx_DOI'                       
2  5 'Structure model' '_database_2.pdbx_database_accession'        
3  5 'Structure model' '_pdbx_struct_conn_angle.ptnr1_auth_seq_id'  
4  5 'Structure model' '_pdbx_struct_conn_angle.ptnr1_label_seq_id' 
5  5 'Structure model' '_pdbx_struct_conn_angle.ptnr3_auth_seq_id'  
6  5 'Structure model' '_pdbx_struct_conn_angle.ptnr3_label_seq_id' 
7  5 'Structure model' '_pdbx_struct_conn_angle.value'              
8  5 'Structure model' '_struct_conn.pdbx_dist_value'               
9  5 'Structure model' '_struct_conn.pdbx_ptnr1_label_alt_id'       
10 5 'Structure model' '_struct_conn.pdbx_ptnr2_label_alt_id'       
11 5 'Structure model' '_struct_conn.ptnr1_auth_comp_id'            
12 5 'Structure model' '_struct_conn.ptnr1_auth_seq_id'             
13 5 'Structure model' '_struct_conn.ptnr1_label_asym_id'           
14 5 'Structure model' '_struct_conn.ptnr1_label_atom_id'           
15 5 'Structure model' '_struct_conn.ptnr1_label_comp_id'           
16 5 'Structure model' '_struct_conn.ptnr1_label_seq_id'            
17 5 'Structure model' '_struct_conn.ptnr2_auth_comp_id'            
18 5 'Structure model' '_struct_conn.ptnr2_auth_seq_id'             
19 5 'Structure model' '_struct_conn.ptnr2_label_asym_id'           
20 5 'Structure model' '_struct_conn.ptnr2_label_atom_id'           
21 5 'Structure model' '_struct_conn.ptnr2_label_comp_id'           
22 5 'Structure model' '_struct_conn.ptnr2_label_seq_id'            
23 5 'Structure model' '_struct_site.pdbx_auth_asym_id'             
24 5 'Structure model' '_struct_site.pdbx_auth_comp_id'             
25 5 'Structure model' '_struct_site.pdbx_auth_seq_id'              
# 
_pdbx_database_status.status_code                     REL 
_pdbx_database_status.entry_id                        1MB3 
_pdbx_database_status.recvd_initial_deposition_date   2002-08-02 
_pdbx_database_status.deposit_site                    RCSB 
_pdbx_database_status.process_site                    RCSB 
_pdbx_database_status.status_code_sf                  REL 
_pdbx_database_status.SG_entry                        Y 
_pdbx_database_status.status_code_mr                  ? 
_pdbx_database_status.status_code_cs                  ? 
_pdbx_database_status.methods_development_category    ? 
_pdbx_database_status.pdb_format_compatible           Y 
_pdbx_database_status.status_code_nmr_data            ? 
# 
loop_
_pdbx_database_related.db_name 
_pdbx_database_related.db_id 
_pdbx_database_related.details 
_pdbx_database_related.content_type 
PDB      1M5T           'CRYSTAL STRUCTURE OF THE RESPONSE REGULATOR DIVK'                                unspecified 
PDB      1MAV           'CRYSTAL STRUCTURE OF THE RESPONSE REGULATOR DIVK AT PH 6.0 IN COMPLEX WITH MN2+' unspecified 
PDB      1MB0           'CRYSTAL STRUCTURE OF THE RESPONSE REGULATOR DIVK AT PH 8.0 IN COMPLEX WITH MN2+' unspecified 
TargetDB IGBMC-1121-000 .                                                                                 unspecified 
# 
loop_
_audit_author.name 
_audit_author.pdbx_ordinal 
'Guillet, V.'                             1 
'Ohta, N.'                                2 
'Cabantous, S.'                           3 
'Newton, A.'                              4 
'Samama, J.-P.'                           5 
'Structural Proteomics in Europe (SPINE)' 6 
# 
loop_
_citation.id 
_citation.title 
_citation.journal_abbrev 
_citation.journal_volume 
_citation.page_first 
_citation.page_last 
_citation.year 
_citation.journal_id_ASTM 
_citation.country 
_citation.journal_id_ISSN 
_citation.journal_id_CSD 
_citation.book_publisher 
_citation.pdbx_database_id_PubMed 
_citation.pdbx_database_id_DOI 
primary 
;Crystallographic and Biochemical Studies of DivK Reveal Novel Features of 
 an Essential Response Regulator in Caulobacter crescentus.
;
J.Biol.Chem.               277 42003 42010 2002 JBCHA3 US 0021-9258 0071 ? 12176983 10.1074/jbc.M204789200    
1       
;Characterization and Crystallization  of Divk, an Essential Response Regulator for Cell Division and   
Differentiation in Caulobacter Crescentus
;
'Acta Crystallogr.,Sect.D' 58  1249  1251  2002 ABCRE6 DK 0907-4449 0766 ? ?        10.1107/S0907444902008338 
2       
;An Essential  Single Domain Response Regulator Required for Normal Cell Division and   
Differentiation in Caulobacter  Crescentus
;
'Embo J.'                  14  3915  3924  1995 EMJODG UK 0261-4189 0897 ? ?        ?                         
# 
loop_
_citation_author.citation_id 
_citation_author.name 
_citation_author.ordinal 
_citation_author.identifier_ORCID 
primary 'Guillet, V.'   1  ? 
primary 'Ohta, N.'      2  ? 
primary 'Cabantous, S.' 3  ? 
primary 'Newton, A.'    4  ? 
primary 'Samama, J.-P.' 5  ? 
1       'Cabantous, S.' 6  ? 
1       'Guillet, V.'   7  ? 
1       'Ohta, N.'      8  ? 
1       'Newton, A.'    9  ? 
1       'Samama, J.-P.' 10 ? 
2       'Hecht, G.B.'   11 ? 
2       'Lane, T.'      12 ? 
2       'Ohta, N.'      13 ? 
2       'Sommer, J.M.'  14 ? 
2       'Newton, A.'    15 ? 
# 
loop_
_entity.id 
_entity.type 
_entity.src_method 
_entity.pdbx_description 
_entity.formula_weight 
_entity.pdbx_number_of_molecules 
_entity.pdbx_ec 
_entity.pdbx_mutation 
_entity.pdbx_fragment 
_entity.details 
1 polymer     man 'cell division response regulator DivK' 14059.180 1  ? ? ? ? 
2 non-polymer syn 'MAGNESIUM ION'                         24.305    1  ? ? ? ? 
3 water       nat water                                   18.015    63 ? ? ? ? 
# 
_entity_name_com.entity_id   1 
_entity_name_com.name        'Polar differentiation response regulator, DIVK RESPONSE REGULATOR' 
# 
_entity_poly.entity_id                      1 
_entity_poly.type                           'polypeptide(L)' 
_entity_poly.nstd_linkage                   no 
_entity_poly.nstd_monomer                   no 
_entity_poly.pdbx_seq_one_letter_code       
;TKKVLIVEDNELNMKLFHDLLEAQGYETLQTREGLSALSIARENKPDLILMDIQLPEISGLEVTKWLKEDDDLAHIPVVA
VTAFAMKGDEERIREGGCEAYISKPISVVHFLETIKRLLERQPA
;
_entity_poly.pdbx_seq_one_letter_code_can   
;TKKVLIVEDNELNMKLFHDLLEAQGYETLQTREGLSALSIARENKPDLILMDIQLPEISGLEVTKWLKEDDDLAHIPVVA
VTAFAMKGDEERIREGGCEAYISKPISVVHFLETIKRLLERQPA
;
_entity_poly.pdbx_strand_id                 A 
_entity_poly.pdbx_target_identifier         IGBMC-1121-000 
# 
loop_
_pdbx_entity_nonpoly.entity_id 
_pdbx_entity_nonpoly.name 
_pdbx_entity_nonpoly.comp_id 
2 'MAGNESIUM ION' MG  
3 water           HOH 
# 
loop_
_entity_poly_seq.entity_id 
_entity_poly_seq.num 
_entity_poly_seq.mon_id 
_entity_poly_seq.hetero 
1 1   THR n 
1 2   LYS n 
1 3   LYS n 
1 4   VAL n 
1 5   LEU n 
1 6   ILE n 
1 7   VAL n 
1 8   GLU n 
1 9   ASP n 
1 10  ASN n 
1 11  GLU n 
1 12  LEU n 
1 13  ASN n 
1 14  MET n 
1 15  LYS n 
1 16  LEU n 
1 17  PHE n 
1 18  HIS n 
1 19  ASP n 
1 20  LEU n 
1 21  LEU n 
1 22  GLU n 
1 23  ALA n 
1 24  GLN n 
1 25  GLY n 
1 26  TYR n 
1 27  GLU n 
1 28  THR n 
1 29  LEU n 
1 30  GLN n 
1 31  THR n 
1 32  ARG n 
1 33  GLU n 
1 34  GLY n 
1 35  LEU n 
1 36  SER n 
1 37  ALA n 
1 38  LEU n 
1 39  SER n 
1 40  ILE n 
1 41  ALA n 
1 42  ARG n 
1 43  GLU n 
1 44  ASN n 
1 45  LYS n 
1 46  PRO n 
1 47  ASP n 
1 48  LEU n 
1 49  ILE n 
1 50  LEU n 
1 51  MET n 
1 52  ASP n 
1 53  ILE n 
1 54  GLN n 
1 55  LEU n 
1 56  PRO n 
1 57  GLU n 
1 58  ILE n 
1 59  SER n 
1 60  GLY n 
1 61  LEU n 
1 62  GLU n 
1 63  VAL n 
1 64  THR n 
1 65  LYS n 
1 66  TRP n 
1 67  LEU n 
1 68  LYS n 
1 69  GLU n 
1 70  ASP n 
1 71  ASP n 
1 72  ASP n 
1 73  LEU n 
1 74  ALA n 
1 75  HIS n 
1 76  ILE n 
1 77  PRO n 
1 78  VAL n 
1 79  VAL n 
1 80  ALA n 
1 81  VAL n 
1 82  THR n 
1 83  ALA n 
1 84  PHE n 
1 85  ALA n 
1 86  MET n 
1 87  LYS n 
1 88  GLY n 
1 89  ASP n 
1 90  GLU n 
1 91  GLU n 
1 92  ARG n 
1 93  ILE n 
1 94  ARG n 
1 95  GLU n 
1 96  GLY n 
1 97  GLY n 
1 98  CYS n 
1 99  GLU n 
1 100 ALA n 
1 101 TYR n 
1 102 ILE n 
1 103 SER n 
1 104 LYS n 
1 105 PRO n 
1 106 ILE n 
1 107 SER n 
1 108 VAL n 
1 109 VAL n 
1 110 HIS n 
1 111 PHE n 
1 112 LEU n 
1 113 GLU n 
1 114 THR n 
1 115 ILE n 
1 116 LYS n 
1 117 ARG n 
1 118 LEU n 
1 119 LEU n 
1 120 GLU n 
1 121 ARG n 
1 122 GLN n 
1 123 PRO n 
1 124 ALA n 
# 
_entity_src_gen.entity_id                          1 
_entity_src_gen.pdbx_src_id                        1 
_entity_src_gen.pdbx_alt_source_flag               sample 
_entity_src_gen.pdbx_seq_type                      ? 
_entity_src_gen.pdbx_beg_seq_num                   ? 
_entity_src_gen.pdbx_end_seq_num                   ? 
_entity_src_gen.gene_src_common_name               ? 
_entity_src_gen.gene_src_genus                     Caulobacter 
_entity_src_gen.pdbx_gene_src_gene                 divk 
_entity_src_gen.gene_src_species                   ? 
_entity_src_gen.gene_src_strain                    ? 
_entity_src_gen.gene_src_tissue                    ? 
_entity_src_gen.gene_src_tissue_fraction           ? 
_entity_src_gen.gene_src_details                   ? 
_entity_src_gen.pdbx_gene_src_fragment             ? 
_entity_src_gen.pdbx_gene_src_scientific_name      'Caulobacter vibrioides' 
_entity_src_gen.pdbx_gene_src_ncbi_taxonomy_id     155892 
_entity_src_gen.pdbx_gene_src_variant              ? 
_entity_src_gen.pdbx_gene_src_cell_line            ? 
_entity_src_gen.pdbx_gene_src_atcc                 ? 
_entity_src_gen.pdbx_gene_src_organ                ? 
_entity_src_gen.pdbx_gene_src_organelle            ? 
_entity_src_gen.pdbx_gene_src_cell                 ? 
_entity_src_gen.pdbx_gene_src_cellular_location    ? 
_entity_src_gen.host_org_common_name               ? 
_entity_src_gen.pdbx_host_org_scientific_name      'Escherichia coli' 
_entity_src_gen.pdbx_host_org_ncbi_taxonomy_id     562 
_entity_src_gen.host_org_genus                     Escherichia 
_entity_src_gen.pdbx_host_org_gene                 ? 
_entity_src_gen.pdbx_host_org_organ                ? 
_entity_src_gen.host_org_species                   ? 
_entity_src_gen.pdbx_host_org_tissue               ? 
_entity_src_gen.pdbx_host_org_tissue_fraction      ? 
_entity_src_gen.pdbx_host_org_strain               BL21-DE3-PLYSS 
_entity_src_gen.pdbx_host_org_variant              ? 
_entity_src_gen.pdbx_host_org_cell_line            ? 
_entity_src_gen.pdbx_host_org_atcc                 ? 
_entity_src_gen.pdbx_host_org_culture_collection   ? 
_entity_src_gen.pdbx_host_org_cell                 ? 
_entity_src_gen.pdbx_host_org_organelle            ? 
_entity_src_gen.pdbx_host_org_cellular_location    ? 
_entity_src_gen.pdbx_host_org_vector_type          PLASMID 
_entity_src_gen.pdbx_host_org_vector               ? 
_entity_src_gen.host_org_details                   ? 
_entity_src_gen.expression_system_id               ? 
_entity_src_gen.plasmid_name                       PZHF55 
_entity_src_gen.plasmid_details                    'PT7-7, T7 PROMOTOR' 
_entity_src_gen.pdbx_description                   ? 
# 
loop_
_chem_comp.id 
_chem_comp.type 
_chem_comp.mon_nstd_flag 
_chem_comp.name 
_chem_comp.pdbx_synonyms 
_chem_comp.formula 
_chem_comp.formula_weight 
ALA 'L-peptide linking' y ALANINE         ? 'C3 H7 N O2'     89.093  
ARG 'L-peptide linking' y ARGININE        ? 'C6 H15 N4 O2 1' 175.209 
ASN 'L-peptide linking' y ASPARAGINE      ? 'C4 H8 N2 O3'    132.118 
ASP 'L-peptide linking' y 'ASPARTIC ACID' ? 'C4 H7 N O4'     133.103 
CYS 'L-peptide linking' y CYSTEINE        ? 'C3 H7 N O2 S'   121.158 
GLN 'L-peptide linking' y GLUTAMINE       ? 'C5 H10 N2 O3'   146.144 
GLU 'L-peptide linking' y 'GLUTAMIC ACID' ? 'C5 H9 N O4'     147.129 
GLY 'peptide linking'   y GLYCINE         ? 'C2 H5 N O2'     75.067  
HIS 'L-peptide linking' y HISTIDINE       ? 'C6 H10 N3 O2 1' 156.162 
HOH non-polymer         . WATER           ? 'H2 O'           18.015  
ILE 'L-peptide linking' y ISOLEUCINE      ? 'C6 H13 N O2'    131.173 
LEU 'L-peptide linking' y LEUCINE         ? 'C6 H13 N O2'    131.173 
LYS 'L-peptide linking' y LYSINE          ? 'C6 H15 N2 O2 1' 147.195 
MET 'L-peptide linking' y METHIONINE      ? 'C5 H11 N O2 S'  149.211 
MG  non-polymer         . 'MAGNESIUM ION' ? 'Mg 2'           24.305  
PHE 'L-peptide linking' y PHENYLALANINE   ? 'C9 H11 N O2'    165.189 
PRO 'L-peptide linking' y PROLINE         ? 'C5 H9 N O2'     115.130 
SER 'L-peptide linking' y SERINE          ? 'C3 H7 N O3'     105.093 
THR 'L-peptide linking' y THREONINE       ? 'C4 H9 N O3'     119.119 
TRP 'L-peptide linking' y TRYPTOPHAN      ? 'C11 H12 N2 O2'  204.225 
TYR 'L-peptide linking' y TYROSINE        ? 'C9 H11 N O3'    181.189 
VAL 'L-peptide linking' y VALINE          ? 'C5 H11 N O2'    117.146 
# 
loop_
_pdbx_poly_seq_scheme.asym_id 
_pdbx_poly_seq_scheme.entity_id 
_pdbx_poly_seq_scheme.seq_id 
_pdbx_poly_seq_scheme.mon_id 
_pdbx_poly_seq_scheme.ndb_seq_num 
_pdbx_poly_seq_scheme.pdb_seq_num 
_pdbx_poly_seq_scheme.auth_seq_num 
_pdbx_poly_seq_scheme.pdb_mon_id 
_pdbx_poly_seq_scheme.auth_mon_id 
_pdbx_poly_seq_scheme.pdb_strand_id 
_pdbx_poly_seq_scheme.pdb_ins_code 
_pdbx_poly_seq_scheme.hetero 
A 1 1   THR 1   2   2   THR THR A . n 
A 1 2   LYS 2   3   3   LYS LYS A . n 
A 1 3   LYS 3   4   4   LYS LYS A . n 
A 1 4   VAL 4   5   5   VAL VAL A . n 
A 1 5   LEU 5   6   6   LEU LEU A . n 
A 1 6   ILE 6   7   7   ILE ILE A . n 
A 1 7   VAL 7   8   8   VAL VAL A . n 
A 1 8   GLU 8   9   9   GLU GLU A . n 
A 1 9   ASP 9   10  10  ASP ASP A . n 
A 1 10  ASN 10  11  11  ASN ASN A . n 
A 1 11  GLU 11  12  12  GLU GLU A . n 
A 1 12  LEU 12  13  13  LEU LEU A . n 
A 1 13  ASN 13  14  14  ASN ASN A . n 
A 1 14  MET 14  15  15  MET MET A . n 
A 1 15  LYS 15  16  16  LYS LYS A . n 
A 1 16  LEU 16  17  17  LEU LEU A . n 
A 1 17  PHE 17  18  18  PHE PHE A . n 
A 1 18  HIS 18  19  19  HIS HIS A . n 
A 1 19  ASP 19  20  20  ASP ASP A . n 
A 1 20  LEU 20  21  21  LEU LEU A . n 
A 1 21  LEU 21  22  22  LEU LEU A . n 
A 1 22  GLU 22  23  23  GLU GLU A . n 
A 1 23  ALA 23  24  24  ALA ALA A . n 
A 1 24  GLN 24  25  25  GLN GLN A . n 
A 1 25  GLY 25  26  26  GLY GLY A . n 
A 1 26  TYR 26  27  27  TYR TYR A . n 
A 1 27  GLU 27  28  28  GLU GLU A . n 
A 1 28  THR 28  29  29  THR THR A . n 
A 1 29  LEU 29  30  30  LEU LEU A . n 
A 1 30  GLN 30  31  31  GLN GLN A . n 
A 1 31  THR 31  32  32  THR THR A . n 
A 1 32  ARG 32  33  33  ARG ARG A . n 
A 1 33  GLU 33  34  34  GLU GLU A . n 
A 1 34  GLY 34  35  35  GLY GLY A . n 
A 1 35  LEU 35  36  36  LEU LEU A . n 
A 1 36  SER 36  37  37  SER SER A . n 
A 1 37  ALA 37  38  38  ALA ALA A . n 
A 1 38  LEU 38  39  39  LEU LEU A . n 
A 1 39  SER 39  40  40  SER SER A . n 
A 1 40  ILE 40  41  41  ILE ILE A . n 
A 1 41  ALA 41  42  42  ALA ALA A . n 
A 1 42  ARG 42  43  43  ARG ARG A . n 
A 1 43  GLU 43  44  44  GLU GLU A . n 
A 1 44  ASN 44  45  45  ASN ASN A . n 
A 1 45  LYS 45  46  46  LYS LYS A . n 
A 1 46  PRO 46  47  47  PRO PRO A . n 
A 1 47  ASP 47  48  48  ASP ASP A . n 
A 1 48  LEU 48  49  49  LEU LEU A . n 
A 1 49  ILE 49  50  50  ILE ILE A . n 
A 1 50  LEU 50  51  51  LEU LEU A . n 
A 1 51  MET 51  52  52  MET MET A . n 
A 1 52  ASP 52  53  53  ASP ASP A . n 
A 1 53  ILE 53  54  54  ILE ILE A . n 
A 1 54  GLN 54  55  55  GLN GLN A . n 
A 1 55  LEU 55  56  56  LEU LEU A . n 
A 1 56  PRO 56  57  57  PRO PRO A . n 
A 1 57  GLU 57  58  58  GLU GLU A . n 
A 1 58  ILE 58  59  59  ILE ILE A . n 
A 1 59  SER 59  60  60  SER SER A . n 
A 1 60  GLY 60  61  61  GLY GLY A . n 
A 1 61  LEU 61  62  62  LEU LEU A . n 
A 1 62  GLU 62  63  63  GLU GLU A . n 
A 1 63  VAL 63  64  64  VAL VAL A . n 
A 1 64  THR 64  65  65  THR THR A . n 
A 1 65  LYS 65  66  66  LYS LYS A . n 
A 1 66  TRP 66  67  67  TRP TRP A . n 
A 1 67  LEU 67  68  68  LEU LEU A . n 
A 1 68  LYS 68  69  69  LYS LYS A . n 
A 1 69  GLU 69  70  70  GLU GLU A . n 
A 1 70  ASP 70  71  71  ASP ASP A . n 
A 1 71  ASP 71  72  72  ASP ASP A . n 
A 1 72  ASP 72  73  73  ASP ASP A . n 
A 1 73  LEU 73  74  74  LEU LEU A . n 
A 1 74  ALA 74  75  75  ALA ALA A . n 
A 1 75  HIS 75  76  76  HIS HIS A . n 
A 1 76  ILE 76  77  77  ILE ILE A . n 
A 1 77  PRO 77  78  78  PRO PRO A . n 
A 1 78  VAL 78  79  79  VAL VAL A . n 
A 1 79  VAL 79  80  80  VAL VAL A . n 
A 1 80  ALA 80  81  81  ALA ALA A . n 
A 1 81  VAL 81  82  82  VAL VAL A . n 
A 1 82  THR 82  83  83  THR THR A . n 
A 1 83  ALA 83  84  ?   ?   ?   A . n 
A 1 84  PHE 84  85  ?   ?   ?   A . n 
A 1 85  ALA 85  86  ?   ?   ?   A . n 
A 1 86  MET 86  87  ?   ?   ?   A . n 
A 1 87  LYS 87  88  ?   ?   ?   A . n 
A 1 88  GLY 88  89  ?   ?   ?   A . n 
A 1 89  ASP 89  90  90  ASP ASP A . n 
A 1 90  GLU 90  91  91  GLU GLU A . n 
A 1 91  GLU 91  92  92  GLU GLU A . n 
A 1 92  ARG 92  93  93  ARG ARG A . n 
A 1 93  ILE 93  94  94  ILE ILE A . n 
A 1 94  ARG 94  95  95  ARG ARG A . n 
A 1 95  GLU 95  96  96  GLU GLU A . n 
A 1 96  GLY 96  97  97  GLY GLY A . n 
A 1 97  GLY 97  98  98  GLY GLY A . n 
A 1 98  CYS 98  99  99  CYS CYS A . n 
A 1 99  GLU 99  100 100 GLU GLU A . n 
A 1 100 ALA 100 101 101 ALA ALA A . n 
A 1 101 TYR 101 102 102 TYR TYR A . n 
A 1 102 ILE 102 103 103 ILE ILE A . n 
A 1 103 SER 103 104 104 SER SER A . n 
A 1 104 LYS 104 105 105 LYS LYS A . n 
A 1 105 PRO 105 106 106 PRO PRO A . n 
A 1 106 ILE 106 107 107 ILE ILE A . n 
A 1 107 SER 107 108 108 SER SER A . n 
A 1 108 VAL 108 109 109 VAL VAL A . n 
A 1 109 VAL 109 110 110 VAL VAL A . n 
A 1 110 HIS 110 111 111 HIS HIS A . n 
A 1 111 PHE 111 112 112 PHE PHE A . n 
A 1 112 LEU 112 113 113 LEU LEU A . n 
A 1 113 GLU 113 114 114 GLU GLU A . n 
A 1 114 THR 114 115 115 THR THR A . n 
A 1 115 ILE 115 116 116 ILE ILE A . n 
A 1 116 LYS 116 117 117 LYS LYS A . n 
A 1 117 ARG 117 118 118 ARG ARG A . n 
A 1 118 LEU 118 119 119 LEU LEU A . n 
A 1 119 LEU 119 120 120 LEU LEU A . n 
A 1 120 GLU 120 121 121 GLU GLU A . n 
A 1 121 ARG 121 122 122 ARG ARG A . n 
A 1 122 GLN 122 123 123 GLN GLN A . n 
A 1 123 PRO 123 124 124 PRO PRO A . n 
A 1 124 ALA 124 125 ?   ?   ?   A . n 
# 
loop_
_pdbx_nonpoly_scheme.asym_id 
_pdbx_nonpoly_scheme.entity_id 
_pdbx_nonpoly_scheme.mon_id 
_pdbx_nonpoly_scheme.ndb_seq_num 
_pdbx_nonpoly_scheme.pdb_seq_num 
_pdbx_nonpoly_scheme.auth_seq_num 
_pdbx_nonpoly_scheme.pdb_mon_id 
_pdbx_nonpoly_scheme.auth_mon_id 
_pdbx_nonpoly_scheme.pdb_strand_id 
_pdbx_nonpoly_scheme.pdb_ins_code 
B 2 MG  1  201 201 MG  MG  A . 
C 3 HOH 1  202 1   HOH HOH A . 
C 3 HOH 2  203 2   HOH HOH A . 
C 3 HOH 3  204 3   HOH HOH A . 
C 3 HOH 4  205 4   HOH HOH A . 
C 3 HOH 5  206 5   HOH HOH A . 
C 3 HOH 6  207 6   HOH HOH A . 
C 3 HOH 7  208 7   HOH HOH A . 
C 3 HOH 8  209 8   HOH HOH A . 
C 3 HOH 9  210 9   HOH HOH A . 
C 3 HOH 10 211 10  HOH HOH A . 
C 3 HOH 11 212 11  HOH HOH A . 
C 3 HOH 12 213 12  HOH HOH A . 
C 3 HOH 13 214 13  HOH HOH A . 
C 3 HOH 14 215 14  HOH HOH A . 
C 3 HOH 15 216 15  HOH HOH A . 
C 3 HOH 16 217 16  HOH HOH A . 
C 3 HOH 17 218 17  HOH HOH A . 
C 3 HOH 18 219 18  HOH HOH A . 
C 3 HOH 19 220 19  HOH HOH A . 
C 3 HOH 20 221 20  HOH HOH A . 
C 3 HOH 21 222 21  HOH HOH A . 
C 3 HOH 22 223 22  HOH HOH A . 
C 3 HOH 23 224 23  HOH HOH A . 
C 3 HOH 24 225 24  HOH HOH A . 
C 3 HOH 25 226 25  HOH HOH A . 
C 3 HOH 26 227 26  HOH HOH A . 
C 3 HOH 27 228 27  HOH HOH A . 
C 3 HOH 28 229 28  HOH HOH A . 
C 3 HOH 29 230 29  HOH HOH A . 
C 3 HOH 30 231 30  HOH HOH A . 
C 3 HOH 31 232 31  HOH HOH A . 
C 3 HOH 32 233 32  HOH HOH A . 
C 3 HOH 33 234 33  HOH HOH A . 
C 3 HOH 34 235 34  HOH HOH A . 
C 3 HOH 35 236 35  HOH HOH A . 
C 3 HOH 36 237 36  HOH HOH A . 
C 3 HOH 37 238 37  HOH HOH A . 
C 3 HOH 38 239 38  HOH HOH A . 
C 3 HOH 39 240 39  HOH HOH A . 
C 3 HOH 40 241 40  HOH HOH A . 
C 3 HOH 41 242 41  HOH HOH A . 
C 3 HOH 42 243 42  HOH HOH A . 
C 3 HOH 43 244 43  HOH HOH A . 
C 3 HOH 44 245 44  HOH HOH A . 
C 3 HOH 45 246 45  HOH HOH A . 
C 3 HOH 46 247 46  HOH HOH A . 
C 3 HOH 47 248 47  HOH HOH A . 
C 3 HOH 48 249 48  HOH HOH A . 
C 3 HOH 49 250 49  HOH HOH A . 
C 3 HOH 50 251 50  HOH HOH A . 
C 3 HOH 51 252 51  HOH HOH A . 
C 3 HOH 52 253 52  HOH HOH A . 
C 3 HOH 53 254 53  HOH HOH A . 
C 3 HOH 54 255 54  HOH HOH A . 
C 3 HOH 55 256 55  HOH HOH A . 
C 3 HOH 56 257 56  HOH HOH A . 
C 3 HOH 57 258 57  HOH HOH A . 
C 3 HOH 58 259 58  HOH HOH A . 
C 3 HOH 59 260 59  HOH HOH A . 
C 3 HOH 60 261 60  HOH HOH A . 
C 3 HOH 61 262 61  HOH HOH A . 
C 3 HOH 62 263 62  HOH HOH A . 
C 3 HOH 63 264 63  HOH HOH A . 
# 
loop_
_pdbx_unobs_or_zero_occ_atoms.id 
_pdbx_unobs_or_zero_occ_atoms.PDB_model_num 
_pdbx_unobs_or_zero_occ_atoms.polymer_flag 
_pdbx_unobs_or_zero_occ_atoms.occupancy_flag 
_pdbx_unobs_or_zero_occ_atoms.auth_asym_id 
_pdbx_unobs_or_zero_occ_atoms.auth_comp_id 
_pdbx_unobs_or_zero_occ_atoms.auth_seq_id 
_pdbx_unobs_or_zero_occ_atoms.PDB_ins_code 
_pdbx_unobs_or_zero_occ_atoms.auth_atom_id 
_pdbx_unobs_or_zero_occ_atoms.label_alt_id 
_pdbx_unobs_or_zero_occ_atoms.label_asym_id 
_pdbx_unobs_or_zero_occ_atoms.label_comp_id 
_pdbx_unobs_or_zero_occ_atoms.label_seq_id 
_pdbx_unobs_or_zero_occ_atoms.label_atom_id 
1  1 Y 1 A LYS 4   ? CG  ? A LYS 3   CG  
2  1 Y 1 A LYS 4   ? CD  ? A LYS 3   CD  
3  1 Y 1 A LYS 4   ? CE  ? A LYS 3   CE  
4  1 Y 1 A LYS 4   ? NZ  ? A LYS 3   NZ  
5  1 Y 1 A LYS 46  ? CG  ? A LYS 45  CG  
6  1 Y 1 A LYS 46  ? CD  ? A LYS 45  CD  
7  1 Y 1 A LYS 46  ? CE  ? A LYS 45  CE  
8  1 Y 1 A LYS 46  ? NZ  ? A LYS 45  NZ  
9  1 Y 1 A LYS 66  ? CG  ? A LYS 65  CG  
10 1 Y 1 A LYS 66  ? CD  ? A LYS 65  CD  
11 1 Y 1 A LYS 66  ? CE  ? A LYS 65  CE  
12 1 Y 1 A LYS 66  ? NZ  ? A LYS 65  NZ  
13 1 Y 1 A ASP 73  ? CG  ? A ASP 72  CG  
14 1 Y 1 A ASP 73  ? OD1 ? A ASP 72  OD1 
15 1 Y 1 A ASP 73  ? OD2 ? A ASP 72  OD2 
16 1 Y 1 A THR 83  ? OG1 ? A THR 82  OG1 
17 1 Y 1 A THR 83  ? CG2 ? A THR 82  CG2 
18 1 Y 1 A ASP 90  ? CG  ? A ASP 89  CG  
19 1 Y 1 A ASP 90  ? OD1 ? A ASP 89  OD1 
20 1 Y 1 A ASP 90  ? OD2 ? A ASP 89  OD2 
21 1 Y 1 A GLU 91  ? CG  ? A GLU 90  CG  
22 1 Y 1 A GLU 91  ? CD  ? A GLU 90  CD  
23 1 Y 1 A GLU 91  ? OE1 ? A GLU 90  OE1 
24 1 Y 1 A GLU 91  ? OE2 ? A GLU 90  OE2 
25 1 Y 1 A GLU 92  ? CG  ? A GLU 91  CG  
26 1 Y 1 A GLU 92  ? CD  ? A GLU 91  CD  
27 1 Y 1 A GLU 92  ? OE1 ? A GLU 91  OE1 
28 1 Y 1 A GLU 92  ? OE2 ? A GLU 91  OE2 
29 1 Y 1 A ARG 93  ? CG  ? A ARG 92  CG  
30 1 Y 1 A ARG 93  ? CD  ? A ARG 92  CD  
31 1 Y 1 A ARG 93  ? NE  ? A ARG 92  NE  
32 1 Y 1 A ARG 93  ? CZ  ? A ARG 92  CZ  
33 1 Y 1 A ARG 93  ? NH1 ? A ARG 92  NH1 
34 1 Y 1 A ARG 93  ? NH2 ? A ARG 92  NH2 
35 1 Y 1 A ARG 95  ? CG  ? A ARG 94  CG  
36 1 Y 1 A ARG 95  ? CD  ? A ARG 94  CD  
37 1 Y 1 A ARG 95  ? NE  ? A ARG 94  NE  
38 1 Y 1 A ARG 95  ? CZ  ? A ARG 94  CZ  
39 1 Y 1 A ARG 95  ? NH1 ? A ARG 94  NH1 
40 1 Y 1 A ARG 95  ? NH2 ? A ARG 94  NH2 
41 1 Y 1 A GLU 96  ? CG  ? A GLU 95  CG  
42 1 Y 1 A GLU 96  ? CD  ? A GLU 95  CD  
43 1 Y 1 A GLU 96  ? OE1 ? A GLU 95  OE1 
44 1 Y 1 A GLU 96  ? OE2 ? A GLU 95  OE2 
45 1 Y 1 A TYR 102 ? CG  ? A TYR 101 CG  
46 1 Y 1 A TYR 102 ? CD1 ? A TYR 101 CD1 
47 1 Y 1 A TYR 102 ? CD2 ? A TYR 101 CD2 
48 1 Y 1 A TYR 102 ? CE1 ? A TYR 101 CE1 
49 1 Y 1 A TYR 102 ? CE2 ? A TYR 101 CE2 
50 1 Y 1 A TYR 102 ? CZ  ? A TYR 101 CZ  
51 1 Y 1 A TYR 102 ? OH  ? A TYR 101 OH  
52 1 Y 1 A LYS 105 ? CG  ? A LYS 104 CG  
53 1 Y 1 A LYS 105 ? CD  ? A LYS 104 CD  
54 1 Y 1 A LYS 105 ? CE  ? A LYS 104 CE  
55 1 Y 1 A LYS 105 ? NZ  ? A LYS 104 NZ  
56 1 Y 1 A ARG 118 ? CG  ? A ARG 117 CG  
57 1 Y 1 A ARG 118 ? CD  ? A ARG 117 CD  
58 1 Y 1 A ARG 118 ? NE  ? A ARG 117 NE  
59 1 Y 1 A ARG 118 ? CZ  ? A ARG 117 CZ  
60 1 Y 1 A ARG 118 ? NH1 ? A ARG 117 NH1 
61 1 Y 1 A ARG 118 ? NH2 ? A ARG 117 NH2 
62 1 Y 1 A ARG 122 ? CG  ? A ARG 121 CG  
63 1 Y 1 A ARG 122 ? CD  ? A ARG 121 CD  
64 1 Y 1 A ARG 122 ? NE  ? A ARG 121 NE  
65 1 Y 1 A ARG 122 ? CZ  ? A ARG 121 CZ  
66 1 Y 1 A ARG 122 ? NH1 ? A ARG 121 NH1 
67 1 Y 1 A ARG 122 ? NH2 ? A ARG 121 NH2 
68 1 Y 1 A GLN 123 ? CG  ? A GLN 122 CG  
69 1 Y 1 A GLN 123 ? CD  ? A GLN 122 CD  
70 1 Y 1 A GLN 123 ? OE1 ? A GLN 122 OE1 
71 1 Y 1 A GLN 123 ? NE2 ? A GLN 122 NE2 
# 
loop_
_software.name 
_software.classification 
_software.version 
_software.citation_id 
_software.pdbx_ordinal 
MOSFLM 'data reduction' .         ? 1 
SCALA  'data scaling'   .         ? 2 
CNS    refinement       .         ? 3 
CCP4   'data scaling'   '(SCALA)' ? 4 
CNS    phasing          .         ? 5 
# 
_cell.entry_id           1MB3 
_cell.length_a           36.770 
_cell.length_b           41.070 
_cell.length_c           67.120 
_cell.angle_alpha        90.00 
_cell.angle_beta         90.00 
_cell.angle_gamma        90.00 
_cell.Z_PDB              4 
_cell.pdbx_unique_axis   ? 
_cell.length_a_esd       ? 
_cell.length_b_esd       ? 
_cell.length_c_esd       ? 
_cell.angle_alpha_esd    ? 
_cell.angle_beta_esd     ? 
_cell.angle_gamma_esd    ? 
# 
_symmetry.entry_id                         1MB3 
_symmetry.space_group_name_H-M             'P 21 21 21' 
_symmetry.pdbx_full_space_group_name_H-M   ? 
_symmetry.cell_setting                     ? 
_symmetry.Int_Tables_number                19 
_symmetry.space_group_name_Hall            ? 
# 
_exptl.entry_id          1MB3 
_exptl.method            'X-RAY DIFFRACTION' 
_exptl.crystals_number   1 
# 
_exptl_crystal.id                    1 
_exptl_crystal.density_meas          ? 
_exptl_crystal.density_Matthews      1.80 
_exptl_crystal.density_percent_sol   31.0 
_exptl_crystal.description           ? 
_exptl_crystal.F_000                 ? 
_exptl_crystal.preparation           ? 
# 
_exptl_crystal_grow.crystal_id      1 
_exptl_crystal_grow.method          'VAPOR DIFFUSION, HANGING OR SITTING-DROP' 
_exptl_crystal_grow.temp            285 
_exptl_crystal_grow.temp_details    ? 
_exptl_crystal_grow.pH              8.50 
_exptl_crystal_grow.pdbx_details    
;MES 50mM PH6.00, PEG MME 550 32% AT 285K, The Protein 
was  Concentrated At 2 MG/ML In MES-NAOH PH 6.00  (20 mM), 
DTT (5 mM) And Mixed With An Equal Volume Of The Reservoir 
Solution Containing PEG MME 550 (32%), MES PH 6.00 (40 mM), 
DTT (5 mM). Crystal Size (300X40X40 microM3) In 20microL 
Sitting Drops. Crystals Transferred In Reservoir Solutions 
Whose PH Was Increased From 6.0 To 8.5 By Steps Of 0.5 PH 
Units (The Soaking Time In Each Solution Was 12 Hours). 
Magnesium Derivative Was Obtained By Soaking For 24 Hours 
Protein Crystals In The Reservoir Solution Supplemented With 
20 Mm MgCl2 (PH 8.50).Crystals Were Frozen In Liquid Propane 
After Soaking For A Few Seconds In Peg MME 550 (50%), Tris PH 
8.5 (40 Mm)., VAPOR DIFFUSION, HANGING OR SITTING-DROP
;
_exptl_crystal_grow.pdbx_pH_range   . 
# 
_diffrn.id                     1 
_diffrn.ambient_temp           100.0 
_diffrn.ambient_temp_details   ? 
_diffrn.crystal_id             1 
# 
_diffrn_detector.diffrn_id              1 
_diffrn_detector.detector               'IMAGE PLATE' 
_diffrn_detector.type                   'MAR scanner 345 mm plate' 
_diffrn_detector.pdbx_collection_date   2000-06-27 
_diffrn_detector.details                ? 
# 
_diffrn_radiation.diffrn_id                        1 
_diffrn_radiation.wavelength_id                    1 
_diffrn_radiation.pdbx_monochromatic_or_laue_m_l   M 
_diffrn_radiation.monochromator                    'Si111 or Si311' 
_diffrn_radiation.pdbx_diffrn_protocol             'SINGLE WAVELENGTH' 
_diffrn_radiation.pdbx_scattering_type             x-ray 
# 
_diffrn_radiation_wavelength.id           1 
_diffrn_radiation_wavelength.wavelength   0.933 
_diffrn_radiation_wavelength.wt           1.0 
# 
_diffrn_source.diffrn_id                   1 
_diffrn_source.source                      SYNCHROTRON 
_diffrn_source.type                        'ESRF BEAMLINE BM30A' 
_diffrn_source.pdbx_synchrotron_site       ESRF 
_diffrn_source.pdbx_synchrotron_beamline   BM30A 
_diffrn_source.pdbx_wavelength             0.933 
_diffrn_source.pdbx_wavelength_list        0.933 
# 
_reflns.entry_id                     1MB3 
_reflns.observed_criterion_sigma_I   0.000 
_reflns.observed_criterion_sigma_F   ? 
_reflns.d_resolution_low             26.000 
_reflns.d_resolution_high            1.410 
_reflns.number_obs                   18328 
_reflns.number_all                   ? 
_reflns.percent_possible_obs         91.1 
_reflns.pdbx_Rmerge_I_obs            0.051 
_reflns.pdbx_Rsym_value              ? 
_reflns.pdbx_netI_over_sigmaI        5.2000 
_reflns.B_iso_Wilson_estimate        15.1 
_reflns.pdbx_redundancy              4.800 
_reflns.R_free_details               ? 
_reflns.limit_h_max                  ? 
_reflns.limit_h_min                  ? 
_reflns.limit_k_max                  ? 
_reflns.limit_k_min                  ? 
_reflns.limit_l_max                  ? 
_reflns.limit_l_min                  ? 
_reflns.observed_criterion_F_max     ? 
_reflns.observed_criterion_F_min     ? 
_reflns.pdbx_chi_squared             ? 
_reflns.pdbx_scaling_rejects         ? 
_reflns.pdbx_ordinal                 1 
_reflns.pdbx_diffrn_id               1 
# 
_reflns_shell.d_res_high             1.41 
_reflns_shell.d_res_low              1.45 
_reflns_shell.percent_possible_all   78.9 
_reflns_shell.Rmerge_I_obs           0.2 
_reflns_shell.pdbx_Rsym_value        ? 
_reflns_shell.meanI_over_sigI_obs    3.600 
_reflns_shell.pdbx_redundancy        3.90 
_reflns_shell.percent_possible_obs   ? 
_reflns_shell.number_unique_all      4382 
_reflns_shell.number_measured_all    ? 
_reflns_shell.number_measured_obs    ? 
_reflns_shell.number_unique_obs      ? 
_reflns_shell.pdbx_chi_squared       ? 
_reflns_shell.pdbx_ordinal           1 
_reflns_shell.pdbx_diffrn_id         1 
# 
_refine.entry_id                                 1MB3 
_refine.ls_number_reflns_obs                     18328 
_refine.ls_number_reflns_all                     18328 
_refine.pdbx_ls_sigma_I                          ? 
_refine.pdbx_ls_sigma_F                          0.00 
_refine.pdbx_data_cutoff_high_absF               ? 
_refine.pdbx_data_cutoff_low_absF                ? 
_refine.ls_d_res_low                             25.00 
_refine.ls_d_res_high                            1.41 
_refine.ls_percent_reflns_obs                    85.0 
_refine.ls_R_factor_obs                          ? 
_refine.ls_R_factor_all                          ? 
_refine.ls_R_factor_R_work                       0.207 
_refine.ls_R_factor_R_free                       0.215 
_refine.ls_R_factor_R_free_error                 0.005 
_refine.ls_R_factor_R_free_error_details         ? 
_refine.ls_percent_reflns_R_free                 9.9 
_refine.ls_number_reflns_R_free                  1698 
_refine.ls_number_parameters                     ? 
_refine.ls_number_restraints                     ? 
_refine.occupancy_min                            ? 
_refine.occupancy_max                            ? 
_refine.correlation_coeff_Fo_to_Fc               ? 
_refine.correlation_coeff_Fo_to_Fc_free          ? 
_refine.B_iso_mean                               15.7 
_refine.aniso_B[1][1]                            1.06 
_refine.aniso_B[2][2]                            -1.00 
_refine.aniso_B[3][3]                            -0.06 
_refine.aniso_B[1][2]                            0.00 
_refine.aniso_B[1][3]                            0.00 
_refine.aniso_B[2][3]                            0.00 
_refine.solvent_model_details                    'FLAT MODEL' 
_refine.solvent_model_param_ksol                 0.337085 
_refine.solvent_model_param_bsol                 61.7841 
_refine.pdbx_solvent_vdw_probe_radii             ? 
_refine.pdbx_solvent_ion_probe_radii             ? 
_refine.pdbx_solvent_shrinkage_radii             ? 
_refine.pdbx_ls_cross_valid_method               THROUGHOUT 
_refine.details                                  ? 
_refine.pdbx_starting_model                      'APO-DIVK SOLVED AT PH6' 
_refine.pdbx_method_to_determine_struct          'FOURIER SYNTHESIS' 
_refine.pdbx_isotropic_thermal_model             RESTRAINED 
_refine.pdbx_stereochemistry_target_values       ? 
_refine.pdbx_stereochem_target_val_spec_case     ? 
_refine.pdbx_R_Free_selection_details            RANDOM 
_refine.pdbx_overall_ESU_R_Free                  ? 
_refine.overall_SU_B                             ? 
_refine.ls_redundancy_reflns_obs                 ? 
_refine.B_iso_min                                ? 
_refine.B_iso_max                                ? 
_refine.overall_SU_R_Cruickshank_DPI             ? 
_refine.overall_SU_R_free                        ? 
_refine.overall_SU_ML                            ? 
_refine.pdbx_overall_ESU_R                       ? 
_refine.pdbx_data_cutoff_high_rms_absF           ? 
_refine.pdbx_refine_id                           'X-RAY DIFFRACTION' 
_refine.pdbx_overall_phase_error                 ? 
_refine.ls_wR_factor_R_free                      ? 
_refine.ls_wR_factor_R_work                      ? 
_refine.overall_FOM_free_R_set                   ? 
_refine.overall_FOM_work_R_set                   ? 
_refine.pdbx_diffrn_id                           1 
_refine.pdbx_TLS_residual_ADP_flag               ? 
_refine.pdbx_overall_SU_R_free_Cruickshank_DPI   ? 
_refine.pdbx_overall_SU_R_Blow_DPI               ? 
_refine.pdbx_overall_SU_R_free_Blow_DPI          ? 
# 
_refine_analyze.entry_id                        1MB3 
_refine_analyze.Luzzati_coordinate_error_obs    ? 
_refine_analyze.Luzzati_sigma_a_obs             ? 
_refine_analyze.Luzzati_d_res_low_obs           ? 
_refine_analyze.Luzzati_coordinate_error_free   0.18 
_refine_analyze.Luzzati_sigma_a_free            0.10 
_refine_analyze.Luzzati_d_res_low_free          ? 
_refine_analyze.number_disordered_residues      ? 
_refine_analyze.occupancy_sum_hydrogen          ? 
_refine_analyze.occupancy_sum_non_hydrogen      ? 
_refine_analyze.pdbx_Luzzati_d_res_high_obs     ? 
_refine_analyze.pdbx_refine_id                  'X-RAY DIFFRACTION' 
# 
_refine_hist.pdbx_refine_id                   'X-RAY DIFFRACTION' 
_refine_hist.cycle_id                         LAST 
_refine_hist.pdbx_number_atoms_protein        867 
_refine_hist.pdbx_number_atoms_nucleic_acid   0 
_refine_hist.pdbx_number_atoms_ligand         1 
_refine_hist.number_atoms_solvent             63 
_refine_hist.number_atoms_total               931 
_refine_hist.d_res_high                       1.41 
_refine_hist.d_res_low                        25.00 
# 
loop_
_refine_ls_restr.type 
_refine_ls_restr.dev_ideal 
_refine_ls_restr.dev_ideal_target 
_refine_ls_restr.weight 
_refine_ls_restr.number 
_refine_ls_restr.pdbx_refine_id 
_refine_ls_restr.pdbx_restraint_function 
c_bond_d                0.004 ?    ? ? 'X-RAY DIFFRACTION' ? 
c_bond_d_na             ?     ?    ? ? 'X-RAY DIFFRACTION' ? 
c_bond_d_prot           ?     ?    ? ? 'X-RAY DIFFRACTION' ? 
c_angle_d               ?     ?    ? ? 'X-RAY DIFFRACTION' ? 
c_angle_d_na            ?     ?    ? ? 'X-RAY DIFFRACTION' ? 
c_angle_d_prot          ?     ?    ? ? 'X-RAY DIFFRACTION' ? 
c_angle_deg             1.3   ?    ? ? 'X-RAY DIFFRACTION' ? 
c_angle_deg_na          ?     ?    ? ? 'X-RAY DIFFRACTION' ? 
c_angle_deg_prot        ?     ?    ? ? 'X-RAY DIFFRACTION' ? 
c_dihedral_angle_d      22.5  ?    ? ? 'X-RAY DIFFRACTION' ? 
c_dihedral_angle_d_na   ?     ?    ? ? 'X-RAY DIFFRACTION' ? 
c_dihedral_angle_d_prot ?     ?    ? ? 'X-RAY DIFFRACTION' ? 
c_improper_angle_d      0.78  ?    ? ? 'X-RAY DIFFRACTION' ? 
c_improper_angle_d_na   ?     ?    ? ? 'X-RAY DIFFRACTION' ? 
c_improper_angle_d_prot ?     ?    ? ? 'X-RAY DIFFRACTION' ? 
c_mcbond_it             0.81  1.50 ? ? 'X-RAY DIFFRACTION' ? 
c_mcangle_it            1.31  2.00 ? ? 'X-RAY DIFFRACTION' ? 
c_scbond_it             1.24  2.00 ? ? 'X-RAY DIFFRACTION' ? 
c_scangle_it            1.85  2.50 ? ? 'X-RAY DIFFRACTION' ? 
# 
_refine_ls_shell.pdbx_total_number_of_bins_used   6 
_refine_ls_shell.d_res_high                       1.41 
_refine_ls_shell.d_res_low                        1.50 
_refine_ls_shell.number_reflns_R_work             1983 
_refine_ls_shell.R_factor_R_work                  0.222 
_refine_ls_shell.percent_reflns_obs               66.8 
_refine_ls_shell.R_factor_R_free                  0.279 
_refine_ls_shell.R_factor_R_free_error            0.019 
_refine_ls_shell.percent_reflns_R_free            10.3 
_refine_ls_shell.number_reflns_R_free             227 
_refine_ls_shell.number_reflns_obs                ? 
_refine_ls_shell.redundancy_reflns_obs            ? 
_refine_ls_shell.number_reflns_all                ? 
_refine_ls_shell.pdbx_refine_id                   'X-RAY DIFFRACTION' 
_refine_ls_shell.R_factor_all                     ? 
# 
loop_
_pdbx_xplor_file.serial_no 
_pdbx_xplor_file.param_file 
_pdbx_xplor_file.topol_file 
_pdbx_xplor_file.pdbx_refine_id 
1 PROTEIN_REP.PARAM PROTEIN.TOP 'X-RAY DIFFRACTION' 
2 WATER.PARAM       ION.TOP     'X-RAY DIFFRACTION' 
3 ION.PARAM         ?           'X-RAY DIFFRACTION' 
# 
_struct.entry_id                  1MB3 
_struct.title                     'CRYSTAL STRUCTURE OF THE RESPONSE REGULATOR DIVK AT PH 8.5 IN COMPLEX WITH MG2+' 
_struct.pdbx_model_details        ? 
_struct.pdbx_CASP_flag            ? 
_struct.pdbx_model_type_details   ? 
# 
_struct_keywords.entry_id        1MB3 
_struct_keywords.pdbx_keywords   'SIGNALING PROTEIN, CELL CYCLE' 
_struct_keywords.text            
;RESPONSE REGULATOR, SIGNAL TRANSDUCTION PROTEIN, Structural Proteomics in Europe, SPINE, Structural Genomics, SIGNALING PROTEIN, CELL CYCLE
;
# 
loop_
_struct_asym.id 
_struct_asym.pdbx_blank_PDB_chainid_flag 
_struct_asym.pdbx_modified 
_struct_asym.entity_id 
_struct_asym.details 
A N N 1 ? 
B N N 2 ? 
C N N 3 ? 
# 
_struct_ref.id                         1 
_struct_ref.db_name                    UNP 
_struct_ref.db_code                    Q9A5I4_CAUCR 
_struct_ref.entity_id                  1 
_struct_ref.pdbx_seq_one_letter_code   
;TKKVLIVEDNELNMKLFHDLLEAQGYETLQTREGLSALSIARENKPDLILMDIQLPEISGLEVTKWLKEDDDLAHIPVVA
VTAFAMKGDEERIREGGCEAYISKPISVVHFLETIKRLLERQPA
;
_struct_ref.pdbx_align_begin           2 
_struct_ref.pdbx_db_accession          Q9A5I4 
_struct_ref.pdbx_db_isoform            ? 
# 
_struct_ref_seq.align_id                      1 
_struct_ref_seq.ref_id                        1 
_struct_ref_seq.pdbx_PDB_id_code              1MB3 
_struct_ref_seq.pdbx_strand_id                A 
_struct_ref_seq.seq_align_beg                 1 
_struct_ref_seq.pdbx_seq_align_beg_ins_code   ? 
_struct_ref_seq.seq_align_end                 124 
_struct_ref_seq.pdbx_seq_align_end_ins_code   ? 
_struct_ref_seq.pdbx_db_accession             Q9A5I4 
_struct_ref_seq.db_align_beg                  2 
_struct_ref_seq.pdbx_db_align_beg_ins_code    ? 
_struct_ref_seq.db_align_end                  125 
_struct_ref_seq.pdbx_db_align_end_ins_code    ? 
_struct_ref_seq.pdbx_auth_seq_align_beg       2 
_struct_ref_seq.pdbx_auth_seq_align_end       125 
# 
_pdbx_struct_assembly.id                   1 
_pdbx_struct_assembly.details              author_defined_assembly 
_pdbx_struct_assembly.method_details       ? 
_pdbx_struct_assembly.oligomeric_details   monomeric 
_pdbx_struct_assembly.oligomeric_count     1 
# 
_pdbx_struct_assembly_gen.assembly_id       1 
_pdbx_struct_assembly_gen.oper_expression   1 
_pdbx_struct_assembly_gen.asym_id_list      A,B,C 
# 
_pdbx_struct_oper_list.id                   1 
_pdbx_struct_oper_list.type                 'identity operation' 
_pdbx_struct_oper_list.name                 1_555 
_pdbx_struct_oper_list.symmetry_operation   x,y,z 
_pdbx_struct_oper_list.matrix[1][1]         1.0000000000 
_pdbx_struct_oper_list.matrix[1][2]         0.0000000000 
_pdbx_struct_oper_list.matrix[1][3]         0.0000000000 
_pdbx_struct_oper_list.vector[1]            0.0000000000 
_pdbx_struct_oper_list.matrix[2][1]         0.0000000000 
_pdbx_struct_oper_list.matrix[2][2]         1.0000000000 
_pdbx_struct_oper_list.matrix[2][3]         0.0000000000 
_pdbx_struct_oper_list.vector[2]            0.0000000000 
_pdbx_struct_oper_list.matrix[3][1]         0.0000000000 
_pdbx_struct_oper_list.matrix[3][2]         0.0000000000 
_pdbx_struct_oper_list.matrix[3][3]         1.0000000000 
_pdbx_struct_oper_list.vector[3]            0.0000000000 
# 
_struct_biol.id                    1 
_struct_biol.pdbx_parent_biol_id   ? 
_struct_biol.details               ? 
# 
loop_
_struct_conf.conf_type_id 
_struct_conf.id 
_struct_conf.pdbx_PDB_helix_id 
_struct_conf.beg_label_comp_id 
_struct_conf.beg_label_asym_id 
_struct_conf.beg_label_seq_id 
_struct_conf.pdbx_beg_PDB_ins_code 
_struct_conf.end_label_comp_id 
_struct_conf.end_label_asym_id 
_struct_conf.end_label_seq_id 
_struct_conf.pdbx_end_PDB_ins_code 
_struct_conf.beg_auth_comp_id 
_struct_conf.beg_auth_asym_id 
_struct_conf.beg_auth_seq_id 
_struct_conf.end_auth_comp_id 
_struct_conf.end_auth_asym_id 
_struct_conf.end_auth_seq_id 
_struct_conf.pdbx_PDB_helix_class 
_struct_conf.details 
_struct_conf.pdbx_PDB_helix_length 
HELX_P HELX_P1 1 ASN A 10  ? GLN A 24  ? ASN A 11  GLN A 25  1 ? 15 
HELX_P HELX_P2 2 GLU A 33  ? LYS A 45  ? GLU A 34  LYS A 46  1 ? 13 
HELX_P HELX_P3 3 SER A 59  ? ASP A 70  ? SER A 60  ASP A 71  1 ? 12 
HELX_P HELX_P4 4 ASP A 89  ? GLY A 97  ? ASP A 90  GLY A 98  1 ? 9  
HELX_P HELX_P5 5 SER A 107 ? GLU A 120 ? SER A 108 GLU A 121 1 ? 14 
# 
_struct_conf_type.id          HELX_P 
_struct_conf_type.criteria    ? 
_struct_conf_type.reference   ? 
# 
loop_
_struct_conn.id 
_struct_conn.conn_type_id 
_struct_conn.pdbx_leaving_atom_flag 
_struct_conn.pdbx_PDB_id 
_struct_conn.ptnr1_label_asym_id 
_struct_conn.ptnr1_label_comp_id 
_struct_conn.ptnr1_label_seq_id 
_struct_conn.ptnr1_label_atom_id 
_struct_conn.pdbx_ptnr1_label_alt_id 
_struct_conn.pdbx_ptnr1_PDB_ins_code 
_struct_conn.pdbx_ptnr1_standard_comp_id 
_struct_conn.ptnr1_symmetry 
_struct_conn.ptnr2_label_asym_id 
_struct_conn.ptnr2_label_comp_id 
_struct_conn.ptnr2_label_seq_id 
_struct_conn.ptnr2_label_atom_id 
_struct_conn.pdbx_ptnr2_label_alt_id 
_struct_conn.pdbx_ptnr2_PDB_ins_code 
_struct_conn.ptnr1_auth_asym_id 
_struct_conn.ptnr1_auth_comp_id 
_struct_conn.ptnr1_auth_seq_id 
_struct_conn.ptnr2_auth_asym_id 
_struct_conn.ptnr2_auth_comp_id 
_struct_conn.ptnr2_auth_seq_id 
_struct_conn.ptnr2_symmetry 
_struct_conn.pdbx_ptnr3_label_atom_id 
_struct_conn.pdbx_ptnr3_label_seq_id 
_struct_conn.pdbx_ptnr3_label_comp_id 
_struct_conn.pdbx_ptnr3_label_asym_id 
_struct_conn.pdbx_ptnr3_label_alt_id 
_struct_conn.pdbx_ptnr3_PDB_ins_code 
_struct_conn.details 
_struct_conn.pdbx_dist_value 
_struct_conn.pdbx_value_order 
_struct_conn.pdbx_role 
metalc1 metalc ? ? A GLU 8  OE2 ? ? ? 1_555 B MG  . MG A ? A GLU 9   A MG  201 1_555 ? ? ? ? ? ? ? 2.377 ? ? 
metalc2 metalc ? ? A ASP 9  OD2 A ? ? 1_555 B MG  . MG A ? A ASP 10  A MG  201 1_555 ? ? ? ? ? ? ? 2.717 ? ? 
metalc3 metalc ? ? A ASP 52 OD2 A ? ? 1_555 B MG  . MG A ? A ASP 53  A MG  201 1_555 ? ? ? ? ? ? ? 2.368 ? ? 
metalc4 metalc ? ? A ASP 52 OD2 B ? ? 1_555 B MG  . MG B ? A ASP 53  A MG  201 1_555 ? ? ? ? ? ? ? 2.671 ? ? 
metalc5 metalc ? ? A GLN 54 O   ? ? ? 1_555 B MG  . MG B ? A GLN 55  A MG  201 1_555 ? ? ? ? ? ? ? 2.918 ? ? 
metalc6 metalc ? ? B MG  .  MG  A ? ? 1_555 C HOH . O  ? ? A MG  201 A HOH 202 1_555 ? ? ? ? ? ? ? 2.459 ? ? 
metalc7 metalc ? ? B MG  .  MG  B ? ? 1_555 C HOH . O  ? ? A MG  201 A HOH 202 1_555 ? ? ? ? ? ? ? 2.724 ? ? 
# 
_struct_conn_type.id          metalc 
_struct_conn_type.criteria    ? 
_struct_conn_type.reference   ? 
# 
loop_
_pdbx_struct_conn_angle.id 
_pdbx_struct_conn_angle.ptnr1_label_atom_id 
_pdbx_struct_conn_angle.ptnr1_label_alt_id 
_pdbx_struct_conn_angle.ptnr1_label_asym_id 
_pdbx_struct_conn_angle.ptnr1_label_comp_id 
_pdbx_struct_conn_angle.ptnr1_label_seq_id 
_pdbx_struct_conn_angle.ptnr1_auth_atom_id 
_pdbx_struct_conn_angle.ptnr1_auth_asym_id 
_pdbx_struct_conn_angle.ptnr1_auth_comp_id 
_pdbx_struct_conn_angle.ptnr1_auth_seq_id 
_pdbx_struct_conn_angle.ptnr1_PDB_ins_code 
_pdbx_struct_conn_angle.ptnr1_symmetry 
_pdbx_struct_conn_angle.ptnr2_label_atom_id 
_pdbx_struct_conn_angle.ptnr2_label_alt_id 
_pdbx_struct_conn_angle.ptnr2_label_asym_id 
_pdbx_struct_conn_angle.ptnr2_label_comp_id 
_pdbx_struct_conn_angle.ptnr2_label_seq_id 
_pdbx_struct_conn_angle.ptnr2_auth_atom_id 
_pdbx_struct_conn_angle.ptnr2_auth_asym_id 
_pdbx_struct_conn_angle.ptnr2_auth_comp_id 
_pdbx_struct_conn_angle.ptnr2_auth_seq_id 
_pdbx_struct_conn_angle.ptnr2_PDB_ins_code 
_pdbx_struct_conn_angle.ptnr2_symmetry 
_pdbx_struct_conn_angle.ptnr3_label_atom_id 
_pdbx_struct_conn_angle.ptnr3_label_alt_id 
_pdbx_struct_conn_angle.ptnr3_label_asym_id 
_pdbx_struct_conn_angle.ptnr3_label_comp_id 
_pdbx_struct_conn_angle.ptnr3_label_seq_id 
_pdbx_struct_conn_angle.ptnr3_auth_atom_id 
_pdbx_struct_conn_angle.ptnr3_auth_asym_id 
_pdbx_struct_conn_angle.ptnr3_auth_comp_id 
_pdbx_struct_conn_angle.ptnr3_auth_seq_id 
_pdbx_struct_conn_angle.ptnr3_PDB_ins_code 
_pdbx_struct_conn_angle.ptnr3_symmetry 
_pdbx_struct_conn_angle.value 
_pdbx_struct_conn_angle.value_esd 
1 OE2 ? A GLU 8  ? A GLU 9  ? 1_555 MG A B MG . ? A MG 201 ? 1_555 OD2 A A ASP 9  ? A ASP 10  ? 1_555 84.7  ? 
2 OE2 ? A GLU 8  ? A GLU 9  ? 1_555 MG A B MG . ? A MG 201 ? 1_555 OD2 A A ASP 52 ? A ASP 53  ? 1_555 95.6  ? 
3 OD2 A A ASP 9  ? A ASP 10 ? 1_555 MG A B MG . ? A MG 201 ? 1_555 OD2 A A ASP 52 ? A ASP 53  ? 1_555 68.4  ? 
4 OE2 ? A GLU 8  ? A GLU 9  ? 1_555 MG A B MG . ? A MG 201 ? 1_555 O   ? C HOH .  ? A HOH 202 ? 1_555 91.3  ? 
5 OD2 A A ASP 9  ? A ASP 10 ? 1_555 MG A B MG . ? A MG 201 ? 1_555 O   ? C HOH .  ? A HOH 202 ? 1_555 65.3  ? 
6 OD2 A A ASP 52 ? A ASP 53 ? 1_555 MG A B MG . ? A MG 201 ? 1_555 O   ? C HOH .  ? A HOH 202 ? 1_555 132.3 ? 
7 OD2 B A ASP 52 ? A ASP 53 ? 1_555 MG B B MG . ? A MG 201 ? 1_555 O   ? A GLN 54 ? A GLN 55  ? 1_555 72.7  ? 
8 OD2 B A ASP 52 ? A ASP 53 ? 1_555 MG B B MG . ? A MG 201 ? 1_555 O   ? C HOH .  ? A HOH 202 ? 1_555 135.5 ? 
9 O   ? A GLN 54 ? A GLN 55 ? 1_555 MG B B MG . ? A MG 201 ? 1_555 O   ? C HOH .  ? A HOH 202 ? 1_555 147.3 ? 
# 
_struct_mon_prot_cis.pdbx_id                1 
_struct_mon_prot_cis.label_comp_id          LYS 
_struct_mon_prot_cis.label_seq_id           104 
_struct_mon_prot_cis.label_asym_id          A 
_struct_mon_prot_cis.label_alt_id           . 
_struct_mon_prot_cis.pdbx_PDB_ins_code      ? 
_struct_mon_prot_cis.auth_comp_id           LYS 
_struct_mon_prot_cis.auth_seq_id            105 
_struct_mon_prot_cis.auth_asym_id           A 
_struct_mon_prot_cis.pdbx_label_comp_id_2   PRO 
_struct_mon_prot_cis.pdbx_label_seq_id_2    105 
_struct_mon_prot_cis.pdbx_label_asym_id_2   A 
_struct_mon_prot_cis.pdbx_PDB_ins_code_2    ? 
_struct_mon_prot_cis.pdbx_auth_comp_id_2    PRO 
_struct_mon_prot_cis.pdbx_auth_seq_id_2     106 
_struct_mon_prot_cis.pdbx_auth_asym_id_2    A 
_struct_mon_prot_cis.pdbx_PDB_model_num     1 
_struct_mon_prot_cis.pdbx_omega_angle       -0.15 
# 
_struct_sheet.id               A 
_struct_sheet.type             ? 
_struct_sheet.number_strands   5 
_struct_sheet.details          ? 
# 
loop_
_struct_sheet_order.sheet_id 
_struct_sheet_order.range_id_1 
_struct_sheet_order.range_id_2 
_struct_sheet_order.offset 
_struct_sheet_order.sense 
A 1 2 ? parallel 
A 2 3 ? parallel 
A 3 4 ? parallel 
A 4 5 ? parallel 
# 
loop_
_struct_sheet_range.sheet_id 
_struct_sheet_range.id 
_struct_sheet_range.beg_label_comp_id 
_struct_sheet_range.beg_label_asym_id 
_struct_sheet_range.beg_label_seq_id 
_struct_sheet_range.pdbx_beg_PDB_ins_code 
_struct_sheet_range.end_label_comp_id 
_struct_sheet_range.end_label_asym_id 
_struct_sheet_range.end_label_seq_id 
_struct_sheet_range.pdbx_end_PDB_ins_code 
_struct_sheet_range.beg_auth_comp_id 
_struct_sheet_range.beg_auth_asym_id 
_struct_sheet_range.beg_auth_seq_id 
_struct_sheet_range.end_auth_comp_id 
_struct_sheet_range.end_auth_asym_id 
_struct_sheet_range.end_auth_seq_id 
A 1 GLU A 27  ? THR A 31  ? GLU A 28  THR A 32  
A 2 LYS A 3   ? VAL A 7   ? LYS A 4   VAL A 8   
A 3 LEU A 48  ? ASP A 52  ? LEU A 49  ASP A 53  
A 4 VAL A 78  ? THR A 82  ? VAL A 79  THR A 83  
A 5 ALA A 100 ? SER A 103 ? ALA A 101 SER A 104 
# 
loop_
_pdbx_struct_sheet_hbond.sheet_id 
_pdbx_struct_sheet_hbond.range_id_1 
_pdbx_struct_sheet_hbond.range_id_2 
_pdbx_struct_sheet_hbond.range_1_label_atom_id 
_pdbx_struct_sheet_hbond.range_1_label_comp_id 
_pdbx_struct_sheet_hbond.range_1_label_asym_id 
_pdbx_struct_sheet_hbond.range_1_label_seq_id 
_pdbx_struct_sheet_hbond.range_1_PDB_ins_code 
_pdbx_struct_sheet_hbond.range_1_auth_atom_id 
_pdbx_struct_sheet_hbond.range_1_auth_comp_id 
_pdbx_struct_sheet_hbond.range_1_auth_asym_id 
_pdbx_struct_sheet_hbond.range_1_auth_seq_id 
_pdbx_struct_sheet_hbond.range_2_label_atom_id 
_pdbx_struct_sheet_hbond.range_2_label_comp_id 
_pdbx_struct_sheet_hbond.range_2_label_asym_id 
_pdbx_struct_sheet_hbond.range_2_label_seq_id 
_pdbx_struct_sheet_hbond.range_2_PDB_ins_code 
_pdbx_struct_sheet_hbond.range_2_auth_atom_id 
_pdbx_struct_sheet_hbond.range_2_auth_comp_id 
_pdbx_struct_sheet_hbond.range_2_auth_asym_id 
_pdbx_struct_sheet_hbond.range_2_auth_seq_id 
A 1 2 O LEU A 29 ? O LEU A 30 N ILE A 6   ? N ILE A 7   
A 2 3 N VAL A 7  ? N VAL A 8  O LEU A 50  ? O LEU A 51  
A 3 4 N ILE A 49 ? N ILE A 50 O VAL A 79  ? O VAL A 80  
A 4 5 N THR A 82 ? N THR A 83 O ILE A 102 ? O ILE A 103 
# 
_struct_site.id                   AC1 
_struct_site.pdbx_evidence_code   Software 
_struct_site.pdbx_auth_asym_id    A 
_struct_site.pdbx_auth_comp_id    MG 
_struct_site.pdbx_auth_seq_id     201 
_struct_site.pdbx_auth_ins_code   ? 
_struct_site.pdbx_num_residues    5 
_struct_site.details              'BINDING SITE FOR RESIDUE MG A 201' 
# 
loop_
_struct_site_gen.id 
_struct_site_gen.site_id 
_struct_site_gen.pdbx_num_res 
_struct_site_gen.label_comp_id 
_struct_site_gen.label_asym_id 
_struct_site_gen.label_seq_id 
_struct_site_gen.pdbx_auth_ins_code 
_struct_site_gen.auth_comp_id 
_struct_site_gen.auth_asym_id 
_struct_site_gen.auth_seq_id 
_struct_site_gen.label_atom_id 
_struct_site_gen.label_alt_id 
_struct_site_gen.symmetry 
_struct_site_gen.details 
1 AC1 5 GLU A 8  ? GLU A 9   . ? 1_555 ? 
2 AC1 5 ASP A 9  ? ASP A 10  . ? 1_555 ? 
3 AC1 5 ASP A 52 ? ASP A 53  . ? 1_555 ? 
4 AC1 5 GLN A 54 ? GLN A 55  . ? 1_555 ? 
5 AC1 5 HOH C .  ? HOH A 202 . ? 1_555 ? 
# 
loop_
_pdbx_validate_torsion.id 
_pdbx_validate_torsion.PDB_model_num 
_pdbx_validate_torsion.auth_comp_id 
_pdbx_validate_torsion.auth_asym_id 
_pdbx_validate_torsion.auth_seq_id 
_pdbx_validate_torsion.PDB_ins_code 
_pdbx_validate_torsion.label_alt_id 
_pdbx_validate_torsion.phi 
_pdbx_validate_torsion.psi 
1 1 GLN A 55 ? A -86.39  49.22 
2 1 GLN A 55 ? B -108.33 49.30 
# 
_pdbx_SG_project.id                    1 
_pdbx_SG_project.project_name          ? 
_pdbx_SG_project.full_name_of_center   'Structural Proteomics in Europe' 
_pdbx_SG_project.initial_of_center     SPINE 
# 
loop_
_pdbx_unobs_or_zero_occ_residues.id 
_pdbx_unobs_or_zero_occ_residues.PDB_model_num 
_pdbx_unobs_or_zero_occ_residues.polymer_flag 
_pdbx_unobs_or_zero_occ_residues.occupancy_flag 
_pdbx_unobs_or_zero_occ_residues.auth_asym_id 
_pdbx_unobs_or_zero_occ_residues.auth_comp_id 
_pdbx_unobs_or_zero_occ_residues.auth_seq_id 
_pdbx_unobs_or_zero_occ_residues.PDB_ins_code 
_pdbx_unobs_or_zero_occ_residues.label_asym_id 
_pdbx_unobs_or_zero_occ_residues.label_comp_id 
_pdbx_unobs_or_zero_occ_residues.label_seq_id 
1 1 Y 1 A ALA 84  ? A ALA 83  
2 1 Y 1 A PHE 85  ? A PHE 84  
3 1 Y 1 A ALA 86  ? A ALA 85  
4 1 Y 1 A MET 87  ? A MET 86  
5 1 Y 1 A LYS 88  ? A LYS 87  
6 1 Y 1 A GLY 89  ? A GLY 88  
7 1 Y 1 A ALA 125 ? A ALA 124 
# 
loop_
_chem_comp_atom.comp_id 
_chem_comp_atom.atom_id 
_chem_comp_atom.type_symbol 
_chem_comp_atom.pdbx_aromatic_flag 
_chem_comp_atom.pdbx_stereo_config 
_chem_comp_atom.pdbx_ordinal 
ALA N    N  N N 1   
ALA CA   C  N S 2   
ALA C    C  N N 3   
ALA O    O  N N 4   
ALA CB   C  N N 5   
ALA OXT  O  N N 6   
ALA H    H  N N 7   
ALA H2   H  N N 8   
ALA HA   H  N N 9   
ALA HB1  H  N N 10  
ALA HB2  H  N N 11  
ALA HB3  H  N N 12  
ALA HXT  H  N N 13  
ARG N    N  N N 14  
ARG CA   C  N S 15  
ARG C    C  N N 16  
ARG O    O  N N 17  
ARG CB   C  N N 18  
ARG CG   C  N N 19  
ARG CD   C  N N 20  
ARG NE   N  N N 21  
ARG CZ   C  N N 22  
ARG NH1  N  N N 23  
ARG NH2  N  N N 24  
ARG OXT  O  N N 25  
ARG H    H  N N 26  
ARG H2   H  N N 27  
ARG HA   H  N N 28  
ARG HB2  H  N N 29  
ARG HB3  H  N N 30  
ARG HG2  H  N N 31  
ARG HG3  H  N N 32  
ARG HD2  H  N N 33  
ARG HD3  H  N N 34  
ARG HE   H  N N 35  
ARG HH11 H  N N 36  
ARG HH12 H  N N 37  
ARG HH21 H  N N 38  
ARG HH22 H  N N 39  
ARG HXT  H  N N 40  
ASN N    N  N N 41  
ASN CA   C  N S 42  
ASN C    C  N N 43  
ASN O    O  N N 44  
ASN CB   C  N N 45  
ASN CG   C  N N 46  
ASN OD1  O  N N 47  
ASN ND2  N  N N 48  
ASN OXT  O  N N 49  
ASN H    H  N N 50  
ASN H2   H  N N 51  
ASN HA   H  N N 52  
ASN HB2  H  N N 53  
ASN HB3  H  N N 54  
ASN HD21 H  N N 55  
ASN HD22 H  N N 56  
ASN HXT  H  N N 57  
ASP N    N  N N 58  
ASP CA   C  N S 59  
ASP C    C  N N 60  
ASP O    O  N N 61  
ASP CB   C  N N 62  
ASP CG   C  N N 63  
ASP OD1  O  N N 64  
ASP OD2  O  N N 65  
ASP OXT  O  N N 66  
ASP H    H  N N 67  
ASP H2   H  N N 68  
ASP HA   H  N N 69  
ASP HB2  H  N N 70  
ASP HB3  H  N N 71  
ASP HD2  H  N N 72  
ASP HXT  H  N N 73  
CYS N    N  N N 74  
CYS CA   C  N R 75  
CYS C    C  N N 76  
CYS O    O  N N 77  
CYS CB   C  N N 78  
CYS SG   S  N N 79  
CYS OXT  O  N N 80  
CYS H    H  N N 81  
CYS H2   H  N N 82  
CYS HA   H  N N 83  
CYS HB2  H  N N 84  
CYS HB3  H  N N 85  
CYS HG   H  N N 86  
CYS HXT  H  N N 87  
GLN N    N  N N 88  
GLN CA   C  N S 89  
GLN C    C  N N 90  
GLN O    O  N N 91  
GLN CB   C  N N 92  
GLN CG   C  N N 93  
GLN CD   C  N N 94  
GLN OE1  O  N N 95  
GLN NE2  N  N N 96  
GLN OXT  O  N N 97  
GLN H    H  N N 98  
GLN H2   H  N N 99  
GLN HA   H  N N 100 
GLN HB2  H  N N 101 
GLN HB3  H  N N 102 
GLN HG2  H  N N 103 
GLN HG3  H  N N 104 
GLN HE21 H  N N 105 
GLN HE22 H  N N 106 
GLN HXT  H  N N 107 
GLU N    N  N N 108 
GLU CA   C  N S 109 
GLU C    C  N N 110 
GLU O    O  N N 111 
GLU CB   C  N N 112 
GLU CG   C  N N 113 
GLU CD   C  N N 114 
GLU OE1  O  N N 115 
GLU OE2  O  N N 116 
GLU OXT  O  N N 117 
GLU H    H  N N 118 
GLU H2   H  N N 119 
GLU HA   H  N N 120 
GLU HB2  H  N N 121 
GLU HB3  H  N N 122 
GLU HG2  H  N N 123 
GLU HG3  H  N N 124 
GLU HE2  H  N N 125 
GLU HXT  H  N N 126 
GLY N    N  N N 127 
GLY CA   C  N N 128 
GLY C    C  N N 129 
GLY O    O  N N 130 
GLY OXT  O  N N 131 
GLY H    H  N N 132 
GLY H2   H  N N 133 
GLY HA2  H  N N 134 
GLY HA3  H  N N 135 
GLY HXT  H  N N 136 
HIS N    N  N N 137 
HIS CA   C  N S 138 
HIS C    C  N N 139 
HIS O    O  N N 140 
HIS CB   C  N N 141 
HIS CG   C  Y N 142 
HIS ND1  N  Y N 143 
HIS CD2  C  Y N 144 
HIS CE1  C  Y N 145 
HIS NE2  N  Y N 146 
HIS OXT  O  N N 147 
HIS H    H  N N 148 
HIS H2   H  N N 149 
HIS HA   H  N N 150 
HIS HB2  H  N N 151 
HIS HB3  H  N N 152 
HIS HD1  H  N N 153 
HIS HD2  H  N N 154 
HIS HE1  H  N N 155 
HIS HE2  H  N N 156 
HIS HXT  H  N N 157 
HOH O    O  N N 158 
HOH H1   H  N N 159 
HOH H2   H  N N 160 
ILE N    N  N N 161 
ILE CA   C  N S 162 
ILE C    C  N N 163 
ILE O    O  N N 164 
ILE CB   C  N S 165 
ILE CG1  C  N N 166 
ILE CG2  C  N N 167 
ILE CD1  C  N N 168 
ILE OXT  O  N N 169 
ILE H    H  N N 170 
ILE H2   H  N N 171 
ILE HA   H  N N 172 
ILE HB   H  N N 173 
ILE HG12 H  N N 174 
ILE HG13 H  N N 175 
ILE HG21 H  N N 176 
ILE HG22 H  N N 177 
ILE HG23 H  N N 178 
ILE HD11 H  N N 179 
ILE HD12 H  N N 180 
ILE HD13 H  N N 181 
ILE HXT  H  N N 182 
LEU N    N  N N 183 
LEU CA   C  N S 184 
LEU C    C  N N 185 
LEU O    O  N N 186 
LEU CB   C  N N 187 
LEU CG   C  N N 188 
LEU CD1  C  N N 189 
LEU CD2  C  N N 190 
LEU OXT  O  N N 191 
LEU H    H  N N 192 
LEU H2   H  N N 193 
LEU HA   H  N N 194 
LEU HB2  H  N N 195 
LEU HB3  H  N N 196 
LEU HG   H  N N 197 
LEU HD11 H  N N 198 
LEU HD12 H  N N 199 
LEU HD13 H  N N 200 
LEU HD21 H  N N 201 
LEU HD22 H  N N 202 
LEU HD23 H  N N 203 
LEU HXT  H  N N 204 
LYS N    N  N N 205 
LYS CA   C  N S 206 
LYS C    C  N N 207 
LYS O    O  N N 208 
LYS CB   C  N N 209 
LYS CG   C  N N 210 
LYS CD   C  N N 211 
LYS CE   C  N N 212 
LYS NZ   N  N N 213 
LYS OXT  O  N N 214 
LYS H    H  N N 215 
LYS H2   H  N N 216 
LYS HA   H  N N 217 
LYS HB2  H  N N 218 
LYS HB3  H  N N 219 
LYS HG2  H  N N 220 
LYS HG3  H  N N 221 
LYS HD2  H  N N 222 
LYS HD3  H  N N 223 
LYS HE2  H  N N 224 
LYS HE3  H  N N 225 
LYS HZ1  H  N N 226 
LYS HZ2  H  N N 227 
LYS HZ3  H  N N 228 
LYS HXT  H  N N 229 
MET N    N  N N 230 
MET CA   C  N S 231 
MET C    C  N N 232 
MET O    O  N N 233 
MET CB   C  N N 234 
MET CG   C  N N 235 
MET SD   S  N N 236 
MET CE   C  N N 237 
MET OXT  O  N N 238 
MET H    H  N N 239 
MET H2   H  N N 240 
MET HA   H  N N 241 
MET HB2  H  N N 242 
MET HB3  H  N N 243 
MET HG2  H  N N 244 
MET HG3  H  N N 245 
MET HE1  H  N N 246 
MET HE2  H  N N 247 
MET HE3  H  N N 248 
MET HXT  H  N N 249 
MG  MG   MG N N 250 
PHE N    N  N N 251 
PHE CA   C  N S 252 
PHE C    C  N N 253 
PHE O    O  N N 254 
PHE CB   C  N N 255 
PHE CG   C  Y N 256 
PHE CD1  C  Y N 257 
PHE CD2  C  Y N 258 
PHE CE1  C  Y N 259 
PHE CE2  C  Y N 260 
PHE CZ   C  Y N 261 
PHE OXT  O  N N 262 
PHE H    H  N N 263 
PHE H2   H  N N 264 
PHE HA   H  N N 265 
PHE HB2  H  N N 266 
PHE HB3  H  N N 267 
PHE HD1  H  N N 268 
PHE HD2  H  N N 269 
PHE HE1  H  N N 270 
PHE HE2  H  N N 271 
PHE HZ   H  N N 272 
PHE HXT  H  N N 273 
PRO N    N  N N 274 
PRO CA   C  N S 275 
PRO C    C  N N 276 
PRO O    O  N N 277 
PRO CB   C  N N 278 
PRO CG   C  N N 279 
PRO CD   C  N N 280 
PRO OXT  O  N N 281 
PRO H    H  N N 282 
PRO HA   H  N N 283 
PRO HB2  H  N N 284 
PRO HB3  H  N N 285 
PRO HG2  H  N N 286 
PRO HG3  H  N N 287 
PRO HD2  H  N N 288 
PRO HD3  H  N N 289 
PRO HXT  H  N N 290 
SER N    N  N N 291 
SER CA   C  N S 292 
SER C    C  N N 293 
SER O    O  N N 294 
SER CB   C  N N 295 
SER OG   O  N N 296 
SER OXT  O  N N 297 
SER H    H  N N 298 
SER H2   H  N N 299 
SER HA   H  N N 300 
SER HB2  H  N N 301 
SER HB3  H  N N 302 
SER HG   H  N N 303 
SER HXT  H  N N 304 
THR N    N  N N 305 
THR CA   C  N S 306 
THR C    C  N N 307 
THR O    O  N N 308 
THR CB   C  N R 309 
THR OG1  O  N N 310 
THR CG2  C  N N 311 
THR OXT  O  N N 312 
THR H    H  N N 313 
THR H2   H  N N 314 
THR HA   H  N N 315 
THR HB   H  N N 316 
THR HG1  H  N N 317 
THR HG21 H  N N 318 
THR HG22 H  N N 319 
THR HG23 H  N N 320 
THR HXT  H  N N 321 
TRP N    N  N N 322 
TRP CA   C  N S 323 
TRP C    C  N N 324 
TRP O    O  N N 325 
TRP CB   C  N N 326 
TRP CG   C  Y N 327 
TRP CD1  C  Y N 328 
TRP CD2  C  Y N 329 
TRP NE1  N  Y N 330 
TRP CE2  C  Y N 331 
TRP CE3  C  Y N 332 
TRP CZ2  C  Y N 333 
TRP CZ3  C  Y N 334 
TRP CH2  C  Y N 335 
TRP OXT  O  N N 336 
TRP H    H  N N 337 
TRP H2   H  N N 338 
TRP HA   H  N N 339 
TRP HB2  H  N N 340 
TRP HB3  H  N N 341 
TRP HD1  H  N N 342 
TRP HE1  H  N N 343 
TRP HE3  H  N N 344 
TRP HZ2  H  N N 345 
TRP HZ3  H  N N 346 
TRP HH2  H  N N 347 
TRP HXT  H  N N 348 
TYR N    N  N N 349 
TYR CA   C  N S 350 
TYR C    C  N N 351 
TYR O    O  N N 352 
TYR CB   C  N N 353 
TYR CG   C  Y N 354 
TYR CD1  C  Y N 355 
TYR CD2  C  Y N 356 
TYR CE1  C  Y N 357 
TYR CE2  C  Y N 358 
TYR CZ   C  Y N 359 
TYR OH   O  N N 360 
TYR OXT  O  N N 361 
TYR H    H  N N 362 
TYR H2   H  N N 363 
TYR HA   H  N N 364 
TYR HB2  H  N N 365 
TYR HB3  H  N N 366 
TYR HD1  H  N N 367 
TYR HD2  H  N N 368 
TYR HE1  H  N N 369 
TYR HE2  H  N N 370 
TYR HH   H  N N 371 
TYR HXT  H  N N 372 
VAL N    N  N N 373 
VAL CA   C  N S 374 
VAL C    C  N N 375 
VAL O    O  N N 376 
VAL CB   C  N N 377 
VAL CG1  C  N N 378 
VAL CG2  C  N N 379 
VAL OXT  O  N N 380 
VAL H    H  N N 381 
VAL H2   H  N N 382 
VAL HA   H  N N 383 
VAL HB   H  N N 384 
VAL HG11 H  N N 385 
VAL HG12 H  N N 386 
VAL HG13 H  N N 387 
VAL HG21 H  N N 388 
VAL HG22 H  N N 389 
VAL HG23 H  N N 390 
VAL HXT  H  N N 391 
# 
loop_
_chem_comp_bond.comp_id 
_chem_comp_bond.atom_id_1 
_chem_comp_bond.atom_id_2 
_chem_comp_bond.value_order 
_chem_comp_bond.pdbx_aromatic_flag 
_chem_comp_bond.pdbx_stereo_config 
_chem_comp_bond.pdbx_ordinal 
ALA N   CA   sing N N 1   
ALA N   H    sing N N 2   
ALA N   H2   sing N N 3   
ALA CA  C    sing N N 4   
ALA CA  CB   sing N N 5   
ALA CA  HA   sing N N 6   
ALA C   O    doub N N 7   
ALA C   OXT  sing N N 8   
ALA CB  HB1  sing N N 9   
ALA CB  HB2  sing N N 10  
ALA CB  HB3  sing N N 11  
ALA OXT HXT  sing N N 12  
ARG N   CA   sing N N 13  
ARG N   H    sing N N 14  
ARG N   H2   sing N N 15  
ARG CA  C    sing N N 16  
ARG CA  CB   sing N N 17  
ARG CA  HA   sing N N 18  
ARG C   O    doub N N 19  
ARG C   OXT  sing N N 20  
ARG CB  CG   sing N N 21  
ARG CB  HB2  sing N N 22  
ARG CB  HB3  sing N N 23  
ARG CG  CD   sing N N 24  
ARG CG  HG2  sing N N 25  
ARG CG  HG3  sing N N 26  
ARG CD  NE   sing N N 27  
ARG CD  HD2  sing N N 28  
ARG CD  HD3  sing N N 29  
ARG NE  CZ   sing N N 30  
ARG NE  HE   sing N N 31  
ARG CZ  NH1  sing N N 32  
ARG CZ  NH2  doub N N 33  
ARG NH1 HH11 sing N N 34  
ARG NH1 HH12 sing N N 35  
ARG NH2 HH21 sing N N 36  
ARG NH2 HH22 sing N N 37  
ARG OXT HXT  sing N N 38  
ASN N   CA   sing N N 39  
ASN N   H    sing N N 40  
ASN N   H2   sing N N 41  
ASN CA  C    sing N N 42  
ASN CA  CB   sing N N 43  
ASN CA  HA   sing N N 44  
ASN C   O    doub N N 45  
ASN C   OXT  sing N N 46  
ASN CB  CG   sing N N 47  
ASN CB  HB2  sing N N 48  
ASN CB  HB3  sing N N 49  
ASN CG  OD1  doub N N 50  
ASN CG  ND2  sing N N 51  
ASN ND2 HD21 sing N N 52  
ASN ND2 HD22 sing N N 53  
ASN OXT HXT  sing N N 54  
ASP N   CA   sing N N 55  
ASP N   H    sing N N 56  
ASP N   H2   sing N N 57  
ASP CA  C    sing N N 58  
ASP CA  CB   sing N N 59  
ASP CA  HA   sing N N 60  
ASP C   O    doub N N 61  
ASP C   OXT  sing N N 62  
ASP CB  CG   sing N N 63  
ASP CB  HB2  sing N N 64  
ASP CB  HB3  sing N N 65  
ASP CG  OD1  doub N N 66  
ASP CG  OD2  sing N N 67  
ASP OD2 HD2  sing N N 68  
ASP OXT HXT  sing N N 69  
CYS N   CA   sing N N 70  
CYS N   H    sing N N 71  
CYS N   H2   sing N N 72  
CYS CA  C    sing N N 73  
CYS CA  CB   sing N N 74  
CYS CA  HA   sing N N 75  
CYS C   O    doub N N 76  
CYS C   OXT  sing N N 77  
CYS CB  SG   sing N N 78  
CYS CB  HB2  sing N N 79  
CYS CB  HB3  sing N N 80  
CYS SG  HG   sing N N 81  
CYS OXT HXT  sing N N 82  
GLN N   CA   sing N N 83  
GLN N   H    sing N N 84  
GLN N   H2   sing N N 85  
GLN CA  C    sing N N 86  
GLN CA  CB   sing N N 87  
GLN CA  HA   sing N N 88  
GLN C   O    doub N N 89  
GLN C   OXT  sing N N 90  
GLN CB  CG   sing N N 91  
GLN CB  HB2  sing N N 92  
GLN CB  HB3  sing N N 93  
GLN CG  CD   sing N N 94  
GLN CG  HG2  sing N N 95  
GLN CG  HG3  sing N N 96  
GLN CD  OE1  doub N N 97  
GLN CD  NE2  sing N N 98  
GLN NE2 HE21 sing N N 99  
GLN NE2 HE22 sing N N 100 
GLN OXT HXT  sing N N 101 
GLU N   CA   sing N N 102 
GLU N   H    sing N N 103 
GLU N   H2   sing N N 104 
GLU CA  C    sing N N 105 
GLU CA  CB   sing N N 106 
GLU CA  HA   sing N N 107 
GLU C   O    doub N N 108 
GLU C   OXT  sing N N 109 
GLU CB  CG   sing N N 110 
GLU CB  HB2  sing N N 111 
GLU CB  HB3  sing N N 112 
GLU CG  CD   sing N N 113 
GLU CG  HG2  sing N N 114 
GLU CG  HG3  sing N N 115 
GLU CD  OE1  doub N N 116 
GLU CD  OE2  sing N N 117 
GLU OE2 HE2  sing N N 118 
GLU OXT HXT  sing N N 119 
GLY N   CA   sing N N 120 
GLY N   H    sing N N 121 
GLY N   H2   sing N N 122 
GLY CA  C    sing N N 123 
GLY CA  HA2  sing N N 124 
GLY CA  HA3  sing N N 125 
GLY C   O    doub N N 126 
GLY C   OXT  sing N N 127 
GLY OXT HXT  sing N N 128 
HIS N   CA   sing N N 129 
HIS N   H    sing N N 130 
HIS N   H2   sing N N 131 
HIS CA  C    sing N N 132 
HIS CA  CB   sing N N 133 
HIS CA  HA   sing N N 134 
HIS C   O    doub N N 135 
HIS C   OXT  sing N N 136 
HIS CB  CG   sing N N 137 
HIS CB  HB2  sing N N 138 
HIS CB  HB3  sing N N 139 
HIS CG  ND1  sing Y N 140 
HIS CG  CD2  doub Y N 141 
HIS ND1 CE1  doub Y N 142 
HIS ND1 HD1  sing N N 143 
HIS CD2 NE2  sing Y N 144 
HIS CD2 HD2  sing N N 145 
HIS CE1 NE2  sing Y N 146 
HIS CE1 HE1  sing N N 147 
HIS NE2 HE2  sing N N 148 
HIS OXT HXT  sing N N 149 
HOH O   H1   sing N N 150 
HOH O   H2   sing N N 151 
ILE N   CA   sing N N 152 
ILE N   H    sing N N 153 
ILE N   H2   sing N N 154 
ILE CA  C    sing N N 155 
ILE CA  CB   sing N N 156 
ILE CA  HA   sing N N 157 
ILE C   O    doub N N 158 
ILE C   OXT  sing N N 159 
ILE CB  CG1  sing N N 160 
ILE CB  CG2  sing N N 161 
ILE CB  HB   sing N N 162 
ILE CG1 CD1  sing N N 163 
ILE CG1 HG12 sing N N 164 
ILE CG1 HG13 sing N N 165 
ILE CG2 HG21 sing N N 166 
ILE CG2 HG22 sing N N 167 
ILE CG2 HG23 sing N N 168 
ILE CD1 HD11 sing N N 169 
ILE CD1 HD12 sing N N 170 
ILE CD1 HD13 sing N N 171 
ILE OXT HXT  sing N N 172 
LEU N   CA   sing N N 173 
LEU N   H    sing N N 174 
LEU N   H2   sing N N 175 
LEU CA  C    sing N N 176 
LEU CA  CB   sing N N 177 
LEU CA  HA   sing N N 178 
LEU C   O    doub N N 179 
LEU C   OXT  sing N N 180 
LEU CB  CG   sing N N 181 
LEU CB  HB2  sing N N 182 
LEU CB  HB3  sing N N 183 
LEU CG  CD1  sing N N 184 
LEU CG  CD2  sing N N 185 
LEU CG  HG   sing N N 186 
LEU CD1 HD11 sing N N 187 
LEU CD1 HD12 sing N N 188 
LEU CD1 HD13 sing N N 189 
LEU CD2 HD21 sing N N 190 
LEU CD2 HD22 sing N N 191 
LEU CD2 HD23 sing N N 192 
LEU OXT HXT  sing N N 193 
LYS N   CA   sing N N 194 
LYS N   H    sing N N 195 
LYS N   H2   sing N N 196 
LYS CA  C    sing N N 197 
LYS CA  CB   sing N N 198 
LYS CA  HA   sing N N 199 
LYS C   O    doub N N 200 
LYS C   OXT  sing N N 201 
LYS CB  CG   sing N N 202 
LYS CB  HB2  sing N N 203 
LYS CB  HB3  sing N N 204 
LYS CG  CD   sing N N 205 
LYS CG  HG2  sing N N 206 
LYS CG  HG3  sing N N 207 
LYS CD  CE   sing N N 208 
LYS CD  HD2  sing N N 209 
LYS CD  HD3  sing N N 210 
LYS CE  NZ   sing N N 211 
LYS CE  HE2  sing N N 212 
LYS CE  HE3  sing N N 213 
LYS NZ  HZ1  sing N N 214 
LYS NZ  HZ2  sing N N 215 
LYS NZ  HZ3  sing N N 216 
LYS OXT HXT  sing N N 217 
MET N   CA   sing N N 218 
MET N   H    sing N N 219 
MET N   H2   sing N N 220 
MET CA  C    sing N N 221 
MET CA  CB   sing N N 222 
MET CA  HA   sing N N 223 
MET C   O    doub N N 224 
MET C   OXT  sing N N 225 
MET CB  CG   sing N N 226 
MET CB  HB2  sing N N 227 
MET CB  HB3  sing N N 228 
MET CG  SD   sing N N 229 
MET CG  HG2  sing N N 230 
MET CG  HG3  sing N N 231 
MET SD  CE   sing N N 232 
MET CE  HE1  sing N N 233 
MET CE  HE2  sing N N 234 
MET CE  HE3  sing N N 235 
MET OXT HXT  sing N N 236 
PHE N   CA   sing N N 237 
PHE N   H    sing N N 238 
PHE N   H2   sing N N 239 
PHE CA  C    sing N N 240 
PHE CA  CB   sing N N 241 
PHE CA  HA   sing N N 242 
PHE C   O    doub N N 243 
PHE C   OXT  sing N N 244 
PHE CB  CG   sing N N 245 
PHE CB  HB2  sing N N 246 
PHE CB  HB3  sing N N 247 
PHE CG  CD1  doub Y N 248 
PHE CG  CD2  sing Y N 249 
PHE CD1 CE1  sing Y N 250 
PHE CD1 HD1  sing N N 251 
PHE CD2 CE2  doub Y N 252 
PHE CD2 HD2  sing N N 253 
PHE CE1 CZ   doub Y N 254 
PHE CE1 HE1  sing N N 255 
PHE CE2 CZ   sing Y N 256 
PHE CE2 HE2  sing N N 257 
PHE CZ  HZ   sing N N 258 
PHE OXT HXT  sing N N 259 
PRO N   CA   sing N N 260 
PRO N   CD   sing N N 261 
PRO N   H    sing N N 262 
PRO CA  C    sing N N 263 
PRO CA  CB   sing N N 264 
PRO CA  HA   sing N N 265 
PRO C   O    doub N N 266 
PRO C   OXT  sing N N 267 
PRO CB  CG   sing N N 268 
PRO CB  HB2  sing N N 269 
PRO CB  HB3  sing N N 270 
PRO CG  CD   sing N N 271 
PRO CG  HG2  sing N N 272 
PRO CG  HG3  sing N N 273 
PRO CD  HD2  sing N N 274 
PRO CD  HD3  sing N N 275 
PRO OXT HXT  sing N N 276 
SER N   CA   sing N N 277 
SER N   H    sing N N 278 
SER N   H2   sing N N 279 
SER CA  C    sing N N 280 
SER CA  CB   sing N N 281 
SER CA  HA   sing N N 282 
SER C   O    doub N N 283 
SER C   OXT  sing N N 284 
SER CB  OG   sing N N 285 
SER CB  HB2  sing N N 286 
SER CB  HB3  sing N N 287 
SER OG  HG   sing N N 288 
SER OXT HXT  sing N N 289 
THR N   CA   sing N N 290 
THR N   H    sing N N 291 
THR N   H2   sing N N 292 
THR CA  C    sing N N 293 
THR CA  CB   sing N N 294 
THR CA  HA   sing N N 295 
THR C   O    doub N N 296 
THR C   OXT  sing N N 297 
THR CB  OG1  sing N N 298 
THR CB  CG2  sing N N 299 
THR CB  HB   sing N N 300 
THR OG1 HG1  sing N N 301 
THR CG2 HG21 sing N N 302 
THR CG2 HG22 sing N N 303 
THR CG2 HG23 sing N N 304 
THR OXT HXT  sing N N 305 
TRP N   CA   sing N N 306 
TRP N   H    sing N N 307 
TRP N   H2   sing N N 308 
TRP CA  C    sing N N 309 
TRP CA  CB   sing N N 310 
TRP CA  HA   sing N N 311 
TRP C   O    doub N N 312 
TRP C   OXT  sing N N 313 
TRP CB  CG   sing N N 314 
TRP CB  HB2  sing N N 315 
TRP CB  HB3  sing N N 316 
TRP CG  CD1  doub Y N 317 
TRP CG  CD2  sing Y N 318 
TRP CD1 NE1  sing Y N 319 
TRP CD1 HD1  sing N N 320 
TRP CD2 CE2  doub Y N 321 
TRP CD2 CE3  sing Y N 322 
TRP NE1 CE2  sing Y N 323 
TRP NE1 HE1  sing N N 324 
TRP CE2 CZ2  sing Y N 325 
TRP CE3 CZ3  doub Y N 326 
TRP CE3 HE3  sing N N 327 
TRP CZ2 CH2  doub Y N 328 
TRP CZ2 HZ2  sing N N 329 
TRP CZ3 CH2  sing Y N 330 
TRP CZ3 HZ3  sing N N 331 
TRP CH2 HH2  sing N N 332 
TRP OXT HXT  sing N N 333 
TYR N   CA   sing N N 334 
TYR N   H    sing N N 335 
TYR N   H2   sing N N 336 
TYR CA  C    sing N N 337 
TYR CA  CB   sing N N 338 
TYR CA  HA   sing N N 339 
TYR C   O    doub N N 340 
TYR C   OXT  sing N N 341 
TYR CB  CG   sing N N 342 
TYR CB  HB2  sing N N 343 
TYR CB  HB3  sing N N 344 
TYR CG  CD1  doub Y N 345 
TYR CG  CD2  sing Y N 346 
TYR CD1 CE1  sing Y N 347 
TYR CD1 HD1  sing N N 348 
TYR CD2 CE2  doub Y N 349 
TYR CD2 HD2  sing N N 350 
TYR CE1 CZ   doub Y N 351 
TYR CE1 HE1  sing N N 352 
TYR CE2 CZ   sing Y N 353 
TYR CE2 HE2  sing N N 354 
TYR CZ  OH   sing N N 355 
TYR OH  HH   sing N N 356 
TYR OXT HXT  sing N N 357 
VAL N   CA   sing N N 358 
VAL N   H    sing N N 359 
VAL N   H2   sing N N 360 
VAL CA  C    sing N N 361 
VAL CA  CB   sing N N 362 
VAL CA  HA   sing N N 363 
VAL C   O    doub N N 364 
VAL C   OXT  sing N N 365 
VAL CB  CG1  sing N N 366 
VAL CB  CG2  sing N N 367 
VAL CB  HB   sing N N 368 
VAL CG1 HG11 sing N N 369 
VAL CG1 HG12 sing N N 370 
VAL CG1 HG13 sing N N 371 
VAL CG2 HG21 sing N N 372 
VAL CG2 HG22 sing N N 373 
VAL CG2 HG23 sing N N 374 
VAL OXT HXT  sing N N 375 
# 
_pdbx_initial_refinement_model.accession_code   ? 
_pdbx_initial_refinement_model.id               1 
_pdbx_initial_refinement_model.entity_id_list   ? 
_pdbx_initial_refinement_model.type             'experimental model' 
_pdbx_initial_refinement_model.source_name      Other 
_pdbx_initial_refinement_model.details          'APO-DIVK SOLVED AT PH6' 
# 
_atom_sites.entry_id                    1MB3 
_atom_sites.fract_transf_matrix[1][1]   -0.02197035 
_atom_sites.fract_transf_matrix[1][2]   0.01488199 
_atom_sites.fract_transf_matrix[1][3]   0.00595421 
_atom_sites.fract_transf_matrix[2][1]   -0.01295363 
_atom_sites.fract_transf_matrix[2][2]   -0.02037770 
_atom_sites.fract_transf_matrix[2][3]   0.00313476 
_atom_sites.fract_transf_matrix[3][1]   0.00377955 
_atom_sites.fract_transf_matrix[3][2]   -0.00018577 
_atom_sites.fract_transf_matrix[3][3]   0.01441044 
_atom_sites.fract_transf_vector[1]      0.255669 
_atom_sites.fract_transf_vector[2]      0.056162 
_atom_sites.fract_transf_vector[3]      0.380600 
# 
loop_
_atom_type.symbol 
C  
MG 
N  
O  
S  
# 
loop_
_atom_site.group_PDB 
_atom_site.id 
_atom_site.type_symbol 
_atom_site.label_atom_id 
_atom_site.label_alt_id 
_atom_site.label_comp_id 
_atom_site.label_asym_id 
_atom_site.label_entity_id 
_atom_site.label_seq_id 
_atom_site.pdbx_PDB_ins_code 
_atom_site.Cartn_x 
_atom_site.Cartn_y 
_atom_site.Cartn_z 
_atom_site.occupancy 
_atom_site.B_iso_or_equiv 
_atom_site.pdbx_formal_charge 
_atom_site.auth_seq_id 
_atom_site.auth_comp_id 
_atom_site.auth_asym_id 
_atom_site.auth_atom_id 
_atom_site.pdbx_PDB_model_num 
ATOM   1    N  N   . THR A 1 1   ? 17.643  2.181   -0.642  1.00  22.29 ? 2   THR A N   1 
ATOM   2    C  CA  . THR A 1 1   ? 16.573  1.238   -1.073  1.00  22.13 ? 2   THR A CA  1 
ATOM   3    C  C   . THR A 1 1   ? 15.226  1.663   -0.490  1.00  20.77 ? 2   THR A C   1 
ATOM   4    O  O   . THR A 1 1   ? 15.088  1.837   0.721   1.00  21.12 ? 2   THR A O   1 
ATOM   5    C  CB  . THR A 1 1   ? 16.883  -0.197  -0.605  1.00  23.09 ? 2   THR A CB  1 
ATOM   6    O  OG1 . THR A 1 1   ? 18.229  -0.539  -0.964  1.00  24.95 ? 2   THR A OG1 1 
ATOM   7    C  CG2 . THR A 1 1   ? 15.935  -1.186  -1.265  1.00  23.86 ? 2   THR A CG2 1 
ATOM   8    N  N   . LYS A 1 2   ? 14.236  1.829   -1.358  1.00  20.29 ? 3   LYS A N   1 
ATOM   9    C  CA  . LYS A 1 2   ? 12.909  2.227   -0.914  1.00  19.11 ? 3   LYS A CA  1 
ATOM   10   C  C   . LYS A 1 2   ? 12.166  1.017   -0.367  1.00  17.34 ? 3   LYS A C   1 
ATOM   11   O  O   . LYS A 1 2   ? 12.378  -0.113  -0.810  1.00  16.56 ? 3   LYS A O   1 
ATOM   12   C  CB  . LYS A 1 2   ? 12.133  2.853   -2.071  1.00  20.74 ? 3   LYS A CB  1 
ATOM   13   C  CG  . LYS A 1 2   ? 12.809  4.092   -2.637  1.00  23.51 ? 3   LYS A CG  1 
ATOM   14   C  CD  . LYS A 1 2   ? 12.033  4.675   -3.797  1.00  25.38 ? 3   LYS A CD  1 
ATOM   15   C  CE  . LYS A 1 2   ? 12.798  5.824   -4.433  1.00  26.07 ? 3   LYS A CE  1 
ATOM   16   N  NZ  . LYS A 1 2   ? 13.046  6.929   -3.468  1.00  27.78 ? 3   LYS A NZ  1 
ATOM   17   N  N   . LYS A 1 3   ? 11.298  1.264   0.606   1.00  15.32 ? 4   LYS A N   1 
ATOM   18   C  CA  . LYS A 1 3   ? 10.539  0.199   1.237   1.00  13.94 ? 4   LYS A CA  1 
ATOM   19   C  C   . LYS A 1 3   ? 9.045   0.355   1.020   1.00  11.88 ? 4   LYS A C   1 
ATOM   20   O  O   . LYS A 1 3   ? 8.490   1.445   1.174   1.00  11.87 ? 4   LYS A O   1 
ATOM   21   C  CB  . LYS A 1 3   ? 10.844  0.162   2.730   1.00  15.93 ? 4   LYS A CB  1 
ATOM   22   N  N   . VAL A 1 4   ? 8.400   -0.746  0.657   1.00  9.35  ? 5   VAL A N   1 
ATOM   23   C  CA  . VAL A 1 4   ? 6.960   -0.759  0.443   1.00  8.38  ? 5   VAL A CA  1 
ATOM   24   C  C   . VAL A 1 4   ? 6.302   -1.663  1.479   1.00  8.67  ? 5   VAL A C   1 
ATOM   25   O  O   . VAL A 1 4   ? 6.686   -2.822  1.636   1.00  9.51  ? 5   VAL A O   1 
ATOM   26   C  CB  . VAL A 1 4   ? 6.585   -1.302  -0.959  1.00  8.94  ? 5   VAL A CB  1 
ATOM   27   C  CG1 . VAL A 1 4   ? 5.070   -1.368  -1.105  1.00  8.43  ? 5   VAL A CG1 1 
ATOM   28   C  CG2 . VAL A 1 4   ? 7.189   -0.420  -2.038  1.00  9.68  ? 5   VAL A CG2 1 
ATOM   29   N  N   . LEU A 1 5   ? 5.330   -1.120  2.204   1.00  7.43  ? 6   LEU A N   1 
ATOM   30   C  CA  . LEU A 1 5   ? 4.589   -1.895  3.190   1.00  7.52  ? 6   LEU A CA  1 
ATOM   31   C  C   . LEU A 1 5   ? 3.348   -2.451  2.496   1.00  7.00  ? 6   LEU A C   1 
ATOM   32   O  O   . LEU A 1 5   ? 2.498   -1.692  2.024   1.00  7.49  ? 6   LEU A O   1 
ATOM   33   C  CB  . LEU A 1 5   ? 4.177   -1.009  4.369   1.00  8.05  ? 6   LEU A CB  1 
ATOM   34   C  CG  . LEU A 1 5   ? 3.136   -1.563  5.357   1.00  7.93  ? 6   LEU A CG  1 
ATOM   35   C  CD1 . LEU A 1 5   ? 3.587   -2.906  5.938   1.00  8.76  ? 6   LEU A CD1 1 
ATOM   36   C  CD2 . LEU A 1 5   ? 2.912   -0.536  6.471   1.00  9.73  ? 6   LEU A CD2 1 
ATOM   37   N  N   . ILE A 1 6   ? 3.263   -3.775  2.422   1.00  6.40  ? 7   ILE A N   1 
ATOM   38   C  CA  . ILE A 1 6   ? 2.140   -4.459  1.788   1.00  6.71  ? 7   ILE A CA  1 
ATOM   39   C  C   . ILE A 1 6   ? 1.180   -4.925  2.877   1.00  7.01  ? 7   ILE A C   1 
ATOM   40   O  O   . ILE A 1 6   ? 1.582   -5.663  3.780   1.00  6.96  ? 7   ILE A O   1 
ATOM   41   C  CB  . ILE A 1 6   ? 2.623   -5.706  1.011   1.00  6.92  ? 7   ILE A CB  1 
ATOM   42   C  CG1 . ILE A 1 6   ? 3.771   -5.339  0.068   1.00  7.61  ? 7   ILE A CG1 1 
ATOM   43   C  CG2 . ILE A 1 6   ? 1.469   -6.302  0.224   1.00  8.09  ? 7   ILE A CG2 1 
ATOM   44   C  CD1 . ILE A 1 6   ? 4.487   -6.550  -0.516  1.00  9.21  ? 7   ILE A CD1 1 
ATOM   45   N  N   . VAL A 1 7   ? -0.081  -4.501  2.785   1.00  6.39  ? 8   VAL A N   1 
ATOM   46   C  CA  . VAL A 1 7   ? -1.117  -4.861  3.757   1.00  7.41  ? 8   VAL A CA  1 
ATOM   47   C  C   . VAL A 1 7   ? -2.113  -5.705  2.973   1.00  6.85  ? 8   VAL A C   1 
ATOM   48   O  O   . VAL A 1 7   ? -2.939  -5.172  2.223   1.00  8.42  ? 8   VAL A O   1 
ATOM   49   C  CB  . VAL A 1 7   ? -1.805  -3.595  4.311   1.00  6.36  ? 8   VAL A CB  1 
ATOM   50   C  CG1 . VAL A 1 7   ? -2.767  -3.966  5.432   1.00  8.76  ? 8   VAL A CG1 1 
ATOM   51   C  CG2 . VAL A 1 7   ? -0.745  -2.599  4.797   1.00  7.93  ? 8   VAL A CG2 1 
ATOM   52   N  N   . GLU A 1 8   ? -2.030  -7.020  3.154   1.00  7.45  ? 9   GLU A N   1 
ATOM   53   C  CA  . GLU A 1 8   ? -2.841  -7.963  2.390   1.00  8.33  ? 9   GLU A CA  1 
ATOM   54   C  C   . GLU A 1 8   ? -3.005  -9.254  3.186   1.00  9.13  ? 9   GLU A C   1 
ATOM   55   O  O   . GLU A 1 8   ? -2.019  -9.847  3.614   1.00  10.18 ? 9   GLU A O   1 
ATOM   56   C  CB  . GLU A 1 8   ? -2.109  -8.226  1.062   1.00  9.42  ? 9   GLU A CB  1 
ATOM   57   C  CG  . GLU A 1 8   ? -2.634  -9.365  0.213   1.00  11.31 ? 9   GLU A CG  1 
ATOM   58   C  CD  . GLU A 1 8   ? -4.033  -9.129  -0.285  1.00  11.81 ? 9   GLU A CD  1 
ATOM   59   O  OE1 . GLU A 1 8   ? -4.234  -8.236  -1.138  1.00  15.02 ? 9   GLU A OE1 1 
ATOM   60   O  OE2 . GLU A 1 8   ? -4.932  -9.835  0.190   1.00  14.61 ? 9   GLU A OE2 1 
ATOM   61   N  N   . ASP A 1 9   ? -4.245  -9.692  3.382   1.00  10.58 ? 10  ASP A N   1 
ATOM   62   C  CA  . ASP A 1 9   ? -4.491  -10.908 4.148   1.00  11.17 ? 10  ASP A CA  1 
ATOM   63   C  C   . ASP A 1 9   ? -4.329  -12.199 3.356   1.00  10.15 ? 10  ASP A C   1 
ATOM   64   O  O   . ASP A 1 9   ? -4.046  -13.247 3.934   1.00  11.33 ? 10  ASP A O   1 
ATOM   65   C  CB  . ASP A 1 9   ? -5.894  -10.865 4.761   1.00  13.13 ? 10  ASP A CB  1 
ATOM   66   C  CG  A ASP A 1 9   ? -6.980  -10.897 3.714   0.69  15.76 ? 10  ASP A CG  1 
ATOM   67   C  CG  B ASP A 1 9   ? -6.296  -12.184 5.395   0.19  12.78 ? 10  ASP A CG  1 
ATOM   68   O  OD1 A ASP A 1 9   ? -7.766  -11.871 3.698   0.66  17.61 ? 10  ASP A OD1 1 
ATOM   69   O  OD1 B ASP A 1 9   ? -6.660  -13.115 4.646   0.14  12.94 ? 10  ASP A OD1 1 
ATOM   70   O  OD2 A ASP A 1 9   ? -7.045  -9.952  2.903   0.68  17.38 ? 10  ASP A OD2 1 
ATOM   71   O  OD2 B ASP A 1 9   ? -6.239  -12.290 6.639   0.15  13.06 ? 10  ASP A OD2 1 
ATOM   72   N  N   . ASN A 1 10  ? -4.495  -12.116 2.040   1.00  10.15 ? 11  ASN A N   1 
ATOM   73   C  CA  . ASN A 1 10  ? -4.398  -13.291 1.175   1.00  9.37  ? 11  ASN A CA  1 
ATOM   74   C  C   . ASN A 1 10  ? -2.951  -13.636 0.837   1.00  8.76  ? 11  ASN A C   1 
ATOM   75   O  O   . ASN A 1 10  ? -2.225  -12.809 0.287   1.00  9.14  ? 11  ASN A O   1 
ATOM   76   C  CB  . ASN A 1 10  ? -5.207  -13.041 -0.099  1.00  12.03 ? 11  ASN A CB  1 
ATOM   77   C  CG  . ASN A 1 10  ? -5.287  -14.257 -0.989  1.00  13.92 ? 11  ASN A CG  1 
ATOM   78   O  OD1 . ASN A 1 10  ? -4.435  -14.472 -1.848  1.00  14.56 ? 11  ASN A OD1 1 
ATOM   79   N  ND2 . ASN A 1 10  ? -6.316  -15.072 -0.779  1.00  17.32 ? 11  ASN A ND2 1 
ATOM   80   N  N   . GLU A 1 11  ? -2.554  -14.865 1.161   1.00  8.49  ? 12  GLU A N   1 
ATOM   81   C  CA  . GLU A 1 11  ? -1.187  -15.337 0.937   1.00  8.83  ? 12  GLU A CA  1 
ATOM   82   C  C   . GLU A 1 11  ? -0.730  -15.232 -0.514  1.00  9.17  ? 12  GLU A C   1 
ATOM   83   O  O   . GLU A 1 11  ? 0.381   -14.778 -0.794  1.00  9.22  ? 12  GLU A O   1 
ATOM   84   C  CB  . GLU A 1 11  ? -1.050  -16.789 1.415   1.00  9.02  ? 12  GLU A CB  1 
ATOM   85   C  CG  . GLU A 1 11  ? 0.380   -17.321 1.386   1.00  10.06 ? 12  GLU A CG  1 
ATOM   86   C  CD  . GLU A 1 11  ? 0.475   -18.793 1.750   1.00  10.29 ? 12  GLU A CD  1 
ATOM   87   O  OE1 . GLU A 1 11  ? -0.458  -19.322 2.393   1.00  12.16 ? 12  GLU A OE1 1 
ATOM   88   O  OE2 . GLU A 1 11  ? 1.497   -19.420 1.403   1.00  10.69 ? 12  GLU A OE2 1 
ATOM   89   N  N   . LEU A 1 12  ? -1.586  -15.652 -1.439  1.00  8.09  ? 13  LEU A N   1 
ATOM   90   C  CA  . LEU A 1 12  ? -1.240  -15.598 -2.856  1.00  9.66  ? 13  LEU A CA  1 
ATOM   91   C  C   . LEU A 1 12  ? -1.008  -14.174 -3.342  1.00  9.54  ? 13  LEU A C   1 
ATOM   92   O  O   . LEU A 1 12  ? -0.053  -13.914 -4.067  1.00  9.13  ? 13  LEU A O   1 
ATOM   93   C  CB  . LEU A 1 12  ? -2.333  -16.261 -3.694  1.00  11.28 ? 13  LEU A CB  1 
ATOM   94   C  CG  . LEU A 1 12  ? -2.477  -17.777 -3.535  1.00  12.58 ? 13  LEU A CG  1 
ATOM   95   C  CD1 . LEU A 1 12  ? -3.716  -18.252 -4.275  1.00  14.13 ? 13  LEU A CD1 1 
ATOM   96   C  CD2 . LEU A 1 12  ? -1.230  -18.471 -4.065  1.00  13.86 ? 13  LEU A CD2 1 
ATOM   97   N  N   . ASN A 1 13  ? -1.878  -13.247 -2.954  1.00  8.82  ? 14  ASN A N   1 
ATOM   98   C  CA  . ASN A 1 13  ? -1.703  -11.864 -3.378  1.00  9.36  ? 14  ASN A CA  1 
ATOM   99   C  C   . ASN A 1 13  ? -0.457  -11.256 -2.743  1.00  8.59  ? 14  ASN A C   1 
ATOM   100  O  O   . ASN A 1 13  ? 0.292   -10.524 -3.396  1.00  9.54  ? 14  ASN A O   1 
ATOM   101  C  CB  . ASN A 1 13  ? -2.926  -11.014 -3.011  1.00  11.34 ? 14  ASN A CB  1 
ATOM   102  C  CG  . ASN A 1 13  ? -4.184  -11.444 -3.749  1.00  15.33 ? 14  ASN A CG  1 
ATOM   103  O  OD1 . ASN A 1 13  ? -4.123  -11.903 -4.889  1.00  18.05 ? 14  ASN A OD1 1 
ATOM   104  N  ND2 . ASN A 1 13  ? -5.335  -11.275 -3.105  1.00  16.42 ? 14  ASN A ND2 1 
ATOM   105  N  N   . MET A 1 14  ? -0.234  -11.562 -1.468  1.00  8.73  ? 15  MET A N   1 
ATOM   106  C  CA  . MET A 1 14  ? 0.931   -11.037 -0.769  1.00  8.36  ? 15  MET A CA  1 
ATOM   107  C  C   . MET A 1 14  ? 2.200   -11.477 -1.484  1.00  7.74  ? 15  MET A C   1 
ATOM   108  O  O   . MET A 1 14  ? 3.113   -10.678 -1.695  1.00  7.73  ? 15  MET A O   1 
ATOM   109  C  CB  . MET A 1 14  ? 0.952   -11.540 0.678   1.00  9.18  ? 15  MET A CB  1 
ATOM   110  C  CG  . MET A 1 14  ? 2.187   -11.121 1.465   1.00  9.83  ? 15  MET A CG  1 
ATOM   111  S  SD  . MET A 1 14  ? 2.285   -9.353  1.766   1.00  10.31 ? 15  MET A SD  1 
ATOM   112  C  CE  . MET A 1 14  ? 1.294   -9.222  3.259   1.00  10.19 ? 15  MET A CE  1 
ATOM   113  N  N   . LYS A 1 15  ? 2.252   -12.748 -1.866  1.00  8.27  ? 16  LYS A N   1 
ATOM   114  C  CA  . LYS A 1 15  ? 3.426   -13.272 -2.549  1.00  8.79  ? 16  LYS A CA  1 
ATOM   115  C  C   . LYS A 1 15  ? 3.640   -12.656 -3.920  1.00  9.13  ? 16  LYS A C   1 
ATOM   116  O  O   . LYS A 1 15  ? 4.768   -12.362 -4.292  1.00  9.51  ? 16  LYS A O   1 
ATOM   117  C  CB  . LYS A 1 15  ? 3.338   -14.791 -2.660  1.00  8.69  ? 16  LYS A CB  1 
ATOM   118  C  CG  . LYS A 1 15  ? 3.681   -15.477 -1.362  1.00  9.68  ? 16  LYS A CG  1 
ATOM   119  C  CD  . LYS A 1 15  ? 3.514   -16.980 -1.440  1.00  10.80 ? 16  LYS A CD  1 
ATOM   120  C  CE  . LYS A 1 15  ? 4.081   -17.625 -0.181  1.00  10.75 ? 16  LYS A CE  1 
ATOM   121  N  NZ  . LYS A 1 15  ? 3.785   -19.078 -0.118  1.00  10.17 ? 16  LYS A NZ  1 
ATOM   122  N  N   . LEU A 1 16  ? 2.566   -12.454 -4.673  1.00  9.18  ? 17  LEU A N   1 
ATOM   123  C  CA  . LEU A 1 16  ? 2.703   -11.848 -5.989  1.00  10.47 ? 17  LEU A CA  1 
ATOM   124  C  C   . LEU A 1 16  ? 3.256   -10.433 -5.860  1.00  9.24  ? 17  LEU A C   1 
ATOM   125  O  O   . LEU A 1 16  ? 4.198   -10.054 -6.554  1.00  10.37 ? 17  LEU A O   1 
ATOM   126  C  CB  . LEU A 1 16  ? 1.350   -11.803 -6.700  1.00  11.73 ? 17  LEU A CB  1 
ATOM   127  C  CG  . LEU A 1 16  ? 1.332   -11.076 -8.049  1.00  13.44 ? 17  LEU A CG  1 
ATOM   128  C  CD1 . LEU A 1 16  ? 2.322   -11.716 -9.015  1.00  15.25 ? 17  LEU A CD1 1 
ATOM   129  C  CD2 . LEU A 1 16  ? -0.078  -11.118 -8.611  1.00  15.54 ? 17  LEU A CD2 1 
ATOM   130  N  N   . PHE A 1 17  ? 2.672   -9.654  -4.954  1.00  9.02  ? 18  PHE A N   1 
ATOM   131  C  CA  . PHE A 1 17  ? 3.097   -8.275  -4.746  1.00  8.98  ? 18  PHE A CA  1 
ATOM   132  C  C   . PHE A 1 17  ? 4.551   -8.216  -4.291  1.00  8.93  ? 18  PHE A C   1 
ATOM   133  O  O   . PHE A 1 17  ? 5.332   -7.398  -4.784  1.00  9.51  ? 18  PHE A O   1 
ATOM   134  C  CB  . PHE A 1 17  ? 2.189   -7.598  -3.708  1.00  10.42 ? 18  PHE A CB  1 
ATOM   135  C  CG  A PHE A 1 17  ? 0.724   -7.581  -4.087  0.50  10.53 ? 18  PHE A CG  1 
ATOM   136  C  CG  B PHE A 1 17  ? 0.803   -7.289  -4.205  0.50  11.03 ? 18  PHE A CG  1 
ATOM   137  C  CD1 A PHE A 1 17  ? -0.243  -7.233  -3.147  0.50  10.64 ? 18  PHE A CD1 1 
ATOM   138  C  CD1 B PHE A 1 17  ? -0.248  -7.147  -3.304  0.50  12.04 ? 18  PHE A CD1 1 
ATOM   139  C  CD2 A PHE A 1 17  ? 0.309   -7.908  -5.380  0.50  11.00 ? 18  PHE A CD2 1 
ATOM   140  C  CD2 B PHE A 1 17  ? 0.548   -7.114  -5.561  0.50  11.62 ? 18  PHE A CD2 1 
ATOM   141  C  CE1 A PHE A 1 17  ? -1.598  -7.211  -3.484  0.50  10.44 ? 18  PHE A CE1 1 
ATOM   142  C  CE1 B PHE A 1 17  ? -1.531  -6.835  -3.743  0.50  12.33 ? 18  PHE A CE1 1 
ATOM   143  C  CE2 A PHE A 1 17  ? -1.044  -7.889  -5.728  0.50  11.18 ? 18  PHE A CE2 1 
ATOM   144  C  CE2 B PHE A 1 17  ? -0.735  -6.801  -6.011  0.50  12.61 ? 18  PHE A CE2 1 
ATOM   145  C  CZ  A PHE A 1 17  ? -1.999  -7.539  -4.775  0.50  9.68  ? 18  PHE A CZ  1 
ATOM   146  C  CZ  B PHE A 1 17  ? -1.774  -6.661  -5.097  0.50  12.67 ? 18  PHE A CZ  1 
ATOM   147  N  N   . HIS A 1 18  ? 4.918   -9.085  -3.355  1.00  8.55  ? 19  HIS A N   1 
ATOM   148  C  CA  . HIS A 1 18  ? 6.288   -9.119  -2.858  1.00  9.22  ? 19  HIS A CA  1 
ATOM   149  C  C   . HIS A 1 18  ? 7.271   -9.460  -3.976  1.00  8.92  ? 19  HIS A C   1 
ATOM   150  O  O   . HIS A 1 18  ? 8.283   -8.779  -4.156  1.00  9.67  ? 19  HIS A O   1 
ATOM   151  C  CB  . HIS A 1 18  ? 6.430   -10.151 -1.731  1.00  9.88  ? 19  HIS A CB  1 
ATOM   152  C  CG  . HIS A 1 18  ? 7.853   -10.489 -1.415  1.00  10.48 ? 19  HIS A CG  1 
ATOM   153  N  ND1 . HIS A 1 18  ? 8.697   -9.618  -0.758  1.00  12.62 ? 19  HIS A ND1 1 
ATOM   154  C  CD2 . HIS A 1 18  ? 8.606   -11.566 -1.742  1.00  12.22 ? 19  HIS A CD2 1 
ATOM   155  C  CE1 . HIS A 1 18  ? 9.908   -10.142 -0.699  1.00  13.38 ? 19  HIS A CE1 1 
ATOM   156  N  NE2 . HIS A 1 18  ? 9.882   -11.324 -1.291  1.00  13.13 ? 19  HIS A NE2 1 
ATOM   157  N  N   . ASP A 1 19  ? 6.973   -10.519 -4.722  1.00  10.17 ? 20  ASP A N   1 
ATOM   158  C  CA  . ASP A 1 19  ? 7.855   -10.944 -5.805  1.00  10.29 ? 20  ASP A CA  1 
ATOM   159  C  C   . ASP A 1 19  ? 8.050   -9.844  -6.842  1.00  10.50 ? 20  ASP A C   1 
ATOM   160  O  O   . ASP A 1 19  ? 9.171   -9.575  -7.265  1.00  10.46 ? 20  ASP A O   1 
ATOM   161  C  CB  . ASP A 1 19  ? 7.303   -12.204 -6.486  1.00  12.67 ? 20  ASP A CB  1 
ATOM   162  C  CG  . ASP A 1 19  ? 7.493   -13.459 -5.644  1.00  14.35 ? 20  ASP A CG  1 
ATOM   163  O  OD1 . ASP A 1 19  ? 6.969   -14.519 -6.044  1.00  17.01 ? 20  ASP A OD1 1 
ATOM   164  O  OD2 . ASP A 1 19  ? 8.165   -13.387 -4.592  1.00  17.55 ? 20  ASP A OD2 1 
ATOM   165  N  N   . LEU A 1 20  ? 6.959   -9.207  -7.246  1.00  10.25 ? 21  LEU A N   1 
ATOM   166  C  CA  . LEU A 1 20  ? 7.042   -8.146  -8.239  1.00  10.58 ? 21  LEU A CA  1 
ATOM   167  C  C   . LEU A 1 20  ? 7.862   -6.959  -7.745  1.00  10.84 ? 21  LEU A C   1 
ATOM   168  O  O   . LEU A 1 20  ? 8.703   -6.426  -8.476  1.00  12.14 ? 21  LEU A O   1 
ATOM   169  C  CB  . LEU A 1 20  ? 5.639   -7.678  -8.628  1.00  10.94 ? 21  LEU A CB  1 
ATOM   170  C  CG  . LEU A 1 20  ? 4.776   -8.673  -9.403  1.00  11.84 ? 21  LEU A CG  1 
ATOM   171  C  CD1 . LEU A 1 20  ? 3.369   -8.117  -9.541  1.00  13.27 ? 21  LEU A CD1 1 
ATOM   172  C  CD2 . LEU A 1 20  ? 5.394   -8.943  -10.775 1.00  13.73 ? 21  LEU A CD2 1 
ATOM   173  N  N   . LEU A 1 21  ? 7.627   -6.544  -6.505  1.00  10.57 ? 22  LEU A N   1 
ATOM   174  C  CA  . LEU A 1 21  ? 8.350   -5.409  -5.951  1.00  10.69 ? 22  LEU A CA  1 
ATOM   175  C  C   . LEU A 1 21  ? 9.825   -5.717  -5.710  1.00  11.76 ? 22  LEU A C   1 
ATOM   176  O  O   . LEU A 1 21  ? 10.687  -4.883  -5.989  1.00  11.52 ? 22  LEU A O   1 
ATOM   177  C  CB  . LEU A 1 21  ? 7.682   -4.947  -4.654  1.00  10.39 ? 22  LEU A CB  1 
ATOM   178  C  CG  . LEU A 1 21  ? 6.278   -4.364  -4.857  1.00  10.90 ? 22  LEU A CG  1 
ATOM   179  C  CD1 . LEU A 1 21  ? 5.593   -4.220  -3.506  1.00  10.98 ? 22  LEU A CD1 1 
ATOM   180  C  CD2 . LEU A 1 21  ? 6.361   -3.020  -5.576  1.00  12.98 ? 22  LEU A CD2 1 
ATOM   181  N  N   . GLU A 1 22  ? 10.120  -6.913  -5.206  1.00  12.29 ? 23  GLU A N   1 
ATOM   182  C  CA  . GLU A 1 22  ? 11.506  -7.286  -4.950  1.00  13.91 ? 23  GLU A CA  1 
ATOM   183  C  C   . GLU A 1 22  ? 12.303  -7.352  -6.252  1.00  14.38 ? 23  GLU A C   1 
ATOM   184  O  O   . GLU A 1 22  ? 13.491  -7.026  -6.273  1.00  14.61 ? 23  GLU A O   1 
ATOM   185  C  CB  . GLU A 1 22  ? 11.574  -8.640  -4.239  1.00  14.99 ? 23  GLU A CB  1 
ATOM   186  C  CG  . GLU A 1 22  ? 12.990  -9.084  -3.908  1.00  18.37 ? 23  GLU A CG  1 
ATOM   187  C  CD  . GLU A 1 22  ? 13.031  -10.406 -3.173  0.50  18.97 ? 23  GLU A CD  1 
ATOM   188  O  OE1 . GLU A 1 22  ? 12.614  -11.426 -3.759  0.50  20.23 ? 23  GLU A OE1 1 
ATOM   189  O  OE2 . GLU A 1 22  ? 13.477  -10.422 -2.008  0.50  21.04 ? 23  GLU A OE2 1 
ATOM   190  N  N   . ALA A 1 23  ? 11.644  -7.765  -7.332  1.00  14.67 ? 24  ALA A N   1 
ATOM   191  C  CA  . ALA A 1 23  ? 12.297  -7.872  -8.635  1.00  15.63 ? 24  ALA A CA  1 
ATOM   192  C  C   . ALA A 1 23  ? 12.694  -6.494  -9.160  1.00  16.55 ? 24  ALA A C   1 
ATOM   193  O  O   . ALA A 1 23  ? 13.550  -6.376  -10.041 1.00  17.76 ? 24  ALA A O   1 
ATOM   194  C  CB  . ALA A 1 23  ? 11.374  -8.570  -9.630  1.00  15.63 ? 24  ALA A CB  1 
ATOM   195  N  N   . GLN A 1 24  ? 12.075  -5.454  -8.614  1.00  17.42 ? 25  GLN A N   1 
ATOM   196  C  CA  . GLN A 1 24  ? 12.377  -4.085  -9.021  1.00  18.56 ? 25  GLN A CA  1 
ATOM   197  C  C   . GLN A 1 24  ? 13.470  -3.485  -8.142  1.00  18.67 ? 25  GLN A C   1 
ATOM   198  O  O   . GLN A 1 24  ? 13.895  -2.349  -8.353  1.00  19.96 ? 25  GLN A O   1 
ATOM   199  C  CB  . GLN A 1 24  ? 11.119  -3.216  -8.938  1.00  19.36 ? 25  GLN A CB  1 
ATOM   200  C  CG  . GLN A 1 24  ? 10.032  -3.590  -9.936  1.00  21.45 ? 25  GLN A CG  1 
ATOM   201  C  CD  . GLN A 1 24  ? 10.490  -3.447  -11.370 1.00  23.45 ? 25  GLN A CD  1 
ATOM   202  O  OE1 . GLN A 1 24  ? 10.991  -2.397  -11.770 1.00  24.46 ? 25  GLN A OE1 1 
ATOM   203  N  NE2 . GLN A 1 24  ? 10.317  -4.504  -12.157 1.00  24.23 ? 25  GLN A NE2 1 
ATOM   204  N  N   . GLY A 1 25  ? 13.915  -4.249  -7.148  1.00  18.09 ? 26  GLY A N   1 
ATOM   205  C  CA  . GLY A 1 25  ? 14.959  -3.772  -6.258  1.00  18.17 ? 26  GLY A CA  1 
ATOM   206  C  C   . GLY A 1 25  ? 14.450  -3.132  -4.980  1.00  18.12 ? 26  GLY A C   1 
ATOM   207  O  O   . GLY A 1 25  ? 15.221  -2.514  -4.244  1.00  18.38 ? 26  GLY A O   1 
ATOM   208  N  N   . TYR A 1 26  ? 13.158  -3.273  -4.705  1.00  16.94 ? 27  TYR A N   1 
ATOM   209  C  CA  . TYR A 1 26  ? 12.581  -2.692  -3.497  1.00  16.57 ? 27  TYR A CA  1 
ATOM   210  C  C   . TYR A 1 26  ? 12.558  -3.680  -2.343  1.00  15.74 ? 27  TYR A C   1 
ATOM   211  O  O   . TYR A 1 26  ? 12.548  -4.892  -2.547  1.00  15.95 ? 27  TYR A O   1 
ATOM   212  C  CB  . TYR A 1 26  ? 11.142  -2.230  -3.752  1.00  16.83 ? 27  TYR A CB  1 
ATOM   213  C  CG  A TYR A 1 26  ? 10.999  -1.274  -4.917  0.50  18.22 ? 27  TYR A CG  1 
ATOM   214  C  CG  B TYR A 1 26  ? 11.004  -1.090  -4.731  0.50  17.62 ? 27  TYR A CG  1 
ATOM   215  C  CD1 A TYR A 1 26  ? 9.754   -1.037  -5.498  0.50  18.95 ? 27  TYR A CD1 1 
ATOM   216  C  CD1 B TYR A 1 26  ? 10.507  -1.307  -6.016  0.50  17.87 ? 27  TYR A CD1 1 
ATOM   217  C  CD2 A TYR A 1 26  ? 12.108  -0.609  -5.443  0.50  18.55 ? 27  TYR A CD2 1 
ATOM   218  C  CD2 B TYR A 1 26  ? 11.355  0.209   -4.368  0.50  18.20 ? 27  TYR A CD2 1 
ATOM   219  C  CE1 A TYR A 1 26  ? 9.618   -0.163  -6.577  0.50  19.40 ? 27  TYR A CE1 1 
ATOM   220  C  CE1 B TYR A 1 26  ? 10.360  -0.254  -6.916  0.50  18.55 ? 27  TYR A CE1 1 
ATOM   221  C  CE2 A TYR A 1 26  ? 11.983  0.264   -6.519  0.50  19.56 ? 27  TYR A CE2 1 
ATOM   222  C  CE2 B TYR A 1 26  ? 11.213  1.268   -5.260  0.50  19.06 ? 27  TYR A CE2 1 
ATOM   223  C  CZ  A TYR A 1 26  ? 10.737  0.481   -7.082  0.50  20.05 ? 27  TYR A CZ  1 
ATOM   224  C  CZ  B TYR A 1 26  ? 10.715  1.031   -6.531  0.50  18.65 ? 27  TYR A CZ  1 
ATOM   225  O  OH  A TYR A 1 26  ? 10.615  1.335   -8.155  0.50  21.14 ? 27  TYR A OH  1 
ATOM   226  O  OH  B TYR A 1 26  ? 10.565  2.077   -7.411  0.50  19.46 ? 27  TYR A OH  1 
ATOM   227  N  N   . GLU A 1 27  ? 12.559  -3.151  -1.128  1.00  14.84 ? 28  GLU A N   1 
ATOM   228  C  CA  . GLU A 1 27  ? 12.475  -3.988  0.056   1.00  14.72 ? 28  GLU A CA  1 
ATOM   229  C  C   . GLU A 1 27  ? 11.005  -3.929  0.436   1.00  13.23 ? 28  GLU A C   1 
ATOM   230  O  O   . GLU A 1 27  ? 10.331  -2.943  0.145   1.00  13.70 ? 28  GLU A O   1 
ATOM   231  C  CB  . GLU A 1 27  ? 13.327  -3.428  1.197   1.00  16.41 ? 28  GLU A CB  1 
ATOM   232  C  CG  . GLU A 1 27  ? 14.819  -3.423  0.914   0.50  17.75 ? 28  GLU A CG  1 
ATOM   233  C  CD  . GLU A 1 27  ? 15.646  -3.209  2.164   0.50  19.11 ? 28  GLU A CD  1 
ATOM   234  O  OE1 . GLU A 1 27  ? 15.350  -2.260  2.919   0.50  19.81 ? 28  GLU A OE1 1 
ATOM   235  O  OE2 . GLU A 1 27  ? 16.597  -3.987  2.388   0.50  21.04 ? 28  GLU A OE2 1 
ATOM   236  N  N   . THR A 1 28  ? 10.497  -4.978  1.064   1.00  11.41 ? 29  THR A N   1 
ATOM   237  C  CA  . THR A 1 28  ? 9.097   -4.974  1.455   1.00  10.22 ? 29  THR A CA  1 
ATOM   238  C  C   . THR A 1 28  ? 8.894   -5.291  2.926   1.00  9.59  ? 29  THR A C   1 
ATOM   239  O  O   . THR A 1 28  ? 9.707   -5.976  3.553   1.00  9.75  ? 29  THR A O   1 
ATOM   240  C  CB  . THR A 1 28  ? 8.268   -5.999  0.644   1.00  10.54 ? 29  THR A CB  1 
ATOM   241  O  OG1 . THR A 1 28  ? 8.676   -7.329  0.991   1.00  11.74 ? 29  THR A OG1 1 
ATOM   242  C  CG2 . THR A 1 28  ? 8.455   -5.784  -0.851  1.00  10.35 ? 29  THR A CG2 1 
ATOM   243  N  N   . LEU A 1 29  ? 7.805   -4.755  3.465   1.00  9.33  ? 30  LEU A N   1 
ATOM   244  C  CA  . LEU A 1 29  ? 7.383   -4.993  4.838   1.00  9.16  ? 30  LEU A CA  1 
ATOM   245  C  C   . LEU A 1 29  ? 6.009   -5.611  4.589   1.00  8.57  ? 30  LEU A C   1 
ATOM   246  O  O   . LEU A 1 29  ? 5.292   -5.189  3.674   1.00  8.78  ? 30  LEU A O   1 
ATOM   247  C  CB  . LEU A 1 29  ? 7.292   -3.680  5.620   1.00  10.42 ? 30  LEU A CB  1 
ATOM   248  C  CG  . LEU A 1 29  ? 8.643   -2.980  5.818   1.00  11.27 ? 30  LEU A CG  1 
ATOM   249  C  CD1 . LEU A 1 29  ? 8.426   -1.604  6.426   1.00  12.41 ? 30  LEU A CD1 1 
ATOM   250  C  CD2 . LEU A 1 29  ? 9.546   -3.826  6.707   1.00  13.46 ? 30  LEU A CD2 1 
ATOM   251  N  N   . GLN A 1 30  ? 5.639   -6.600  5.392   1.00  8.40  ? 31  GLN A N   1 
ATOM   252  C  CA  . GLN A 1 30  ? 4.396   -7.329  5.170   1.00  7.70  ? 31  GLN A CA  1 
ATOM   253  C  C   . GLN A 1 30  ? 3.520   -7.550  6.388   1.00  7.43  ? 31  GLN A C   1 
ATOM   254  O  O   . GLN A 1 30  ? 4.018   -7.875  7.463   1.00  8.91  ? 31  GLN A O   1 
ATOM   255  C  CB  . GLN A 1 30  ? 4.752   -8.705  4.591   1.00  7.64  ? 31  GLN A CB  1 
ATOM   256  C  CG  . GLN A 1 30  ? 5.700   -8.648  3.396   1.00  7.52  ? 31  GLN A CG  1 
ATOM   257  C  CD  . GLN A 1 30  ? 6.560   -9.884  3.244   1.00  8.36  ? 31  GLN A CD  1 
ATOM   258  O  OE1 . GLN A 1 30  ? 6.377   -10.883 3.940   1.00  9.43  ? 31  GLN A OE1 1 
ATOM   259  N  NE2 . GLN A 1 30  ? 7.509   -9.822  2.319   1.00  8.17  ? 31  GLN A NE2 1 
ATOM   260  N  N   . THR A 1 31  ? 2.213   -7.391  6.213   1.00  6.35  ? 32  THR A N   1 
ATOM   261  C  CA  . THR A 1 31  ? 1.272   -7.670  7.288   1.00  7.11  ? 32  THR A CA  1 
ATOM   262  C  C   . THR A 1 31  ? -0.094  -7.970  6.703   1.00  7.45  ? 32  THR A C   1 
ATOM   263  O  O   . THR A 1 31  ? -0.435  -7.491  5.620   1.00  7.86  ? 32  THR A O   1 
ATOM   264  C  CB  . THR A 1 31  ? 1.150   -6.513  8.301   1.00  8.27  ? 32  THR A CB  1 
ATOM   265  O  OG1 . THR A 1 31  ? 0.283   -6.924  9.369   1.00  8.63  ? 32  THR A OG1 1 
ATOM   266  C  CG2 . THR A 1 31  ? 0.591   -5.254  7.642   1.00  9.39  ? 32  THR A CG2 1 
ATOM   267  N  N   . ARG A 1 32  ? -0.868  -8.778  7.422   1.00  8.14  ? 33  ARG A N   1 
ATOM   268  C  CA  . ARG A 1 32  ? -2.206  -9.143  6.984   1.00  9.06  ? 33  ARG A CA  1 
ATOM   269  C  C   . ARG A 1 32  ? -3.269  -8.283  7.651   1.00  9.70  ? 33  ARG A C   1 
ATOM   270  O  O   . ARG A 1 32  ? -4.436  -8.354  7.276   1.00  10.94 ? 33  ARG A O   1 
ATOM   271  C  CB  . ARG A 1 32  ? -2.500  -10.600 7.338   1.00  10.05 ? 33  ARG A CB  1 
ATOM   272  C  CG  . ARG A 1 32  ? -1.488  -11.604 6.819   1.00  9.97  ? 33  ARG A CG  1 
ATOM   273  C  CD  . ARG A 1 32  ? -1.842  -13.005 7.306   1.00  12.28 ? 33  ARG A CD  1 
ATOM   274  N  NE  . ARG A 1 32  ? -3.139  -13.439 6.793   1.00  14.36 ? 33  ARG A NE  1 
ATOM   275  C  CZ  . ARG A 1 32  ? -3.787  -14.525 7.203   1.00  16.48 ? 33  ARG A CZ  1 
ATOM   276  N  NH1 . ARG A 1 32  ? -3.262  -15.300 8.140   1.00  18.42 ? 33  ARG A NH1 1 
ATOM   277  N  NH2 . ARG A 1 32  ? -4.957  -14.837 6.669   1.00  18.62 ? 33  ARG A NH2 1 
ATOM   278  N  N   . GLU A 1 33  ? -2.874  -7.464  8.618   1.00  10.14 ? 34  GLU A N   1 
ATOM   279  C  CA  . GLU A 1 33  ? -3.850  -6.668  9.361   1.00  10.77 ? 34  GLU A CA  1 
ATOM   280  C  C   . GLU A 1 33  ? -3.684  -5.153  9.326   1.00  10.04 ? 34  GLU A C   1 
ATOM   281  O  O   . GLU A 1 33  ? -2.571  -4.627  9.359   1.00  9.30  ? 34  GLU A O   1 
ATOM   282  C  CB  . GLU A 1 33  ? -3.878  -7.149  10.814  1.00  13.76 ? 34  GLU A CB  1 
ATOM   283  C  CG  . GLU A 1 33  ? -4.255  -8.621  10.942  0.50  15.06 ? 34  GLU A CG  1 
ATOM   284  C  CD  . GLU A 1 33  ? -4.166  -9.137  12.365  0.50  16.77 ? 34  GLU A CD  1 
ATOM   285  O  OE1 . GLU A 1 33  ? -4.869  -8.593  13.241  0.50  18.93 ? 34  GLU A OE1 1 
ATOM   286  O  OE2 . GLU A 1 33  ? -3.396  -10.090 12.609  0.50  18.75 ? 34  GLU A OE2 1 
ATOM   287  N  N   . GLY A 1 34  ? -4.817  -4.459  9.269   1.00  10.05 ? 35  GLY A N   1 
ATOM   288  C  CA  . GLY A 1 34  ? -4.807  -3.008  9.224   1.00  9.29  ? 35  GLY A CA  1 
ATOM   289  C  C   . GLY A 1 34  ? -4.174  -2.325  10.426  1.00  9.88  ? 35  GLY A C   1 
ATOM   290  O  O   . GLY A 1 34  ? -3.371  -1.407  10.270  1.00  9.77  ? 35  GLY A O   1 
ATOM   291  N  N   . LEU A 1 35  ? -4.527  -2.750  11.634  1.00  9.57  ? 36  LEU A N   1 
ATOM   292  C  CA  . LEU A 1 35  ? -3.952  -2.130  12.826  1.00  9.63  ? 36  LEU A CA  1 
ATOM   293  C  C   . LEU A 1 35  ? -2.444  -2.330  12.894  1.00  10.13 ? 36  LEU A C   1 
ATOM   294  O  O   . LEU A 1 35  ? -1.705  -1.420  13.265  1.00  10.01 ? 36  LEU A O   1 
ATOM   295  C  CB  . LEU A 1 35  ? -4.605  -2.689  14.090  1.00  10.07 ? 36  LEU A CB  1 
ATOM   296  C  CG  . LEU A 1 35  ? -6.071  -2.298  14.301  1.00  10.89 ? 36  LEU A CG  1 
ATOM   297  C  CD1 . LEU A 1 35  ? -6.596  -3.011  15.534  1.00  11.28 ? 36  LEU A CD1 1 
ATOM   298  C  CD2 . LEU A 1 35  ? -6.200  -0.783  14.453  1.00  11.08 ? 36  LEU A CD2 1 
ATOM   299  N  N   . SER A 1 36  ? -1.984  -3.527  12.547  1.00  10.23 ? 37  SER A N   1 
ATOM   300  C  CA  . SER A 1 36  ? -0.556  -3.792  12.570  1.00  10.09 ? 37  SER A CA  1 
ATOM   301  C  C   . SER A 1 36  ? 0.161   -2.949  11.519  1.00  10.26 ? 37  SER A C   1 
ATOM   302  O  O   . SER A 1 36  ? 1.311   -2.563  11.710  1.00  10.26 ? 37  SER A O   1 
ATOM   303  C  CB  . SER A 1 36  ? -0.285  -5.279  12.336  1.00  11.90 ? 37  SER A CB  1 
ATOM   304  O  OG  A SER A 1 36  ? -0.879  -6.068  13.350  0.50  13.15 ? 37  SER A OG  1 
ATOM   305  O  OG  B SER A 1 36  ? -0.969  -5.756  11.195  0.50  14.11 ? 37  SER A OG  1 
ATOM   306  N  N   . ALA A 1 37  ? -0.515  -2.655  10.411  1.00  9.90  ? 38  ALA A N   1 
ATOM   307  C  CA  . ALA A 1 37  ? 0.103   -1.834  9.375   1.00  8.84  ? 38  ALA A CA  1 
ATOM   308  C  C   . ALA A 1 37  ? 0.486   -0.467  9.942   1.00  9.33  ? 38  ALA A C   1 
ATOM   309  O  O   . ALA A 1 37  ? 1.544   0.077   9.624   1.00  9.40  ? 38  ALA A O   1 
ATOM   310  C  CB  . ALA A 1 37  ? -0.850  -1.664  8.193   1.00  9.39  ? 38  ALA A CB  1 
ATOM   311  N  N   . LEU A 1 38  ? -0.376  0.084   10.789  1.00  9.84  ? 39  LEU A N   1 
ATOM   312  C  CA  . LEU A 1 38  ? -0.113  1.381   11.400  1.00  9.33  ? 39  LEU A CA  1 
ATOM   313  C  C   . LEU A 1 38  ? 1.116   1.303   12.311  1.00  9.35  ? 39  LEU A C   1 
ATOM   314  O  O   . LEU A 1 38  ? 1.986   2.176   12.270  1.00  9.64  ? 39  LEU A O   1 
ATOM   315  C  CB  . LEU A 1 38  ? -1.345  1.845   12.191  1.00  10.42 ? 39  LEU A CB  1 
ATOM   316  C  CG  . LEU A 1 38  ? -2.571  2.168   11.330  1.00  12.24 ? 39  LEU A CG  1 
ATOM   317  C  CD1 . LEU A 1 38  ? -3.797  2.366   12.200  1.00  12.56 ? 39  LEU A CD1 1 
ATOM   318  C  CD2 . LEU A 1 38  ? -2.296  3.414   10.509  1.00  14.27 ? 39  LEU A CD2 1 
ATOM   319  N  N   . SER A 1 39  ? 1.194   0.244   13.112  1.00  9.37  ? 40  SER A N   1 
ATOM   320  C  CA  . SER A 1 39  ? 2.328   0.049   14.009  1.00  10.19 ? 40  SER A CA  1 
ATOM   321  C  C   . SER A 1 39  ? 3.624   -0.092  13.213  1.00  10.68 ? 40  SER A C   1 
ATOM   322  O  O   . SER A 1 39  ? 4.643   0.503   13.554  1.00  12.32 ? 40  SER A O   1 
ATOM   323  C  CB  . SER A 1 39  ? 2.131   -1.216  14.850  1.00  10.72 ? 40  SER A CB  1 
ATOM   324  O  OG  . SER A 1 39  ? 0.905   -1.184  15.557  1.00  13.85 ? 40  SER A OG  1 
ATOM   325  N  N   . ILE A 1 40  ? 3.581   -0.897  12.156  1.00  10.07 ? 41  ILE A N   1 
ATOM   326  C  CA  . ILE A 1 40  ? 4.757   -1.123  11.324  1.00  10.27 ? 41  ILE A CA  1 
ATOM   327  C  C   . ILE A 1 40  ? 5.194   0.147   10.599  1.00  11.27 ? 41  ILE A C   1 
ATOM   328  O  O   . ILE A 1 40  ? 6.386   0.395   10.428  1.00  12.25 ? 41  ILE A O   1 
ATOM   329  C  CB  . ILE A 1 40  ? 4.483   -2.258  10.301  1.00  9.81  ? 41  ILE A CB  1 
ATOM   330  C  CG1 . ILE A 1 40  ? 4.285   -3.579  11.053  1.00  9.70  ? 41  ILE A CG1 1 
ATOM   331  C  CG2 . ILE A 1 40  ? 5.647   -2.387  9.320   1.00  10.80 ? 41  ILE A CG2 1 
ATOM   332  C  CD1 . ILE A 1 40  ? 3.760   -4.710  10.186  1.00  11.08 ? 41  ILE A CD1 1 
ATOM   333  N  N   . ALA A 1 41  ? 4.228   0.953   10.173  1.00  11.03 ? 42  ALA A N   1 
ATOM   334  C  CA  . ALA A 1 41  ? 4.545   2.190   9.471   1.00  11.82 ? 42  ALA A CA  1 
ATOM   335  C  C   . ALA A 1 41  ? 5.317   3.175   10.355  1.00  12.97 ? 42  ALA A C   1 
ATOM   336  O  O   . ALA A 1 41  ? 6.218   3.866   9.880   1.00  13.40 ? 42  ALA A O   1 
ATOM   337  C  CB  . ALA A 1 41  ? 3.267   2.837   8.940   1.00  12.13 ? 42  ALA A CB  1 
ATOM   338  N  N   . ARG A 1 42  ? 4.973   3.241   11.640  1.00  14.16 ? 43  ARG A N   1 
ATOM   339  C  CA  . ARG A 1 42  ? 5.671   4.150   12.545  1.00  15.52 ? 43  ARG A CA  1 
ATOM   340  C  C   A ARG A 1 42  ? 7.066   3.621   12.877  0.50  16.79 ? 43  ARG A C   1 
ATOM   341  C  C   B ARG A 1 42  ? 7.083   3.682   12.856  0.50  16.89 ? 43  ARG A C   1 
ATOM   342  O  O   A ARG A 1 42  ? 8.017   4.392   12.998  0.50  18.27 ? 43  ARG A O   1 
ATOM   343  O  O   B ARG A 1 42  ? 8.018   4.484   12.909  0.50  18.42 ? 43  ARG A O   1 
ATOM   344  C  CB  . ARG A 1 42  ? 4.877   4.332   13.842  1.00  14.79 ? 43  ARG A CB  1 
ATOM   345  C  CG  . ARG A 1 42  ? 3.558   5.050   13.637  1.00  12.43 ? 43  ARG A CG  1 
ATOM   346  C  CD  . ARG A 1 42  ? 2.990   5.618   14.932  1.00  11.65 ? 43  ARG A CD  1 
ATOM   347  N  NE  . ARG A 1 42  ? 1.711   6.271   14.673  1.00  9.81  ? 43  ARG A NE  1 
ATOM   348  C  CZ  . ARG A 1 42  ? 0.540   5.644   14.627  1.00  10.17 ? 43  ARG A CZ  1 
ATOM   349  N  NH1 . ARG A 1 42  ? 0.466   4.335   14.838  1.00  9.38  ? 43  ARG A NH1 1 
ATOM   350  N  NH2 . ARG A 1 42  ? -0.557  6.325   14.336  1.00  10.34 ? 43  ARG A NH2 1 
ATOM   351  N  N   A GLU A 1 43  ? 7.179   2.300   13.022  0.50  17.38 ? 44  GLU A N   1 
ATOM   352  N  N   B GLU A 1 43  ? 7.233   2.381   13.059  0.50  17.44 ? 44  GLU A N   1 
ATOM   353  C  CA  A GLU A 1 43  ? 8.444   1.646   13.369  0.50  18.23 ? 44  GLU A CA  1 
ATOM   354  C  CA  B GLU A 1 43  ? 8.535   1.816   13.368  0.50  18.38 ? 44  GLU A CA  1 
ATOM   355  C  C   A GLU A 1 43  ? 9.467   1.584   12.231  0.50  18.73 ? 44  GLU A C   1 
ATOM   356  C  C   B GLU A 1 43  ? 9.492   1.848   12.184  0.50  18.76 ? 44  GLU A C   1 
ATOM   357  O  O   A GLU A 1 43  ? 10.676  1.571   12.477  0.50  19.19 ? 44  GLU A O   1 
ATOM   358  O  O   B GLU A 1 43  ? 10.670  2.166   12.344  0.50  19.31 ? 44  GLU A O   1 
ATOM   359  C  CB  A GLU A 1 43  ? 8.162   0.224   13.872  0.50  18.55 ? 44  GLU A CB  1 
ATOM   360  C  CB  B GLU A 1 43  ? 8.391   0.363   13.838  0.50  19.13 ? 44  GLU A CB  1 
ATOM   361  C  CG  A GLU A 1 43  ? 9.394   -0.569  14.299  0.30  18.38 ? 44  GLU A CG  1 
ATOM   362  C  CG  B GLU A 1 43  ? 7.708   0.171   15.184  0.30  19.89 ? 44  GLU A CG  1 
ATOM   363  C  CD  A GLU A 1 43  ? 10.041  -0.016  15.554  0.30  18.63 ? 44  GLU A CD  1 
ATOM   364  C  CD  B GLU A 1 43  ? 7.760   -1.271  15.664  0.30  20.25 ? 44  GLU A CD  1 
ATOM   365  O  OE1 A GLU A 1 43  ? 9.336   0.116   16.575  0.30  18.73 ? 44  GLU A OE1 1 
ATOM   366  O  OE1 B GLU A 1 43  ? 7.295   -2.158  14.917  0.30  20.96 ? 44  GLU A OE1 1 
ATOM   367  O  OE2 A GLU A 1 43  ? 11.252  0.285   15.521  0.30  19.12 ? 44  GLU A OE2 1 
ATOM   368  O  OE2 B GLU A 1 43  ? 8.264   -1.513  16.783  0.30  21.11 ? 44  GLU A OE2 1 
ATOM   369  N  N   . ASN A 1 44  ? 8.983   1.542   10.995  1.00  18.86 ? 45  ASN A N   1 
ATOM   370  C  CA  . ASN A 1 44  ? 9.843   1.470   9.811   1.00  19.01 ? 45  ASN A CA  1 
ATOM   371  C  C   . ASN A 1 44  ? 9.830   2.604   8.793   1.00  18.97 ? 45  ASN A C   1 
ATOM   372  O  O   . ASN A 1 44  ? 10.716  2.668   7.938   1.00  19.82 ? 45  ASN A O   1 
ATOM   373  C  CB  . ASN A 1 44  ? 9.559   0.163   9.071   1.00  20.38 ? 45  ASN A CB  1 
ATOM   374  C  CG  . ASN A 1 44  ? 9.835   -1.056  9.922   1.00  21.58 ? 45  ASN A CG  1 
ATOM   375  O  OD1 . ASN A 1 44  ? 10.978  -1.496  10.041  1.00  23.74 ? 45  ASN A OD1 1 
ATOM   376  N  ND2 . ASN A 1 44  ? 8.789   -1.597  10.539  1.00  22.25 ? 45  ASN A ND2 1 
ATOM   377  N  N   . LYS A 1 45  ? 8.834   3.478   8.853   1.00  17.59 ? 46  LYS A N   1 
ATOM   378  C  CA  . LYS A 1 45  ? 8.751   4.584   7.910   1.00  16.85 ? 46  LYS A CA  1 
ATOM   379  C  C   . LYS A 1 45  ? 8.878   4.129   6.449   1.00  15.79 ? 46  LYS A C   1 
ATOM   380  O  O   . LYS A 1 45  ? 9.849   4.466   5.764   1.00  16.98 ? 46  LYS A O   1 
ATOM   381  C  CB  . LYS A 1 45  ? 9.829   5.618   8.229   1.00  18.11 ? 46  LYS A CB  1 
ATOM   382  N  N   . PRO A 1 46  ? 7.904   3.347   5.956   1.00  13.43 ? 47  PRO A N   1 
ATOM   383  C  CA  . PRO A 1 46  ? 7.981   2.896   4.565   1.00  12.39 ? 47  PRO A CA  1 
ATOM   384  C  C   . PRO A 1 46  ? 7.795   4.075   3.609   1.00  11.99 ? 47  PRO A C   1 
ATOM   385  O  O   . PRO A 1 46  ? 7.307   5.135   4.005   1.00  11.66 ? 47  PRO A O   1 
ATOM   386  C  CB  . PRO A 1 46  ? 6.846   1.881   4.473   1.00  12.71 ? 47  PRO A CB  1 
ATOM   387  C  CG  . PRO A 1 46  ? 5.831   2.441   5.426   1.00  12.40 ? 47  PRO A CG  1 
ATOM   388  C  CD  . PRO A 1 46  ? 6.687   2.839   6.610   1.00  12.66 ? 47  PRO A CD  1 
ATOM   389  N  N   . ASP A 1 47  ? 8.180   3.889   2.353   1.00  11.54 ? 48  ASP A N   1 
ATOM   390  C  CA  . ASP A 1 47  ? 8.050   4.951   1.362   1.00  12.15 ? 48  ASP A CA  1 
ATOM   391  C  C   . ASP A 1 47  ? 6.713   4.918   0.634   1.00  11.64 ? 48  ASP A C   1 
ATOM   392  O  O   . ASP A 1 47  ? 6.298   5.912   0.036   1.00  12.40 ? 48  ASP A O   1 
ATOM   393  C  CB  . ASP A 1 47  ? 9.208   4.856   0.375   1.00  13.92 ? 48  ASP A CB  1 
ATOM   394  C  CG  . ASP A 1 47  ? 10.544  4.950   1.069   1.00  15.24 ? 48  ASP A CG  1 
ATOM   395  O  OD1 . ASP A 1 47  ? 10.855  6.042   1.594   1.00  17.48 ? 48  ASP A OD1 1 
ATOM   396  O  OD2 . ASP A 1 47  ? 11.268  3.934   1.115   1.00  17.02 ? 48  ASP A OD2 1 
ATOM   397  N  N   . LEU A 1 48  ? 6.037   3.777   0.694   1.00  10.12 ? 49  LEU A N   1 
ATOM   398  C  CA  . LEU A 1 48  ? 4.734   3.616   0.063   1.00  9.24  ? 49  LEU A CA  1 
ATOM   399  C  C   . LEU A 1 48  ? 3.992   2.482   0.755   1.00  8.59  ? 49  LEU A C   1 
ATOM   400  O  O   . LEU A 1 48  ? 4.611   1.529   1.244   1.00  8.52  ? 49  LEU A O   1 
ATOM   401  C  CB  . LEU A 1 48  ? 4.894   3.317   -1.440  1.00  8.89  ? 49  LEU A CB  1 
ATOM   402  C  CG  . LEU A 1 48  ? 3.613   3.216   -2.281  1.00  8.39  ? 49  LEU A CG  1 
ATOM   403  C  CD1 . LEU A 1 48  ? 3.877   3.780   -3.680  1.00  10.05 ? 49  LEU A CD1 1 
ATOM   404  C  CD2 . LEU A 1 48  ? 3.124   1.776   -2.344  1.00  9.15  ? 49  LEU A CD2 1 
ATOM   405  N  N   . ILE A 1 49  ? 2.670   2.599   0.807   1.00  8.12  ? 50  ILE A N   1 
ATOM   406  C  CA  . ILE A 1 49  ? 1.834   1.589   1.428   1.00  7.96  ? 50  ILE A CA  1 
ATOM   407  C  C   . ILE A 1 49  ? 0.841   1.063   0.395   1.00  8.07  ? 50  ILE A C   1 
ATOM   408  O  O   . ILE A 1 49  ? 0.124   1.841   -0.242  1.00  8.97  ? 50  ILE A O   1 
ATOM   409  C  CB  . ILE A 1 49  ? 1.076   2.178   2.642   1.00  8.99  ? 50  ILE A CB  1 
ATOM   410  C  CG1 . ILE A 1 49  ? 2.078   2.610   3.716   1.00  9.54  ? 50  ILE A CG1 1 
ATOM   411  C  CG2 . ILE A 1 49  ? 0.113   1.148   3.216   1.00  10.12 ? 50  ILE A CG2 1 
ATOM   412  C  CD1 . ILE A 1 49  ? 1.461   3.357   4.892   1.00  10.61 ? 50  ILE A CD1 1 
ATOM   413  N  N   . LEU A 1 50  ? 0.841   -0.251  0.205   1.00  7.69  ? 51  LEU A N   1 
ATOM   414  C  CA  . LEU A 1 50  ? -0.052  -0.926  -0.731  1.00  8.63  ? 51  LEU A CA  1 
ATOM   415  C  C   . LEU A 1 50  ? -1.077  -1.547  0.198   1.00  10.18 ? 51  LEU A C   1 
ATOM   416  O  O   . LEU A 1 50  ? -0.782  -2.505  0.915   1.00  11.44 ? 51  LEU A O   1 
ATOM   417  C  CB  . LEU A 1 50  ? 0.736   -1.991  -1.500  1.00  9.65  ? 51  LEU A CB  1 
ATOM   418  C  CG  . LEU A 1 50  ? 0.056   -2.765  -2.621  1.00  10.58 ? 51  LEU A CG  1 
ATOM   419  C  CD1 . LEU A 1 50  ? -0.466  -1.803  -3.681  1.00  11.06 ? 51  LEU A CD1 1 
ATOM   420  C  CD2 . LEU A 1 50  ? 1.060   -3.726  -3.229  1.00  11.09 ? 51  LEU A CD2 1 
ATOM   421  N  N   A MET A 1 51  ? -2.318  -1.082  0.145   0.50  11.08 ? 52  MET A N   1 
ATOM   422  N  N   B MET A 1 51  ? -2.245  -0.902  0.234   0.50  11.07 ? 52  MET A N   1 
ATOM   423  C  CA  A MET A 1 51  ? -3.294  -1.662  1.048   0.50  11.96 ? 52  MET A CA  1 
ATOM   424  C  CA  B MET A 1 51  ? -3.360  -1.238  1.116   0.50  11.31 ? 52  MET A CA  1 
ATOM   425  C  C   A MET A 1 51  ? -4.593  -2.209  0.484   0.50  11.93 ? 52  MET A C   1 
ATOM   426  C  C   B MET A 1 51  ? -4.543  -1.941  0.469   0.50  12.12 ? 52  MET A C   1 
ATOM   427  O  O   A MET A 1 51  ? -5.345  -1.521  -0.208  0.50  10.54 ? 52  MET A O   1 
ATOM   428  O  O   B MET A 1 51  ? -5.143  -1.426  -0.471  0.50  12.16 ? 52  MET A O   1 
ATOM   429  C  CB  A MET A 1 51  ? -3.607  -0.674  2.159   0.50  12.88 ? 52  MET A CB  1 
ATOM   430  C  CB  B MET A 1 51  ? -3.858  0.060   1.769   0.50  10.04 ? 52  MET A CB  1 
ATOM   431  C  CG  A MET A 1 51  ? -4.565  -1.218  3.187   0.50  12.24 ? 52  MET A CG  1 
ATOM   432  C  CG  B MET A 1 51  ? -5.031  -0.077  2.736   0.50  9.80  ? 52  MET A CG  1 
ATOM   433  S  SD  A MET A 1 51  ? -4.331  -0.363  4.729   0.50  13.90 ? 52  MET A SD  1 
ATOM   434  S  SD  B MET A 1 51  ? -4.506  -0.636  4.361   0.50  7.77  ? 52  MET A SD  1 
ATOM   435  C  CE  A MET A 1 51  ? -4.754  1.315   4.254   0.50  13.47 ? 52  MET A CE  1 
ATOM   436  C  CE  B MET A 1 51  ? -3.621  0.828   4.936   0.50  9.83  ? 52  MET A CE  1 
ATOM   437  N  N   A ASP A 1 52  ? -4.845  -3.467  0.819   0.76  12.29 ? 53  ASP A N   1 
ATOM   438  N  N   B ASP A 1 52  ? -4.894  -3.111  0.988   0.26  12.77 ? 53  ASP A N   1 
ATOM   439  C  CA  A ASP A 1 52  ? -6.045  -4.174  0.418   0.75  13.61 ? 53  ASP A CA  1 
ATOM   440  C  CA  B ASP A 1 52  ? -6.044  -3.835  0.470   0.40  13.60 ? 53  ASP A CA  1 
ATOM   441  C  C   A ASP A 1 52  ? -7.214  -3.521  1.146   0.67  14.16 ? 53  ASP A C   1 
ATOM   442  C  C   B ASP A 1 52  ? -7.266  -3.177  1.103   0.46  13.85 ? 53  ASP A C   1 
ATOM   443  O  O   A ASP A 1 52  ? -7.273  -3.517  2.377   0.39  15.33 ? 53  ASP A O   1 
ATOM   444  O  O   B ASP A 1 52  ? -7.293  -2.948  2.313   0.59  12.85 ? 53  ASP A O   1 
ATOM   445  C  CB  A ASP A 1 52  ? -5.885  -5.649  0.800   0.67  15.03 ? 53  ASP A CB  1 
ATOM   446  C  CB  B ASP A 1 52  ? -5.973  -5.312  0.862   0.29  15.06 ? 53  ASP A CB  1 
ATOM   447  C  CG  A ASP A 1 52  ? -7.187  -6.412  0.805   0.54  16.31 ? 53  ASP A CG  1 
ATOM   448  C  CG  B ASP A 1 52  ? -7.218  -6.082  0.463   0.08  16.35 ? 53  ASP A CG  1 
ATOM   449  O  OD1 A ASP A 1 52  ? -8.169  -5.972  0.168   0.72  15.75 ? 53  ASP A OD1 1 
ATOM   450  O  OD1 B ASP A 1 52  ? -7.678  -5.915  -0.687  0.09  17.25 ? 53  ASP A OD1 1 
ATOM   451  O  OD2 A ASP A 1 52  ? -7.211  -7.478  1.453   0.59  17.37 ? 53  ASP A OD2 1 
ATOM   452  O  OD2 B ASP A 1 52  ? -7.730  -6.858  1.298   0.010 17.81 ? 53  ASP A OD2 1 
ATOM   453  N  N   A ILE A 1 53  ? -8.135  -2.951  0.381   0.50  14.68 ? 54  ILE A N   1 
ATOM   454  N  N   B ILE A 1 53  ? -8.267  -2.854  0.294   0.50  14.69 ? 54  ILE A N   1 
ATOM   455  C  CA  A ILE A 1 53  ? -9.290  -2.282  0.958   0.50  15.73 ? 54  ILE A CA  1 
ATOM   456  C  CA  B ILE A 1 53  ? -9.459  -2.211  0.828   0.50  16.68 ? 54  ILE A CA  1 
ATOM   457  C  C   A ILE A 1 53  ? -10.244 -3.284  1.602   0.50  15.98 ? 54  ILE A C   1 
ATOM   458  C  C   B ILE A 1 53  ? -10.488 -3.197  1.367   0.50  17.07 ? 54  ILE A C   1 
ATOM   459  O  O   A ILE A 1 53  ? -10.822 -3.016  2.656   0.50  16.59 ? 54  ILE A O   1 
ATOM   460  O  O   B ILE A 1 53  ? -11.395 -2.812  2.108   0.50  18.94 ? 54  ILE A O   1 
ATOM   461  C  CB  A ILE A 1 53  ? -10.045 -1.474  -0.123  0.50  16.05 ? 54  ILE A CB  1 
ATOM   462  C  CB  B ILE A 1 53  ? -10.126 -1.295  -0.230  0.50  17.17 ? 54  ILE A CB  1 
ATOM   463  C  CG1 A ILE A 1 53  ? -9.094  -0.459  -0.766  0.50  16.81 ? 54  ILE A CG1 1 
ATOM   464  C  CG1 B ILE A 1 53  ? -10.323 -2.048  -1.549  0.50  17.43 ? 54  ILE A CG1 1 
ATOM   465  C  CG2 A ILE A 1 53  ? -11.243 -0.761  0.490   0.50  15.99 ? 54  ILE A CG2 1 
ATOM   466  C  CG2 B ILE A 1 53  ? -9.268  -0.062  -0.452  0.50  18.47 ? 54  ILE A CG2 1 
ATOM   467  C  CD1 A ILE A 1 53  ? -8.496  0.541   0.212   0.50  16.45 ? 54  ILE A CD1 1 
ATOM   468  C  CD1 B ILE A 1 53  ? -11.361 -3.148  -1.505  0.50  17.80 ? 54  ILE A CD1 1 
ATOM   469  N  N   A GLN A 1 54  ? -10.385 -4.446  0.974   0.50  16.84 ? 55  GLN A N   1 
ATOM   470  N  N   B GLN A 1 54  ? -10.346 -4.468  1.005   0.50  17.52 ? 55  GLN A N   1 
ATOM   471  C  CA  . GLN A 1 54  ? -11.278 -5.489  1.465   1.00  17.49 ? 55  GLN A CA  1 
ATOM   472  C  C   . GLN A 1 54  ? -10.663 -6.433  2.501   1.00  16.52 ? 55  GLN A C   1 
ATOM   473  O  O   . GLN A 1 54  ? -10.774 -7.650  2.359   1.00  18.03 ? 55  GLN A O   1 
ATOM   474  C  CB  . GLN A 1 54  ? -11.800 -6.324  0.288   1.00  18.74 ? 55  GLN A CB  1 
ATOM   475  C  CG  . GLN A 1 54  ? -12.765 -5.603  -0.649  0.50  19.66 ? 55  GLN A CG  1 
ATOM   476  C  CD  . GLN A 1 54  ? -12.073 -4.644  -1.599  0.50  20.31 ? 55  GLN A CD  1 
ATOM   477  O  OE1 . GLN A 1 54  ? -11.167 -5.029  -2.338  0.50  21.08 ? 55  GLN A OE1 1 
ATOM   478  N  NE2 . GLN A 1 54  ? -12.505 -3.389  -1.592  0.50  20.76 ? 55  GLN A NE2 1 
ATOM   479  N  N   . LEU A 1 55  ? -10.019 -5.893  3.536   1.00  16.64 ? 56  LEU A N   1 
ATOM   480  C  CA  . LEU A 1 55  ? -9.449  -6.753  4.573   1.00  14.65 ? 56  LEU A CA  1 
ATOM   481  C  C   . LEU A 1 55  ? -10.639 -7.347  5.326   1.00  15.00 ? 56  LEU A C   1 
ATOM   482  O  O   . LEU A 1 55  ? -11.684 -6.708  5.438   1.00  15.65 ? 56  LEU A O   1 
ATOM   483  C  CB  . LEU A 1 55  ? -8.560  -5.952  5.533   1.00  14.69 ? 56  LEU A CB  1 
ATOM   484  C  CG  . LEU A 1 55  ? -7.233  -5.418  4.976   1.00  12.21 ? 56  LEU A CG  1 
ATOM   485  C  CD1 . LEU A 1 55  ? -6.606  -4.453  5.974   1.00  13.95 ? 56  LEU A CD1 1 
ATOM   486  C  CD2 . LEU A 1 55  ? -6.286  -6.581  4.676   1.00  13.85 ? 56  LEU A CD2 1 
ATOM   487  N  N   . PRO A 1 56  ? -10.502 -8.575  5.851   1.00  14.44 ? 57  PRO A N   1 
ATOM   488  C  CA  . PRO A 1 56  ? -11.625 -9.183  6.571   1.00  14.22 ? 57  PRO A CA  1 
ATOM   489  C  C   . PRO A 1 56  ? -12.054 -8.534  7.880   1.00  14.01 ? 57  PRO A C   1 
ATOM   490  O  O   . PRO A 1 56  ? -13.234 -8.569  8.226   1.00  14.33 ? 57  PRO A O   1 
ATOM   491  C  CB  . PRO A 1 56  ? -11.164 -10.625 6.773   1.00  16.51 ? 57  PRO A CB  1 
ATOM   492  C  CG  . PRO A 1 56  ? -9.689  -10.491 6.889   1.00  16.83 ? 57  PRO A CG  1 
ATOM   493  C  CD  . PRO A 1 56  ? -9.354  -9.497  5.794   1.00  15.22 ? 57  PRO A CD  1 
ATOM   494  N  N   . GLU A 1 57  ? -11.112 -7.932  8.600   1.00  11.74 ? 58  GLU A N   1 
ATOM   495  C  CA  . GLU A 1 57  ? -11.434 -7.337  9.891   1.00  11.22 ? 58  GLU A CA  1 
ATOM   496  C  C   . GLU A 1 57  ? -11.667 -5.833  9.913   1.00  10.32 ? 58  GLU A C   1 
ATOM   497  O  O   . GLU A 1 57  ? -12.259 -5.319  10.859  1.00  9.90  ? 58  GLU A O   1 
ATOM   498  C  CB  . GLU A 1 57  ? -10.338 -7.685  10.907  1.00  11.42 ? 58  GLU A CB  1 
ATOM   499  C  CG  . GLU A 1 57  ? -9.139  -6.725  10.935  1.00  11.30 ? 58  GLU A CG  1 
ATOM   500  C  CD  . GLU A 1 57  ? -8.192  -6.871  9.750   1.00  11.99 ? 58  GLU A CD  1 
ATOM   501  O  OE1 . GLU A 1 57  ? -8.478  -7.660  8.824   1.00  14.78 ? 58  GLU A OE1 1 
ATOM   502  O  OE2 . GLU A 1 57  ? -7.150  -6.181  9.751   1.00  11.04 ? 58  GLU A OE2 1 
ATOM   503  N  N   . ILE A 1 58  ? -11.222 -5.121  8.885   1.00  9.51  ? 59  ILE A N   1 
ATOM   504  C  CA  . ILE A 1 58  ? -11.383 -3.673  8.876   1.00  9.33  ? 59  ILE A CA  1 
ATOM   505  C  C   . ILE A 1 58  ? -11.284 -3.137  7.451   1.00  9.38  ? 59  ILE A C   1 
ATOM   506  O  O   . ILE A 1 58  ? -10.656 -3.753  6.585   1.00  11.25 ? 59  ILE A O   1 
ATOM   507  C  CB  . ILE A 1 58  ? -10.283 -3.009  9.755   1.00  8.95  ? 59  ILE A CB  1 
ATOM   508  C  CG1 . ILE A 1 58  ? -10.600 -1.530  9.995   1.00  8.90  ? 59  ILE A CG1 1 
ATOM   509  C  CG2 . ILE A 1 58  ? -8.919  -3.164  9.081   1.00  9.50  ? 59  ILE A CG2 1 
ATOM   510  C  CD1 . ILE A 1 58  ? -9.667  -0.864  10.997  1.00  10.17 ? 59  ILE A CD1 1 
ATOM   511  N  N   . SER A 1 59  ? -11.920 -1.997  7.204   1.00  10.05 ? 60  SER A N   1 
ATOM   512  C  CA  . SER A 1 59  ? -11.853 -1.372  5.892   1.00  11.02 ? 60  SER A CA  1 
ATOM   513  C  C   . SER A 1 59  ? -10.510 -0.674  5.720   1.00  10.59 ? 60  SER A C   1 
ATOM   514  O  O   . SER A 1 59  ? -10.064 0.065   6.602   1.00  10.42 ? 60  SER A O   1 
ATOM   515  C  CB  . SER A 1 59  ? -12.963 -0.341  5.732   1.00  12.88 ? 60  SER A CB  1 
ATOM   516  O  OG  . SER A 1 59  ? -12.713 0.456   4.586   1.00  15.17 ? 60  SER A OG  1 
ATOM   517  N  N   . GLY A 1 60  ? -9.869  -0.913  4.580   1.00  9.33  ? 61  GLY A N   1 
ATOM   518  C  CA  . GLY A 1 60  ? -8.589  -0.287  4.299   1.00  10.44 ? 61  GLY A CA  1 
ATOM   519  C  C   . GLY A 1 60  ? -8.698  1.222   4.234   1.00  10.90 ? 61  GLY A C   1 
ATOM   520  O  O   . GLY A 1 60  ? -7.721  1.933   4.475   1.00  11.74 ? 61  GLY A O   1 
ATOM   521  N  N   . LEU A 1 61  ? -9.884  1.719   3.907   1.00  11.18 ? 62  LEU A N   1 
ATOM   522  C  CA  . LEU A 1 61  ? -10.094 3.158   3.838   1.00  12.25 ? 62  LEU A CA  1 
ATOM   523  C  C   . LEU A 1 61  ? -10.096 3.774   5.233   1.00  11.97 ? 62  LEU A C   1 
ATOM   524  O  O   . LEU A 1 61  ? -9.690  4.919   5.408   1.00  13.02 ? 62  LEU A O   1 
ATOM   525  C  CB  . LEU A 1 61  ? -11.401 3.472   3.107   1.00  14.76 ? 62  LEU A CB  1 
ATOM   526  C  CG  . LEU A 1 61  ? -11.408 3.029   1.641   1.00  16.08 ? 62  LEU A CG  1 
ATOM   527  C  CD1 . LEU A 1 61  ? -12.704 3.462   0.982   1.00  17.29 ? 62  LEU A CD1 1 
ATOM   528  C  CD2 . LEU A 1 61  ? -10.213 3.633   0.915   1.00  18.26 ? 62  LEU A CD2 1 
ATOM   529  N  N   . GLU A 1 62  ? -10.549 3.020   6.232   1.00  11.85 ? 63  GLU A N   1 
ATOM   530  C  CA  . GLU A 1 62  ? -10.543 3.546   7.589   1.00  11.89 ? 63  GLU A CA  1 
ATOM   531  C  C   . GLU A 1 62  ? -9.100  3.567   8.092   1.00  11.78 ? 63  GLU A C   1 
ATOM   532  O  O   . GLU A 1 62  ? -8.705  4.461   8.840   1.00  12.21 ? 63  GLU A O   1 
ATOM   533  C  CB  . GLU A 1 62  ? -11.434 2.702   8.507   1.00  10.78 ? 63  GLU A CB  1 
ATOM   534  C  CG  . GLU A 1 62  ? -12.914 2.797   8.152   1.00  11.92 ? 63  GLU A CG  1 
ATOM   535  C  CD  . GLU A 1 62  ? -13.815 2.490   9.327   1.00  11.67 ? 63  GLU A CD  1 
ATOM   536  O  OE1 . GLU A 1 62  ? -13.698 3.190   10.353  1.00  12.72 ? 63  GLU A OE1 1 
ATOM   537  O  OE2 . GLU A 1 62  ? -14.639 1.557   9.226   1.00  12.12 ? 63  GLU A OE2 1 
ATOM   538  N  N   . VAL A 1 63  ? -8.310  2.582   7.673   1.00  11.27 ? 64  VAL A N   1 
ATOM   539  C  CA  . VAL A 1 63  ? -6.906  2.544   8.071   1.00  11.94 ? 64  VAL A CA  1 
ATOM   540  C  C   . VAL A 1 63  ? -6.199  3.739   7.426   1.00  12.45 ? 64  VAL A C   1 
ATOM   541  O  O   . VAL A 1 63  ? -5.355  4.384   8.048   1.00  12.80 ? 64  VAL A O   1 
ATOM   542  C  CB  . VAL A 1 63  ? -6.218  1.235   7.610   1.00  11.01 ? 64  VAL A CB  1 
ATOM   543  C  CG1 . VAL A 1 63  ? -4.753  1.237   8.030   1.00  12.02 ? 64  VAL A CG1 1 
ATOM   544  C  CG2 . VAL A 1 63  ? -6.925  0.040   8.221   1.00  11.94 ? 64  VAL A CG2 1 
ATOM   545  N  N   . THR A 1 64  ? -6.556  4.036   6.181   1.00  13.28 ? 65  THR A N   1 
ATOM   546  C  CA  . THR A 1 64  ? -5.955  5.162   5.473   1.00  14.27 ? 65  THR A CA  1 
ATOM   547  C  C   . THR A 1 64  ? -6.286  6.483   6.167   1.00  14.81 ? 65  THR A C   1 
ATOM   548  O  O   . THR A 1 64  ? -5.482  7.414   6.155   1.00  16.24 ? 65  THR A O   1 
ATOM   549  C  CB  . THR A 1 64  ? -6.420  5.199   4.001   1.00  14.40 ? 65  THR A CB  1 
ATOM   550  O  OG1 . THR A 1 64  ? -6.000  3.996   3.348   1.00  13.05 ? 65  THR A OG1 1 
ATOM   551  C  CG2 . THR A 1 64  ? -5.810  6.386   3.270   1.00  15.25 ? 65  THR A CG2 1 
ATOM   552  N  N   . LYS A 1 65  ? -7.461  6.561   6.785   1.00  15.10 ? 66  LYS A N   1 
ATOM   553  C  CA  . LYS A 1 65  ? -7.849  7.774   7.501   1.00  14.65 ? 66  LYS A CA  1 
ATOM   554  C  C   . LYS A 1 65  ? -6.913  7.979   8.690   1.00  15.16 ? 66  LYS A C   1 
ATOM   555  O  O   . LYS A 1 65  ? -6.451  9.092   8.938   1.00  15.66 ? 66  LYS A O   1 
ATOM   556  C  CB  . LYS A 1 65  ? -9.289  7.668   7.977   1.00  15.38 ? 66  LYS A CB  1 
ATOM   557  N  N   . TRP A 1 66  ? -6.636  6.912   9.434   1.00  13.72 ? 67  TRP A N   1 
ATOM   558  C  CA  . TRP A 1 66  ? -5.730  7.023   10.567  1.00  13.24 ? 67  TRP A CA  1 
ATOM   559  C  C   . TRP A 1 66  ? -4.355  7.468   10.078  1.00  13.65 ? 67  TRP A C   1 
ATOM   560  O  O   . TRP A 1 66  ? -3.697  8.283   10.719  1.00  13.78 ? 67  TRP A O   1 
ATOM   561  C  CB  . TRP A 1 66  ? -5.609  5.686   11.307  1.00  12.54 ? 67  TRP A CB  1 
ATOM   562  C  CG  . TRP A 1 66  ? -6.550  5.545   12.477  1.00  12.09 ? 67  TRP A CG  1 
ATOM   563  C  CD1 . TRP A 1 66  ? -6.824  6.490   13.429  1.00  10.99 ? 67  TRP A CD1 1 
ATOM   564  C  CD2 . TRP A 1 66  ? -7.267  4.366   12.865  1.00  10.48 ? 67  TRP A CD2 1 
ATOM   565  N  NE1 . TRP A 1 66  ? -7.659  5.970   14.382  1.00  10.77 ? 67  TRP A NE1 1 
ATOM   566  C  CE2 . TRP A 1 66  ? -7.946  4.671   14.067  1.00  9.18  ? 67  TRP A CE2 1 
ATOM   567  C  CE3 . TRP A 1 66  ? -7.395  3.082   12.321  1.00  11.68 ? 67  TRP A CE3 1 
ATOM   568  C  CZ2 . TRP A 1 66  ? -8.746  3.733   14.734  1.00  10.77 ? 67  TRP A CZ2 1 
ATOM   569  C  CZ3 . TRP A 1 66  ? -8.190  2.151   12.986  1.00  11.07 ? 67  TRP A CZ3 1 
ATOM   570  C  CH2 . TRP A 1 66  ? -8.854  2.483   14.181  1.00  10.02 ? 67  TRP A CH2 1 
ATOM   571  N  N   . LEU A 1 67  ? -3.925  6.930   8.938   1.00  12.87 ? 68  LEU A N   1 
ATOM   572  C  CA  . LEU A 1 67  ? -2.624  7.291   8.379   1.00  13.48 ? 68  LEU A CA  1 
ATOM   573  C  C   . LEU A 1 67  ? -2.559  8.782   8.067   1.00  13.97 ? 68  LEU A C   1 
ATOM   574  O  O   . LEU A 1 67  ? -1.600  9.460   8.432   1.00  14.16 ? 68  LEU A O   1 
ATOM   575  C  CB  . LEU A 1 67  ? -2.346  6.500   7.092   1.00  13.53 ? 68  LEU A CB  1 
ATOM   576  C  CG  . LEU A 1 67  ? -2.017  5.007   7.207   1.00  12.61 ? 68  LEU A CG  1 
ATOM   577  C  CD1 . LEU A 1 67  ? -2.043  4.371   5.823   1.00  14.57 ? 68  LEU A CD1 1 
ATOM   578  C  CD2 . LEU A 1 67  ? -0.646  4.826   7.853   1.00  13.12 ? 68  LEU A CD2 1 
ATOM   579  N  N   . LYS A 1 68  ? -3.585  9.294   7.397   1.00  13.73 ? 69  LYS A N   1 
ATOM   580  C  CA  . LYS A 1 68  ? -3.601  10.704  7.026   1.00  15.32 ? 69  LYS A CA  1 
ATOM   581  C  C   . LYS A 1 68  ? -3.752  11.659  8.208   1.00  16.38 ? 69  LYS A C   1 
ATOM   582  O  O   . LYS A 1 68  ? -3.422  12.841  8.102   1.00  16.73 ? 69  LYS A O   1 
ATOM   583  C  CB  . LYS A 1 68  ? -4.701  10.950  5.986   1.00  15.42 ? 69  LYS A CB  1 
ATOM   584  C  CG  . LYS A 1 68  ? -4.493  10.153  4.700   1.00  15.61 ? 69  LYS A CG  1 
ATOM   585  C  CD  . LYS A 1 68  ? -3.096  10.403  4.126   1.00  15.73 ? 69  LYS A CD  1 
ATOM   586  C  CE  . LYS A 1 68  ? -2.845  9.603   2.858   1.00  16.08 ? 69  LYS A CE  1 
ATOM   587  N  NZ  . LYS A 1 68  ? -1.441  9.765   2.378   1.00  17.22 ? 69  LYS A NZ  1 
ATOM   588  N  N   . GLU A 1 69  ? -4.240  11.142  9.332   1.00  16.46 ? 70  GLU A N   1 
ATOM   589  C  CA  . GLU A 1 69  ? -4.423  11.943  10.539  1.00  17.65 ? 70  GLU A CA  1 
ATOM   590  C  C   . GLU A 1 69  ? -3.143  12.001  11.370  1.00  17.71 ? 70  GLU A C   1 
ATOM   591  O  O   . GLU A 1 69  ? -3.037  12.797  12.304  1.00  19.10 ? 70  GLU A O   1 
ATOM   592  C  CB  . GLU A 1 69  ? -5.555  11.363  11.393  1.00  19.09 ? 70  GLU A CB  1 
ATOM   593  C  CG  . GLU A 1 69  ? -6.955  11.654  10.879  1.00  22.36 ? 70  GLU A CG  1 
ATOM   594  C  CD  . GLU A 1 69  ? -8.015  10.809  11.565  1.00  24.20 ? 70  GLU A CD  1 
ATOM   595  O  OE1 . GLU A 1 69  ? -7.944  10.643  12.800  1.00  26.19 ? 70  GLU A OE1 1 
ATOM   596  O  OE2 . GLU A 1 69  ? -8.926  10.317  10.867  1.00  25.55 ? 70  GLU A OE2 1 
ATOM   597  N  N   . ASP A 1 70  ? -2.175  11.150  11.035  1.00  16.34 ? 71  ASP A N   1 
ATOM   598  C  CA  . ASP A 1 70  ? -0.905  11.112  11.754  1.00  16.38 ? 71  ASP A CA  1 
ATOM   599  C  C   . ASP A 1 70  ? 0.119   11.962  11.006  1.00  16.70 ? 71  ASP A C   1 
ATOM   600  O  O   . ASP A 1 70  ? 0.395   11.725  9.831   1.00  15.94 ? 71  ASP A O   1 
ATOM   601  C  CB  . ASP A 1 70  ? -0.403  9.672   11.865  1.00  17.45 ? 71  ASP A CB  1 
ATOM   602  C  CG  . ASP A 1 70  ? 0.785   9.541   12.795  1.00  18.46 ? 71  ASP A CG  1 
ATOM   603  O  OD1 . ASP A 1 70  ? 0.609   9.035   13.922  1.00  19.30 ? 71  ASP A OD1 1 
ATOM   604  O  OD2 . ASP A 1 70  ? 1.896   9.958   12.405  1.00  19.39 ? 71  ASP A OD2 1 
ATOM   605  N  N   . ASP A 1 71  ? 0.691   12.944  11.699  1.00  16.78 ? 72  ASP A N   1 
ATOM   606  C  CA  . ASP A 1 71  ? 1.664   13.860  11.102  1.00  18.07 ? 72  ASP A CA  1 
ATOM   607  C  C   . ASP A 1 71  ? 2.935   13.205  10.573  1.00  18.16 ? 72  ASP A C   1 
ATOM   608  O  O   . ASP A 1 71  ? 3.595   13.752  9.688   1.00  18.73 ? 72  ASP A O   1 
ATOM   609  C  CB  . ASP A 1 71  ? 2.051   14.936  12.120  1.00  19.25 ? 72  ASP A CB  1 
ATOM   610  C  CG  . ASP A 1 71  ? 2.966   14.405  13.207  0.50  19.23 ? 72  ASP A CG  1 
ATOM   611  O  OD1 . ASP A 1 71  ? 4.153   14.147  12.914  0.50  20.99 ? 72  ASP A OD1 1 
ATOM   612  O  OD2 . ASP A 1 71  ? 2.500   14.238  14.353  0.50  20.01 ? 72  ASP A OD2 1 
ATOM   613  N  N   . ASP A 1 72  ? 3.287   12.045  11.113  1.00  18.04 ? 73  ASP A N   1 
ATOM   614  C  CA  . ASP A 1 72  ? 4.495   11.352  10.682  1.00  18.27 ? 73  ASP A CA  1 
ATOM   615  C  C   . ASP A 1 72  ? 4.235   10.357  9.558   1.00  17.84 ? 73  ASP A C   1 
ATOM   616  O  O   . ASP A 1 72  ? 5.175   9.878   8.922   1.00  20.06 ? 73  ASP A O   1 
ATOM   617  C  CB  . ASP A 1 72  ? 5.133   10.634  11.868  1.00  19.05 ? 73  ASP A CB  1 
ATOM   618  N  N   . LEU A 1 73  ? 2.965   10.055  9.305   1.00  16.38 ? 74  LEU A N   1 
ATOM   619  C  CA  . LEU A 1 73  ? 2.613   9.088   8.269   1.00  15.10 ? 74  LEU A CA  1 
ATOM   620  C  C   . LEU A 1 73  ? 1.806   9.651   7.103   1.00  14.56 ? 74  LEU A C   1 
ATOM   621  O  O   . LEU A 1 73  ? 1.718   9.019   6.053   1.00  14.35 ? 74  LEU A O   1 
ATOM   622  C  CB  . LEU A 1 73  ? 1.821   7.938   8.891   1.00  14.99 ? 74  LEU A CB  1 
ATOM   623  C  CG  . LEU A 1 73  ? 2.435   7.264   10.119  1.00  15.25 ? 74  LEU A CG  1 
ATOM   624  C  CD1 . LEU A 1 73  ? 1.472   6.224   10.662  1.00  15.02 ? 74  LEU A CD1 1 
ATOM   625  C  CD2 . LEU A 1 73  ? 3.768   6.628   9.750   1.00  15.31 ? 74  LEU A CD2 1 
ATOM   626  N  N   . ALA A 1 74  ? 1.227   10.832  7.285   1.00  14.34 ? 75  ALA A N   1 
ATOM   627  C  CA  . ALA A 1 74  ? 0.392   11.453  6.260   1.00  13.78 ? 75  ALA A CA  1 
ATOM   628  C  C   . ALA A 1 74  ? 1.019   11.630  4.875   1.00  13.96 ? 75  ALA A C   1 
ATOM   629  O  O   . ALA A 1 74  ? 0.311   11.582  3.871   1.00  15.00 ? 75  ALA A O   1 
ATOM   630  C  CB  . ALA A 1 74  ? -0.120  12.798  6.768   1.00  14.12 ? 75  ALA A CB  1 
ATOM   631  N  N   . HIS A 1 75  ? 2.333   11.831  4.816   1.00  14.30 ? 76  HIS A N   1 
ATOM   632  C  CA  . HIS A 1 75  ? 3.028   12.034  3.544   1.00  15.43 ? 76  HIS A CA  1 
ATOM   633  C  C   . HIS A 1 75  ? 3.236   10.757  2.731   1.00  15.22 ? 76  HIS A C   1 
ATOM   634  O  O   . HIS A 1 75  ? 3.533   10.819  1.541   1.00  15.59 ? 76  HIS A O   1 
ATOM   635  C  CB  . HIS A 1 75  ? 4.403   12.649  3.792   1.00  16.58 ? 76  HIS A CB  1 
ATOM   636  C  CG  . HIS A 1 75  ? 5.353   11.720  4.481   1.00  18.47 ? 76  HIS A CG  1 
ATOM   637  N  ND1 . HIS A 1 75  ? 5.204   11.350  5.801   1.00  19.35 ? 76  HIS A ND1 1 
ATOM   638  C  CD2 . HIS A 1 75  ? 6.428   11.041  4.020   1.00  20.00 ? 76  HIS A CD2 1 
ATOM   639  C  CE1 . HIS A 1 75  ? 6.146   10.482  6.121   1.00  20.28 ? 76  HIS A CE1 1 
ATOM   640  N  NE2 . HIS A 1 75  ? 6.902   10.275  5.058   1.00  20.70 ? 76  HIS A NE2 1 
ATOM   641  N  N   . ILE A 1 76  ? 3.104   9.604   3.373   1.00  14.25 ? 77  ILE A N   1 
ATOM   642  C  CA  . ILE A 1 76  ? 3.322   8.337   2.685   1.00  12.68 ? 77  ILE A CA  1 
ATOM   643  C  C   . ILE A 1 76  ? 2.213   8.016   1.689   1.00  12.51 ? 77  ILE A C   1 
ATOM   644  O  O   . ILE A 1 76  ? 1.048   7.897   2.061   1.00  12.78 ? 77  ILE A O   1 
ATOM   645  C  CB  . ILE A 1 76  ? 3.432   7.169   3.693   1.00  11.86 ? 77  ILE A CB  1 
ATOM   646  C  CG1 . ILE A 1 76  ? 4.528   7.462   4.721   1.00  12.18 ? 77  ILE A CG1 1 
ATOM   647  C  CG2 . ILE A 1 76  ? 3.746   5.874   2.952   1.00  13.26 ? 77  ILE A CG2 1 
ATOM   648  C  CD1 . ILE A 1 76  ? 4.573   6.459   5.862   1.00  12.27 ? 77  ILE A CD1 1 
ATOM   649  N  N   . PRO A 1 77  ? 2.565   7.869   0.400   1.00  12.63 ? 78  PRO A N   1 
ATOM   650  C  CA  . PRO A 1 77  ? 1.528   7.555   -0.587  1.00  11.74 ? 78  PRO A CA  1 
ATOM   651  C  C   . PRO A 1 77  ? 0.907   6.184   -0.345  1.00  11.15 ? 78  PRO A C   1 
ATOM   652  O  O   . PRO A 1 77  ? 1.605   5.215   -0.028  1.00  11.38 ? 78  PRO A O   1 
ATOM   653  C  CB  . PRO A 1 77  ? 2.276   7.634   -1.918  1.00  12.53 ? 78  PRO A CB  1 
ATOM   654  C  CG  . PRO A 1 77  ? 3.687   7.268   -1.538  1.00  13.88 ? 78  PRO A CG  1 
ATOM   655  C  CD  . PRO A 1 77  ? 3.881   8.018   -0.243  1.00  12.82 ? 78  PRO A CD  1 
ATOM   656  N  N   . VAL A 1 78  ? -0.410  6.121   -0.491  1.00  11.13 ? 79  VAL A N   1 
ATOM   657  C  CA  . VAL A 1 78  ? -1.157  4.890   -0.300  1.00  11.32 ? 79  VAL A CA  1 
ATOM   658  C  C   . VAL A 1 78  ? -1.818  4.458   -1.603  1.00  11.99 ? 79  VAL A C   1 
ATOM   659  O  O   . VAL A 1 78  ? -2.547  5.234   -2.230  1.00  12.62 ? 79  VAL A O   1 
ATOM   660  C  CB  . VAL A 1 78  ? -2.259  5.066   0.773   1.00  11.63 ? 79  VAL A CB  1 
ATOM   661  C  CG1 . VAL A 1 78  ? -3.032  3.765   0.946   1.00  12.00 ? 79  VAL A CG1 1 
ATOM   662  C  CG2 . VAL A 1 78  ? -1.643  5.506   2.086   1.00  12.12 ? 79  VAL A CG2 1 
ATOM   663  N  N   . VAL A 1 79  ? -1.546  3.225   -2.017  1.00  11.18 ? 80  VAL A N   1 
ATOM   664  C  CA  . VAL A 1 79  ? -2.137  2.671   -3.228  1.00  10.64 ? 80  VAL A CA  1 
ATOM   665  C  C   . VAL A 1 79  ? -3.132  1.610   -2.778  1.00  10.97 ? 80  VAL A C   1 
ATOM   666  O  O   . VAL A 1 79  ? -2.768  0.643   -2.105  1.00  10.69 ? 80  VAL A O   1 
ATOM   667  C  CB  . VAL A 1 79  ? -1.072  2.024   -4.140  1.00  10.83 ? 80  VAL A CB  1 
ATOM   668  C  CG1 . VAL A 1 79  ? -1.741  1.383   -5.345  1.00  11.44 ? 80  VAL A CG1 1 
ATOM   669  C  CG2 . VAL A 1 79  ? -0.056  3.072   -4.587  1.00  12.00 ? 80  VAL A CG2 1 
ATOM   670  N  N   . ALA A 1 80  ? -4.395  1.795   -3.137  1.00  11.68 ? 81  ALA A N   1 
ATOM   671  C  CA  . ALA A 1 80  ? -5.433  0.851   -2.749  1.00  12.73 ? 81  ALA A CA  1 
ATOM   672  C  C   . ALA A 1 80  ? -5.526  -0.317  -3.720  1.00  13.45 ? 81  ALA A C   1 
ATOM   673  O  O   . ALA A 1 80  ? -5.394  -0.145  -4.936  1.00  14.75 ? 81  ALA A O   1 
ATOM   674  C  CB  . ALA A 1 80  ? -6.778  1.563   -2.669  1.00  13.52 ? 81  ALA A CB  1 
ATOM   675  N  N   . VAL A 1 81  ? -5.746  -1.508  -3.174  1.00  14.35 ? 82  VAL A N   1 
ATOM   676  C  CA  . VAL A 1 81  ? -5.895  -2.716  -3.975  1.00  16.19 ? 82  VAL A CA  1 
ATOM   677  C  C   . VAL A 1 81  ? -7.341  -3.169  -3.834  1.00  17.12 ? 82  VAL A C   1 
ATOM   678  O  O   . VAL A 1 81  ? -7.802  -3.450  -2.728  1.00  16.96 ? 82  VAL A O   1 
ATOM   679  C  CB  . VAL A 1 81  ? -4.968  -3.850  -3.491  1.00  17.49 ? 82  VAL A CB  1 
ATOM   680  C  CG1 . VAL A 1 81  ? -5.189  -5.094  -4.333  1.00  19.09 ? 82  VAL A CG1 1 
ATOM   681  C  CG2 . VAL A 1 81  ? -3.516  -3.409  -3.580  1.00  18.37 ? 82  VAL A CG2 1 
ATOM   682  N  N   . THR A 1 82  ? -8.060  -3.222  -4.953  0.50  17.94 ? 83  THR A N   1 
ATOM   683  C  CA  . THR A 1 82  ? -9.462  -3.627  -4.946  0.50  19.30 ? 83  THR A CA  1 
ATOM   684  C  C   . THR A 1 82  ? -9.775  -4.567  -6.101  0.50  19.84 ? 83  THR A C   1 
ATOM   685  O  O   . THR A 1 82  ? -8.862  -4.823  -6.912  0.50  21.04 ? 83  THR A O   1 
ATOM   686  C  CB  . THR A 1 82  ? -10.351 -2.401  -5.023  0.50  20.17 ? 83  THR A CB  1 
ATOM   687  N  N   . ASP A 1 89  ? -15.482 2.676   -6.517  0.50  23.96 ? 90  ASP A N   1 
ATOM   688  C  CA  . ASP A 1 89  ? -14.151 2.356   -5.929  0.50  23.90 ? 90  ASP A CA  1 
ATOM   689  C  C   . ASP A 1 89  ? -13.146 3.464   -6.218  0.50  23.76 ? 90  ASP A C   1 
ATOM   690  O  O   . ASP A 1 89  ? -12.594 4.067   -5.301  0.50  24.27 ? 90  ASP A O   1 
ATOM   691  C  CB  . ASP A 1 89  ? -13.640 1.030   -6.486  0.50  23.84 ? 90  ASP A CB  1 
ATOM   692  N  N   . GLU A 1 90  ? -12.911 3.728   -7.497  0.50  23.68 ? 91  GLU A N   1 
ATOM   693  C  CA  . GLU A 1 90  ? -11.967 4.761   -7.903  0.50  23.78 ? 91  GLU A CA  1 
ATOM   694  C  C   . GLU A 1 90  ? -12.256 6.085   -7.201  0.50  23.92 ? 91  GLU A C   1 
ATOM   695  O  O   . GLU A 1 90  ? -11.340 6.769   -6.744  0.50  23.67 ? 91  GLU A O   1 
ATOM   696  C  CB  . GLU A 1 90  ? -12.024 4.946   -9.410  0.50  24.10 ? 91  GLU A CB  1 
ATOM   697  N  N   . GLU A 1 91  ? -13.535 6.434   -7.112  0.50  24.30 ? 92  GLU A N   1 
ATOM   698  C  CA  . GLU A 1 91  ? -13.955 7.675   -6.474  0.50  24.69 ? 92  GLU A CA  1 
ATOM   699  C  C   . GLU A 1 91  ? -13.760 7.635   -4.962  0.50  24.96 ? 92  GLU A C   1 
ATOM   700  O  O   . GLU A 1 91  ? -13.139 8.529   -4.386  0.50  24.47 ? 92  GLU A O   1 
ATOM   701  C  CB  . GLU A 1 91  ? -15.414 7.954   -6.803  0.50  24.41 ? 92  GLU A CB  1 
ATOM   702  N  N   . ARG A 1 92  ? -14.292 6.598   -4.324  0.50  25.68 ? 93  ARG A N   1 
ATOM   703  C  CA  . ARG A 1 92  ? -14.180 6.449   -2.878  0.50  26.51 ? 93  ARG A CA  1 
ATOM   704  C  C   . ARG A 1 92  ? -12.720 6.421   -2.442  0.50  26.92 ? 93  ARG A C   1 
ATOM   705  O  O   . ARG A 1 92  ? -12.331 7.112   -1.500  0.50  26.72 ? 93  ARG A O   1 
ATOM   706  C  CB  . ARG A 1 92  ? -14.882 5.173   -2.430  0.50  26.72 ? 93  ARG A CB  1 
ATOM   707  N  N   . ILE A 1 93  ? -11.918 5.620   -3.135  1.00  28.01 ? 94  ILE A N   1 
ATOM   708  C  CA  . ILE A 1 93  ? -10.499 5.494   -2.828  1.00  28.38 ? 94  ILE A CA  1 
ATOM   709  C  C   . ILE A 1 93  ? -9.790  6.845   -2.894  1.00  28.03 ? 94  ILE A C   1 
ATOM   710  O  O   . ILE A 1 93  ? -9.019  7.192   -1.998  1.00  27.57 ? 94  ILE A O   1 
ATOM   711  C  CB  . ILE A 1 93  ? -9.816  4.491   -3.799  1.00  29.09 ? 94  ILE A CB  1 
ATOM   712  C  CG1 . ILE A 1 93  ? -10.003 3.059   -3.288  1.00  29.68 ? 94  ILE A CG1 1 
ATOM   713  C  CG2 . ILE A 1 93  ? -8.341  4.804   -3.934  1.00  29.77 ? 94  ILE A CG2 1 
ATOM   714  C  CD1 . ILE A 1 93  ? -11.444 2.624   -3.141  1.00  30.18 ? 94  ILE A CD1 1 
ATOM   715  N  N   . ARG A 1 94  ? -10.053 7.603   -3.954  1.00  28.13 ? 95  ARG A N   1 
ATOM   716  C  CA  . ARG A 1 94  ? -9.435  8.913   -4.122  1.00  27.94 ? 95  ARG A CA  1 
ATOM   717  C  C   . ARG A 1 94  ? -9.842  9.832   -2.974  1.00  27.67 ? 95  ARG A C   1 
ATOM   718  O  O   . ARG A 1 94  ? -8.993  10.447  -2.327  1.00  27.90 ? 95  ARG A O   1 
ATOM   719  C  CB  . ARG A 1 94  ? -9.850  9.521   -5.456  1.00  28.30 ? 95  ARG A CB  1 
ATOM   720  N  N   . GLU A 1 95  ? -11.144 9.918   -2.723  0.50  27.12 ? 96  GLU A N   1 
ATOM   721  C  CA  . GLU A 1 95  ? -11.661 10.759  -1.651  0.50  27.03 ? 96  GLU A CA  1 
ATOM   722  C  C   . GLU A 1 95  ? -11.160 10.273  -0.296  0.50  26.78 ? 96  GLU A C   1 
ATOM   723  O  O   . GLU A 1 95  ? -11.112 11.035  0.668   0.50  26.89 ? 96  GLU A O   1 
ATOM   724  C  CB  . GLU A 1 95  ? -13.183 10.755  -1.679  0.50  26.95 ? 96  GLU A CB  1 
ATOM   725  N  N   . GLY A 1 96  ? -10.781 9.000   -0.234  1.00  26.99 ? 97  GLY A N   1 
ATOM   726  C  CA  . GLY A 1 96  ? -10.295 8.423   1.007   1.00  26.53 ? 97  GLY A CA  1 
ATOM   727  C  C   . GLY A 1 96  ? -8.878  8.813   1.385   1.00  26.31 ? 97  GLY A C   1 
ATOM   728  O  O   . GLY A 1 96  ? -8.480  8.671   2.541   1.00  26.80 ? 97  GLY A O   1 
ATOM   729  N  N   . GLY A 1 97  ? -8.112  9.302   0.416   1.00  25.15 ? 98  GLY A N   1 
ATOM   730  C  CA  . GLY A 1 97  ? -6.744  9.700   0.693   1.00  24.28 ? 98  GLY A CA  1 
ATOM   731  C  C   . GLY A 1 97  ? -5.718  8.902   -0.088  1.00  23.36 ? 98  GLY A C   1 
ATOM   732  O  O   . GLY A 1 97  ? -4.518  9.167   0.005   1.00  23.48 ? 98  GLY A O   1 
ATOM   733  N  N   . CYS A 1 98  ? -6.181  7.924   -0.860  1.00  22.11 ? 99  CYS A N   1 
ATOM   734  C  CA  . CYS A 1 98  ? -5.279  7.097   -1.652  1.00  20.83 ? 99  CYS A CA  1 
ATOM   735  C  C   . CYS A 1 98  ? -4.869  7.800   -2.942  1.00  21.14 ? 99  CYS A C   1 
ATOM   736  O  O   . CYS A 1 98  ? -5.688  8.446   -3.602  1.00  21.20 ? 99  CYS A O   1 
ATOM   737  C  CB  . CYS A 1 98  ? -5.942  5.756   -1.972  1.00  20.19 ? 99  CYS A CB  1 
ATOM   738  S  SG  . CYS A 1 98  ? -6.399  4.791   -0.509  1.00  19.72 ? 99  CYS A SG  1 
ATOM   739  N  N   . GLU A 1 99  ? -3.594  7.672   -3.290  1.00  20.89 ? 100 GLU A N   1 
ATOM   740  C  CA  . GLU A 1 99  ? -3.035  8.288   -4.487  1.00  21.42 ? 100 GLU A CA  1 
ATOM   741  C  C   . GLU A 1 99  ? -3.431  7.574   -5.767  1.00  21.69 ? 100 GLU A C   1 
ATOM   742  O  O   . GLU A 1 99  ? -3.562  8.195   -6.819  1.00  23.12 ? 100 GLU A O   1 
ATOM   743  C  CB  . GLU A 1 99  ? -1.506  8.324   -4.387  1.00  21.87 ? 100 GLU A CB  1 
ATOM   744  C  CG  . GLU A 1 99  ? -0.900  9.651   -3.949  0.30  22.42 ? 100 GLU A CG  1 
ATOM   745  C  CD  . GLU A 1 99  ? -1.403  10.134  -2.600  0.30  22.52 ? 100 GLU A CD  1 
ATOM   746  O  OE1 . GLU A 1 99  ? -0.638  10.832  -1.903  0.30  22.84 ? 100 GLU A OE1 1 
ATOM   747  O  OE2 . GLU A 1 99  ? -2.561  9.835   -2.242  0.30  22.99 ? 100 GLU A OE2 1 
ATOM   748  N  N   . ALA A 1 100 ? -3.611  6.261   -5.676  1.00  21.23 ? 101 ALA A N   1 
ATOM   749  C  CA  . ALA A 1 100 ? -3.980  5.467   -6.838  1.00  20.92 ? 101 ALA A CA  1 
ATOM   750  C  C   . ALA A 1 100 ? -4.707  4.200   -6.429  1.00  20.92 ? 101 ALA A C   1 
ATOM   751  O  O   . ALA A 1 100 ? -4.823  3.889   -5.238  1.00  18.66 ? 101 ALA A O   1 
ATOM   752  C  CB  . ALA A 1 100 ? -2.737  5.117   -7.645  1.00  20.92 ? 101 ALA A CB  1 
ATOM   753  N  N   . TYR A 1 101 ? -5.189  3.465   -7.419  1.00  21.90 ? 102 TYR A N   1 
ATOM   754  C  CA  . TYR A 1 101 ? -5.908  2.227   -7.165  1.00  23.21 ? 102 TYR A CA  1 
ATOM   755  C  C   . TYR A 1 101 ? -5.502  1.173   -8.182  1.00  23.63 ? 102 TYR A C   1 
ATOM   756  O  O   . TYR A 1 101 ? -5.216  1.485   -9.340  1.00  24.52 ? 102 TYR A O   1 
ATOM   757  C  CB  . TYR A 1 101 ? -7.409  2.470   -7.237  1.00  24.35 ? 102 TYR A CB  1 
ATOM   758  N  N   . ILE A 1 102 ? -5.474  -0.076  -7.738  1.00  24.06 ? 103 ILE A N   1 
ATOM   759  C  CA  . ILE A 1 102 ? -5.115  -1.197  -8.591  1.00  23.63 ? 103 ILE A CA  1 
ATOM   760  C  C   . ILE A 1 102 ? -6.161  -2.287  -8.396  1.00  24.16 ? 103 ILE A C   1 
ATOM   761  O  O   . ILE A 1 102 ? -6.455  -2.674  -7.266  1.00  23.59 ? 103 ILE A O   1 
ATOM   762  C  CB  . ILE A 1 102 ? -3.714  -1.740  -8.227  1.00  23.72 ? 103 ILE A CB  1 
ATOM   763  C  CG1 A ILE A 1 102 ? -2.675  -0.628  -8.389  0.50  23.55 ? 103 ILE A CG1 1 
ATOM   764  C  CG1 B ILE A 1 102 ? -2.661  -0.645  -8.422  0.50  23.72 ? 103 ILE A CG1 1 
ATOM   765  C  CG2 A ILE A 1 102 ? -3.369  -2.932  -9.109  0.50  23.85 ? 103 ILE A CG2 1 
ATOM   766  C  CG2 B ILE A 1 102 ? -3.389  -2.958  -9.079  0.50  23.89 ? 103 ILE A CG2 1 
ATOM   767  C  CD1 A ILE A 1 102 ? -1.277  -1.020  -7.973  0.50  23.37 ? 103 ILE A CD1 1 
ATOM   768  C  CD1 B ILE A 1 102 ? -2.575  -0.113  -9.843  0.50  23.85 ? 103 ILE A CD1 1 
ATOM   769  N  N   . SER A 1 103 ? -6.730  -2.768  -9.497  1.00  24.48 ? 104 SER A N   1 
ATOM   770  C  CA  . SER A 1 103 ? -7.755  -3.803  -9.435  1.00  24.83 ? 104 SER A CA  1 
ATOM   771  C  C   . SER A 1 103 ? -7.235  -5.186  -9.808  1.00  24.64 ? 104 SER A C   1 
ATOM   772  O  O   . SER A 1 103 ? -6.245  -5.320  -10.526 1.00  24.34 ? 104 SER A O   1 
ATOM   773  C  CB  . SER A 1 103 ? -8.928  -3.430  -10.345 1.00  25.00 ? 104 SER A CB  1 
ATOM   774  O  OG  . SER A 1 103 ? -8.498  -3.223  -11.678 0.50  24.64 ? 104 SER A OG  1 
ATOM   775  N  N   . LYS A 1 104 ? -7.919  -6.214  -9.312  0.50  24.43 ? 105 LYS A N   1 
ATOM   776  C  CA  . LYS A 1 104 ? -7.551  -7.599  -9.587  0.50  24.64 ? 105 LYS A CA  1 
ATOM   777  C  C   . LYS A 1 104 ? -8.629  -8.260  -10.445 0.50  24.35 ? 105 LYS A C   1 
ATOM   778  O  O   . LYS A 1 104 ? -9.817  -7.995  -10.266 0.50  24.93 ? 105 LYS A O   1 
ATOM   779  C  CB  . LYS A 1 104 ? -7.379  -8.359  -8.278  0.50  24.87 ? 105 LYS A CB  1 
ATOM   780  N  N   . PRO A 1 105 ? -8.230  -9.127  -11.392 0.50  23.91 ? 106 PRO A N   1 
ATOM   781  C  CA  . PRO A 1 105 ? -6.852  -9.521  -11.710 0.50  23.27 ? 106 PRO A CA  1 
ATOM   782  C  C   . PRO A 1 105 ? -5.995  -8.313  -12.068 0.50  22.26 ? 106 PRO A C   1 
ATOM   783  O  O   . PRO A 1 105 ? -6.364  -7.508  -12.921 0.50  21.62 ? 106 PRO A O   1 
ATOM   784  C  CB  . PRO A 1 105 ? -7.031  -10.481 -12.882 0.50  23.93 ? 106 PRO A CB  1 
ATOM   785  C  CG  . PRO A 1 105 ? -8.246  -9.940  -13.564 0.50  23.96 ? 106 PRO A CG  1 
ATOM   786  C  CD  . PRO A 1 105 ? -9.161  -9.673  -12.394 0.50  24.12 ? 106 PRO A CD  1 
ATOM   787  N  N   . ILE A 1 106 ? -4.847  -8.193  -11.412 0.50  21.27 ? 107 ILE A N   1 
ATOM   788  C  CA  . ILE A 1 106 ? -3.961  -7.063  -11.648 0.50  20.49 ? 107 ILE A CA  1 
ATOM   789  C  C   . ILE A 1 106 ? -3.098  -7.197  -12.894 0.50  19.28 ? 107 ILE A C   1 
ATOM   790  O  O   . ILE A 1 106 ? -2.709  -8.298  -13.286 0.50  19.37 ? 107 ILE A O   1 
ATOM   791  C  CB  . ILE A 1 106 ? -3.012  -6.826  -10.441 0.50  20.93 ? 107 ILE A CB  1 
ATOM   792  C  CG1 . ILE A 1 106 ? -1.792  -7.751  -10.531 0.50  21.41 ? 107 ILE A CG1 1 
ATOM   793  C  CG2 . ILE A 1 106 ? -3.760  -7.059  -9.137  0.50  21.22 ? 107 ILE A CG2 1 
ATOM   794  C  CD1 . ILE A 1 106 ? -2.120  -9.233  -10.597 0.50  22.13 ? 107 ILE A CD1 1 
ATOM   795  N  N   . SER A 1 107 ? -2.819  -6.060  -13.519 1.00  18.17 ? 108 SER A N   1 
ATOM   796  C  CA  . SER A 1 107 ? -1.953  -6.011  -14.686 1.00  16.72 ? 108 SER A CA  1 
ATOM   797  C  C   . SER A 1 107 ? -0.575  -5.749  -14.089 1.00  15.96 ? 108 SER A C   1 
ATOM   798  O  O   . SER A 1 107 ? -0.387  -4.761  -13.384 1.00  16.19 ? 108 SER A O   1 
ATOM   799  C  CB  . SER A 1 107 ? -2.349  -4.849  -15.603 1.00  17.89 ? 108 SER A CB  1 
ATOM   800  O  OG  . SER A 1 107 ? -1.321  -4.575  -16.539 1.00  18.42 ? 108 SER A OG  1 
ATOM   801  N  N   . VAL A 1 108 ? 0.381   -6.632  -14.349 1.00  14.58 ? 109 VAL A N   1 
ATOM   802  C  CA  . VAL A 1 108 ? 1.722   -6.470  -13.799 1.00  13.85 ? 109 VAL A CA  1 
ATOM   803  C  C   . VAL A 1 108 ? 2.347   -5.125  -14.166 1.00  12.50 ? 109 VAL A C   1 
ATOM   804  O  O   . VAL A 1 108 ? 2.903   -4.438  -13.307 1.00  12.58 ? 109 VAL A O   1 
ATOM   805  C  CB  . VAL A 1 108 ? 2.662   -7.619  -14.256 1.00  14.15 ? 109 VAL A CB  1 
ATOM   806  C  CG1 . VAL A 1 108 ? 4.097   -7.328  -13.836 1.00  15.59 ? 109 VAL A CG1 1 
ATOM   807  C  CG2 . VAL A 1 108 ? 2.195   -8.940  -13.642 1.00  16.08 ? 109 VAL A CG2 1 
ATOM   808  N  N   . VAL A 1 109 ? 2.246   -4.737  -15.434 1.00  12.52 ? 110 VAL A N   1 
ATOM   809  C  CA  . VAL A 1 109 ? 2.826   -3.472  -15.861 1.00  11.61 ? 110 VAL A CA  1 
ATOM   810  C  C   . VAL A 1 109 ? 2.099   -2.263  -15.271 1.00  10.61 ? 110 VAL A C   1 
ATOM   811  O  O   . VAL A 1 109 ? 2.737   -1.307  -14.846 1.00  8.99  ? 110 VAL A O   1 
ATOM   812  C  CB  . VAL A 1 109 ? 2.866   -3.377  -17.407 1.00  11.79 ? 110 VAL A CB  1 
ATOM   813  C  CG1 . VAL A 1 109 ? 3.395   -2.010  -17.847 1.00  11.46 ? 110 VAL A CG1 1 
ATOM   814  C  CG2 . VAL A 1 109 ? 3.761   -4.485  -17.962 1.00  13.94 ? 110 VAL A CG2 1 
ATOM   815  N  N   . HIS A 1 110 ? 0.769   -2.299  -15.236 1.00  11.38 ? 111 HIS A N   1 
ATOM   816  C  CA  . HIS A 1 110 ? 0.009   -1.185  -14.670 1.00  11.10 ? 111 HIS A CA  1 
ATOM   817  C  C   . HIS A 1 110 ? 0.369   -1.027  -13.193 1.00  11.49 ? 111 HIS A C   1 
ATOM   818  O  O   . HIS A 1 110 ? 0.567   0.084   -12.698 1.00  10.42 ? 111 HIS A O   1 
ATOM   819  C  CB  . HIS A 1 110 ? -1.495  -1.444  -14.811 1.00  14.13 ? 111 HIS A CB  1 
ATOM   820  C  CG  . HIS A 1 110 ? -2.354  -0.367  -14.217 1.00  18.11 ? 111 HIS A CG  1 
ATOM   821  N  ND1 . HIS A 1 110 ? -2.346  0.931   -14.674 1.00  20.03 ? 111 HIS A ND1 1 
ATOM   822  C  CD2 . HIS A 1 110 ? -3.244  -0.402  -13.196 1.00  20.00 ? 111 HIS A CD2 1 
ATOM   823  C  CE1 . HIS A 1 110 ? -3.194  1.653   -13.963 1.00  20.41 ? 111 HIS A CE1 1 
ATOM   824  N  NE2 . HIS A 1 110 ? -3.753  0.869   -13.060 1.00  20.54 ? 111 HIS A NE2 1 
ATOM   825  N  N   . PHE A 1 111 ? 0.453   -2.155  -12.500 1.00  11.91 ? 112 PHE A N   1 
ATOM   826  C  CA  . PHE A 1 111 ? 0.795   -2.181  -11.082 1.00  11.27 ? 112 PHE A CA  1 
ATOM   827  C  C   . PHE A 1 111 ? 2.174   -1.561  -10.847 1.00  10.21 ? 112 PHE A C   1 
ATOM   828  O  O   . PHE A 1 111 ? 2.316   -0.624  -10.059 1.00  10.53 ? 112 PHE A O   1 
ATOM   829  C  CB  . PHE A 1 111 ? 0.743   -3.640  -10.592 1.00  12.17 ? 112 PHE A CB  1 
ATOM   830  C  CG  . PHE A 1 111 ? 1.325   -3.867  -9.219  1.00  14.03 ? 112 PHE A CG  1 
ATOM   831  C  CD1 . PHE A 1 111 ? 2.659   -4.230  -9.067  1.00  14.02 ? 112 PHE A CD1 1 
ATOM   832  C  CD2 . PHE A 1 111 ? 0.528   -3.757  -8.082  1.00  16.93 ? 112 PHE A CD2 1 
ATOM   833  C  CE1 . PHE A 1 111 ? 3.195   -4.485  -7.807  1.00  15.50 ? 112 PHE A CE1 1 
ATOM   834  C  CE2 . PHE A 1 111 ? 1.054   -4.010  -6.815  1.00  17.90 ? 112 PHE A CE2 1 
ATOM   835  C  CZ  . PHE A 1 111 ? 2.392   -4.374  -6.679  1.00  17.19 ? 112 PHE A CZ  1 
ATOM   836  N  N   . LEU A 1 112 ? 3.188   -2.069  -11.541 1.00  9.35  ? 113 LEU A N   1 
ATOM   837  C  CA  . LEU A 1 112 ? 4.539   -1.551  -11.377 1.00  10.07 ? 113 LEU A CA  1 
ATOM   838  C  C   . LEU A 1 112 ? 4.693   -0.096  -11.814 1.00  9.16  ? 113 LEU A C   1 
ATOM   839  O  O   . LEU A 1 112 ? 5.382   0.684   -11.154 1.00  9.50  ? 113 LEU A O   1 
ATOM   840  C  CB  . LEU A 1 112 ? 5.535   -2.432  -12.126 1.00  10.99 ? 113 LEU A CB  1 
ATOM   841  C  CG  . LEU A 1 112 ? 5.693   -3.835  -11.531 1.00  12.31 ? 113 LEU A CG  1 
ATOM   842  C  CD1 . LEU A 1 112 ? 6.556   -4.671  -12.459 1.00  13.65 ? 113 LEU A CD1 1 
ATOM   843  C  CD2 . LEU A 1 112 ? 6.307   -3.750  -10.142 1.00  13.45 ? 113 LEU A CD2 1 
ATOM   844  N  N   . GLU A 1 113 ? 4.052   0.280   -12.919 1.00  8.15  ? 114 GLU A N   1 
ATOM   845  C  CA  . GLU A 1 113 ? 4.135   1.659   -13.391 1.00  9.11  ? 114 GLU A CA  1 
ATOM   846  C  C   . GLU A 1 113 ? 3.569   2.609   -12.338 1.00  9.42  ? 114 GLU A C   1 
ATOM   847  O  O   . GLU A 1 113 ? 4.138   3.663   -12.067 1.00  9.19  ? 114 GLU A O   1 
ATOM   848  C  CB  . GLU A 1 113 ? 3.353   1.834   -14.694 1.00  9.62  ? 114 GLU A CB  1 
ATOM   849  C  CG  . GLU A 1 113 ? 3.429   3.246   -15.263 1.00  10.88 ? 114 GLU A CG  1 
ATOM   850  C  CD  . GLU A 1 113 ? 2.631   3.399   -16.538 1.00  12.31 ? 114 GLU A CD  1 
ATOM   851  O  OE1 . GLU A 1 113 ? 2.654   2.459   -17.358 1.00  12.04 ? 114 GLU A OE1 1 
ATOM   852  O  OE2 . GLU A 1 113 ? 1.994   4.458   -16.722 1.00  15.44 ? 114 GLU A OE2 1 
ATOM   853  N  N   . THR A 1 114 ? 2.438   2.230   -11.752 1.00  9.70  ? 115 THR A N   1 
ATOM   854  C  CA  . THR A 1 114 ? 1.786   3.047   -10.735 1.00  11.36 ? 115 THR A CA  1 
ATOM   855  C  C   . THR A 1 114 ? 2.676   3.258   -9.516  1.00  12.43 ? 115 THR A C   1 
ATOM   856  O  O   . THR A 1 114 ? 2.833   4.380   -9.025  1.00  13.30 ? 115 THR A O   1 
ATOM   857  C  CB  . THR A 1 114 ? 0.471   2.386   -10.291 1.00  11.67 ? 115 THR A CB  1 
ATOM   858  O  OG1 . THR A 1 114 ? -0.430  2.328   -11.403 1.00  12.93 ? 115 THR A OG1 1 
ATOM   859  C  CG2 . THR A 1 114 ? -0.175  3.171   -9.158  1.00  12.54 ? 115 THR A CG2 1 
ATOM   860  N  N   A ILE A 1 115 ? 3.266   2.169   -9.036  0.50  12.32 ? 116 ILE A N   1 
ATOM   861  N  N   B ILE A 1 115 ? 3.263   2.176   -9.020  0.50  12.47 ? 116 ILE A N   1 
ATOM   862  C  CA  A ILE A 1 115 ? 4.143   2.218   -7.874  0.50  13.29 ? 116 ILE A CA  1 
ATOM   863  C  CA  B ILE A 1 115 ? 4.130   2.261   -7.853  0.50  13.55 ? 116 ILE A CA  1 
ATOM   864  C  C   A ILE A 1 115 ? 5.394   3.041   -8.162  0.50  12.97 ? 116 ILE A C   1 
ATOM   865  C  C   B ILE A 1 115 ? 5.413   3.037   -8.150  0.50  13.14 ? 116 ILE A C   1 
ATOM   866  O  O   A ILE A 1 115 ? 5.760   3.925   -7.387  0.50  13.01 ? 116 ILE A O   1 
ATOM   867  O  O   B ILE A 1 115 ? 5.826   3.887   -7.360  0.50  13.13 ? 116 ILE A O   1 
ATOM   868  C  CB  A ILE A 1 115 ? 4.589   0.799   -7.454  0.50  14.04 ? 116 ILE A CB  1 
ATOM   869  C  CB  B ILE A 1 115 ? 4.469   0.852   -7.327  0.50  14.58 ? 116 ILE A CB  1 
ATOM   870  C  CG1 A ILE A 1 115 ? 3.369   -0.107  -7.282  0.50  14.87 ? 116 ILE A CG1 1 
ATOM   871  C  CG1 B ILE A 1 115 ? 3.194   0.197   -6.785  0.50  15.76 ? 116 ILE A CG1 1 
ATOM   872  C  CG2 A ILE A 1 115 ? 5.393   0.864   -6.164  0.50  14.56 ? 116 ILE A CG2 1 
ATOM   873  C  CG2 B ILE A 1 115 ? 5.541   0.932   -6.248  0.50  14.83 ? 116 ILE A CG2 1 
ATOM   874  C  CD1 A ILE A 1 115 ? 2.356   0.400   -6.280  0.50  13.55 ? 116 ILE A CD1 1 
ATOM   875  C  CD1 B ILE A 1 115 ? 3.384   -1.220  -6.294  0.50  16.96 ? 116 ILE A CD1 1 
ATOM   876  N  N   . LYS A 1 116 ? 6.039   2.748   -9.287  1.00  12.57 ? 117 LYS A N   1 
ATOM   877  C  CA  . LYS A 1 116 ? 7.265   3.442   -9.666  1.00  12.70 ? 117 LYS A CA  1 
ATOM   878  C  C   . LYS A 1 116 ? 7.072   4.949   -9.828  1.00  13.39 ? 117 LYS A C   1 
ATOM   879  O  O   . LYS A 1 116 ? 7.930   5.738   -9.434  1.00  14.29 ? 117 LYS A O   1 
ATOM   880  C  CB  . LYS A 1 116 ? 7.832   2.838   -10.956 1.00  14.20 ? 117 LYS A CB  1 
ATOM   881  C  CG  . LYS A 1 116 ? 8.271   1.385   -10.803 0.50  13.82 ? 117 LYS A CG  1 
ATOM   882  C  CD  . LYS A 1 116 ? 8.654   0.761   -12.140 0.50  14.48 ? 117 LYS A CD  1 
ATOM   883  C  CE  . LYS A 1 116 ? 9.924   1.370   -12.714 0.50  15.83 ? 117 LYS A CE  1 
ATOM   884  N  NZ  . LYS A 1 116 ? 11.111  1.045   -11.876 0.50  16.67 ? 117 LYS A NZ  1 
ATOM   885  N  N   . ARG A 1 117 ? 5.939   5.353   -10.395 1.00  13.02 ? 118 ARG A N   1 
ATOM   886  C  CA  . ARG A 1 117 ? 5.652   6.769   -10.600 1.00  14.09 ? 118 ARG A CA  1 
ATOM   887  C  C   . ARG A 1 117 ? 5.584   7.526   -9.278  1.00  14.85 ? 118 ARG A C   1 
ATOM   888  O  O   . ARG A 1 117 ? 5.987   8.689   -9.195  1.00  15.88 ? 118 ARG A O   1 
ATOM   889  C  CB  . ARG A 1 117 ? 4.342   6.932   -11.363 1.00  14.20 ? 118 ARG A CB  1 
ATOM   890  N  N   . LEU A 1 118 ? 5.079   6.862   -8.244  1.00  14.03 ? 119 LEU A N   1 
ATOM   891  C  CA  . LEU A 1 118 ? 4.956   7.481   -6.928  1.00  15.25 ? 119 LEU A CA  1 
ATOM   892  C  C   . LEU A 1 118 ? 6.260   7.421   -6.131  1.00  15.94 ? 119 LEU A C   1 
ATOM   893  O  O   . LEU A 1 118 ? 6.576   8.349   -5.387  1.00  17.24 ? 119 LEU A O   1 
ATOM   894  C  CB  . LEU A 1 118 ? 3.840   6.796   -6.131  1.00  14.76 ? 119 LEU A CB  1 
ATOM   895  C  CG  . LEU A 1 118 ? 2.413   6.956   -6.663  1.00  15.11 ? 119 LEU A CG  1 
ATOM   896  C  CD1 . LEU A 1 118 ? 1.477   5.991   -5.950  1.00  14.58 ? 119 LEU A CD1 1 
ATOM   897  C  CD2 . LEU A 1 118 ? 1.955   8.393   -6.466  1.00  17.00 ? 119 LEU A CD2 1 
ATOM   898  N  N   . LEU A 1 119 ? 7.015   6.337   -6.301  1.00  15.40 ? 120 LEU A N   1 
ATOM   899  C  CA  . LEU A 1 119 ? 8.275   6.129   -5.580  1.00  16.59 ? 120 LEU A CA  1 
ATOM   900  C  C   . LEU A 1 119 ? 9.525   6.735   -6.211  1.00  17.55 ? 120 LEU A C   1 
ATOM   901  O  O   . LEU A 1 119 ? 10.404  7.232   -5.510  1.00  17.98 ? 120 LEU A O   1 
ATOM   902  C  CB  . LEU A 1 119 ? 8.534   4.628   -5.400  1.00  17.72 ? 120 LEU A CB  1 
ATOM   903  C  CG  . LEU A 1 119 ? 7.757   3.823   -4.355  1.00  18.06 ? 120 LEU A CG  1 
ATOM   904  C  CD1 . LEU A 1 119 ? 8.066   2.345   -4.528  1.00  19.47 ? 120 LEU A CD1 1 
ATOM   905  C  CD2 . LEU A 1 119 ? 8.136   4.281   -2.960  1.00  19.77 ? 120 LEU A CD2 1 
ATOM   906  N  N   . GLU A 1 120 ? 9.604   6.683   -7.533  1.00  18.46 ? 121 GLU A N   1 
ATOM   907  C  CA  . GLU A 1 120 ? 10.776  7.171   -8.244  1.00  19.70 ? 121 GLU A CA  1 
ATOM   908  C  C   . GLU A 1 120 ? 10.669  8.557   -8.857  1.00  20.66 ? 121 GLU A C   1 
ATOM   909  O  O   . GLU A 1 120 ? 10.608  8.705   -10.076 1.00  21.15 ? 121 GLU A O   1 
ATOM   910  C  CB  . GLU A 1 120 ? 11.155  6.156   -9.321  1.00  19.82 ? 121 GLU A CB  1 
ATOM   911  C  CG  A GLU A 1 120 ? 11.322  4.740   -8.798  0.70  20.83 ? 121 GLU A CG  1 
ATOM   912  C  CG  B GLU A 1 120 ? 11.582  4.810   -8.755  0.30  19.84 ? 121 GLU A CG  1 
ATOM   913  C  CD  A GLU A 1 120 ? 12.438  4.612   -7.775  0.70  21.91 ? 121 GLU A CD  1 
ATOM   914  C  CD  B GLU A 1 120 ? 11.558  3.697   -9.785  0.30  19.93 ? 121 GLU A CD  1 
ATOM   915  O  OE1 A GLU A 1 120 ? 12.586  3.515   -7.196  0.70  23.29 ? 121 GLU A OE1 1 
ATOM   916  O  OE1 B GLU A 1 120 ? 12.067  2.596   -9.483  0.30  20.46 ? 121 GLU A OE1 1 
ATOM   917  O  OE2 A GLU A 1 120 ? 13.168  5.600   -7.546  0.70  22.72 ? 121 GLU A OE2 1 
ATOM   918  O  OE2 B GLU A 1 120 ? 11.021  3.915   -10.892 0.30  19.91 ? 121 GLU A OE2 1 
ATOM   919  N  N   . ARG A 1 121 ? 10.663  9.571   -8.002  1.00  21.92 ? 122 ARG A N   1 
ATOM   920  C  CA  . ARG A 1 121 ? 10.583  10.952  -8.455  1.00  22.86 ? 122 ARG A CA  1 
ATOM   921  C  C   . ARG A 1 121 ? 11.735  11.721  -7.826  1.00  23.06 ? 122 ARG A C   1 
ATOM   922  O  O   . ARG A 1 121 ? 12.252  11.330  -6.783  1.00  22.84 ? 122 ARG A O   1 
ATOM   923  C  CB  . ARG A 1 121 ? 9.254   11.568  -8.046  1.00  23.33 ? 122 ARG A CB  1 
ATOM   924  N  N   . GLN A 1 122 ? 12.144  12.809  -8.467  1.00  23.00 ? 123 GLN A N   1 
ATOM   925  C  CA  . GLN A 1 122 ? 13.239  13.614  -7.941  1.00  22.67 ? 123 GLN A CA  1 
ATOM   926  C  C   . GLN A 1 122 ? 12.783  14.338  -6.673  1.00  22.70 ? 123 GLN A C   1 
ATOM   927  O  O   . GLN A 1 122 ? 11.583  14.514  -6.450  1.00  23.13 ? 123 GLN A O   1 
ATOM   928  C  CB  . GLN A 1 122 ? 13.696  14.619  -8.992  1.00  22.87 ? 123 GLN A CB  1 
ATOM   929  N  N   . PRO A 1 123 ? 13.740  14.750  -5.825  0.50  21.92 ? 124 PRO A N   1 
ATOM   930  C  CA  . PRO A 1 123 ? 13.417  15.458  -4.581  0.50  21.85 ? 124 PRO A CA  1 
ATOM   931  C  C   . PRO A 1 123 ? 12.787  16.824  -4.842  0.50  21.71 ? 124 PRO A C   1 
ATOM   932  O  O   . PRO A 1 123 ? 12.690  17.222  -6.022  0.50  22.01 ? 124 PRO A O   1 
ATOM   933  C  CB  . PRO A 1 123 ? 14.773  15.579  -3.892  0.50  21.65 ? 124 PRO A CB  1 
ATOM   934  C  CG  . PRO A 1 123 ? 15.493  14.347  -4.366  0.50  21.47 ? 124 PRO A CG  1 
ATOM   935  C  CD  . PRO A 1 123 ? 15.146  14.308  -5.829  0.50  21.65 ? 124 PRO A CD  1 
HETATM 936  MG MG  A MG  B 2 .   ? -7.285  -9.506  0.234   0.41  17.01 ? 201 MG  A MG  1 
HETATM 937  MG MG  B MG  B 2 .   ? -8.712  -9.338  1.171   0.44  17.01 ? 201 MG  A MG  1 
HETATM 938  O  O   . HOH C 3 .   ? -7.655  -11.837 0.923   0.28  17.01 ? 202 HOH A O   1 
HETATM 939  O  O   . HOH C 3 .   ? -4.402  -16.611 2.555   1.00  14.72 ? 203 HOH A O   1 
HETATM 940  O  O   . HOH C 3 .   ? -3.277  -19.069 2.271   1.00  20.87 ? 204 HOH A O   1 
HETATM 941  O  O   . HOH C 3 .   ? 0.760   -15.853 -5.923  1.00  21.33 ? 205 HOH A O   1 
HETATM 942  O  O   . HOH C 3 .   ? 4.810   -14.510 -7.953  1.00  18.21 ? 206 HOH A O   1 
HETATM 943  O  O   . HOH C 3 .   ? 8.834   -6.930  -11.251 1.00  20.95 ? 207 HOH A O   1 
HETATM 944  O  O   . HOH C 3 .   ? 11.217  -11.418 -6.979  1.00  22.48 ? 208 HOH A O   1 
HETATM 945  O  O   . HOH C 3 .   ? 8.240   -12.931 4.137   1.00  11.29 ? 209 HOH A O   1 
HETATM 946  O  O   . HOH C 3 .   ? 9.418   -12.315 1.787   1.00  15.20 ? 210 HOH A O   1 
HETATM 947  O  O   . HOH C 3 .   ? -2.159  -11.961 10.679  1.00  17.20 ? 211 HOH A O   1 
HETATM 948  O  O   . HOH C 3 .   ? -6.675  -9.525  8.039   1.00  22.92 ? 212 HOH A O   1 
HETATM 949  O  O   . HOH C 3 .   ? 1.784   -8.196  13.463  1.00  20.89 ? 213 HOH A O   1 
HETATM 950  O  O   . HOH C 3 .   ? 2.145   2.772   16.571  1.00  12.80 ? 214 HOH A O   1 
HETATM 951  O  O   . HOH C 3 .   ? -15.110 -3.339  7.488   1.00  19.94 ? 215 HOH A O   1 
HETATM 952  O  O   . HOH C 3 .   ? -14.129 -1.145  9.078   1.00  10.46 ? 216 HOH A O   1 
HETATM 953  O  O   . HOH C 3 .   ? -0.187  8.035   4.386   1.00  16.02 ? 217 HOH A O   1 
HETATM 954  O  O   . HOH C 3 .   ? -1.841  8.665   -0.241  1.00  14.87 ? 218 HOH A O   1 
HETATM 955  O  O   . HOH C 3 .   ? -4.482  -4.123  -12.105 1.00  31.54 ? 219 HOH A O   1 
HETATM 956  O  O   . HOH C 3 .   ? -1.490  2.326   -16.861 1.00  20.15 ? 220 HOH A O   1 
HETATM 957  O  O   . HOH C 3 .   ? 6.376   4.877   -13.850 1.00  17.83 ? 221 HOH A O   1 
HETATM 958  O  O   . HOH C 3 .   ? 1.164   6.634   -9.911  1.00  23.00 ? 222 HOH A O   1 
HETATM 959  O  O   . HOH C 3 .   ? -3.993  -17.452 -0.530  1.00  18.36 ? 223 HOH A O   1 
HETATM 960  O  O   . HOH C 3 .   ? 12.125  -13.130 -1.706  1.00  27.77 ? 224 HOH A O   1 
HETATM 961  O  O   . HOH C 3 .   ? -4.845  -12.337 10.052  1.00  23.86 ? 225 HOH A O   1 
HETATM 962  O  O   . HOH C 3 .   ? -3.496  -6.050  14.491  1.00  21.00 ? 226 HOH A O   1 
HETATM 963  O  O   . HOH C 3 .   ? 7.385   8.417   -0.344  1.00  27.02 ? 227 HOH A O   1 
HETATM 964  O  O   . HOH C 3 .   ? -6.131  1.699   -11.770 1.00  29.17 ? 228 HOH A O   1 
HETATM 965  O  O   . HOH C 3 .   ? -14.625 2.374   4.810   1.00  23.17 ? 229 HOH A O   1 
HETATM 966  O  O   . HOH C 3 .   ? -3.273  7.461   13.457  1.00  28.61 ? 230 HOH A O   1 
HETATM 967  O  O   . HOH C 3 .   ? -4.495  9.463   13.296  1.00  23.98 ? 231 HOH A O   1 
HETATM 968  O  O   . HOH C 3 .   ? -4.800  15.060  12.805  1.00  34.09 ? 232 HOH A O   1 
HETATM 969  O  O   . HOH C 3 .   ? 0.023   13.197  14.720  1.00  29.69 ? 233 HOH A O   1 
HETATM 970  O  O   . HOH C 3 .   ? 10.828  13.780  -11.062 1.00  25.36 ? 234 HOH A O   1 
HETATM 971  O  O   . HOH C 3 .   ? -4.621  5.085   -10.099 1.00  29.21 ? 235 HOH A O   1 
HETATM 972  O  O   . HOH C 3 .   ? -6.475  -17.423 -2.005  1.00  27.70 ? 236 HOH A O   1 
HETATM 973  O  O   . HOH C 3 .   ? 5.986   -16.865 -5.076  1.00  31.53 ? 237 HOH A O   1 
HETATM 974  O  O   . HOH C 3 .   ? 8.247   -11.109 -10.004 1.00  27.34 ? 238 HOH A O   1 
HETATM 975  O  O   . HOH C 3 .   ? 11.088  -13.265 -4.660  1.00  39.28 ? 239 HOH A O   1 
HETATM 976  O  O   . HOH C 3 .   ? 13.772  -10.763 -7.842  1.00  32.67 ? 240 HOH A O   1 
HETATM 977  O  O   . HOH C 3 .   ? -1.558  -14.279 9.843   1.00  40.01 ? 241 HOH A O   1 
HETATM 978  O  O   . HOH C 3 .   ? -15.457 -5.734  8.401   1.00  34.99 ? 242 HOH A O   1 
HETATM 979  O  O   . HOH C 3 .   ? 3.342   9.354   14.613  1.00  32.02 ? 243 HOH A O   1 
HETATM 980  O  O   . HOH C 3 .   ? 4.131   13.514  7.054   1.00  30.98 ? 244 HOH A O   1 
HETATM 981  O  O   . HOH C 3 .   ? 1.027   -6.543  -17.676 1.00  25.78 ? 245 HOH A O   1 
HETATM 982  O  O   . HOH C 3 .   ? -0.065  -9.319  -15.981 1.00  27.68 ? 246 HOH A O   1 
HETATM 983  O  O   . HOH C 3 .   ? 9.116   15.810  -10.389 1.00  28.10 ? 247 HOH A O   1 
HETATM 984  O  O   . HOH C 3 .   ? 11.998  -5.528  5.324   1.00  30.69 ? 248 HOH A O   1 
HETATM 985  O  O   . HOH C 3 .   ? -7.400  -9.045  12.917  1.00  33.03 ? 249 HOH A O   1 
HETATM 986  O  O   . HOH C 3 .   ? 13.301  7.661   1.248   1.00  37.44 ? 250 HOH A O   1 
HETATM 987  O  O   . HOH C 3 .   ? 5.846   7.768   13.581  1.00  29.22 ? 251 HOH A O   1 
HETATM 988  O  O   . HOH C 3 .   ? -6.047  -14.730 -4.232  1.00  31.18 ? 252 HOH A O   1 
HETATM 989  O  O   . HOH C 3 .   ? 8.397   7.655   4.499   1.00  31.13 ? 253 HOH A O   1 
HETATM 990  O  O   . HOH C 3 .   ? 2.237   6.635   -14.961 0.88  28.78 ? 254 HOH A O   1 
HETATM 991  O  O   . HOH C 3 .   ? 8.701   9.229   -11.779 1.00  31.90 ? 255 HOH A O   1 
HETATM 992  O  O   . HOH C 3 .   ? 8.910   -4.006  11.975  1.00  35.06 ? 256 HOH A O   1 
HETATM 993  O  O   . HOH C 3 .   ? -14.016 -3.466  3.247   1.00  30.56 ? 257 HOH A O   1 
HETATM 994  O  O   . HOH C 3 .   ? -13.773 -4.729  5.503   1.00  27.47 ? 258 HOH A O   1 
HETATM 995  O  O   . HOH C 3 .   ? 9.752   15.914  -7.774  1.00  31.92 ? 259 HOH A O   1 
HETATM 996  O  O   . HOH C 3 .   ? 6.545   10.466  -11.004 1.00  32.49 ? 260 HOH A O   1 
HETATM 997  O  O   . HOH C 3 .   ? 9.434   8.501   1.764   1.00  38.99 ? 261 HOH A O   1 
HETATM 998  O  O   . HOH C 3 .   ? 14.753  0.738   -4.299  1.00  30.24 ? 262 HOH A O   1 
HETATM 999  O  O   . HOH C 3 .   ? -1.544  -8.509  13.125  1.00  31.20 ? 263 HOH A O   1 
HETATM 1000 O  O   . HOH C 3 .   ? -1.335  4.445   -12.898 1.00  28.07 ? 264 HOH A O   1 
# 
